data_2MBF
#
_entry.id   2MBF
#
_entity_poly.entity_id   1
_entity_poly.type   'polypeptide(L)'
_entity_poly.pdbx_seq_one_letter_code
;NPWGAESYSDLIAKALKSTFDGRMRLNEIYNWFASNVPYFGNRTSQEQSAGWKNSIRHNLSLHSRFMRIQNEGAGKSSWW
VINPDAKPGRNPRRQRSATLE
;
_entity_poly.pdbx_strand_id   A
#
# COMPACT_ATOMS: atom_id res chain seq x y z
N ASN A 1 1.60 5.28 14.99
CA ASN A 1 1.86 5.39 13.56
C ASN A 1 2.61 6.68 13.30
N PRO A 2 3.58 6.68 12.37
CA PRO A 2 4.46 7.85 12.12
C PRO A 2 3.73 9.07 11.53
N TRP A 3 2.63 8.84 10.83
CA TRP A 3 1.88 9.91 10.20
C TRP A 3 0.79 10.49 11.10
N GLY A 4 0.22 9.66 11.97
CA GLY A 4 -0.86 10.10 12.81
C GLY A 4 -1.63 8.94 13.37
N ALA A 5 -2.95 9.07 13.42
CA ALA A 5 -3.79 8.04 14.01
C ALA A 5 -4.46 7.18 12.95
N GLU A 6 -4.31 7.58 11.70
CA GLU A 6 -4.83 6.81 10.58
C GLU A 6 -4.10 5.49 10.55
N SER A 7 -4.71 4.47 10.05
CA SER A 7 -4.04 3.20 10.04
C SER A 7 -3.32 3.06 8.73
N TYR A 8 -2.36 2.14 8.70
CA TYR A 8 -1.63 1.83 7.50
C TYR A 8 -2.60 1.52 6.40
N SER A 9 -3.41 0.51 6.62
CA SER A 9 -4.38 0.08 5.63
C SER A 9 -5.34 1.23 5.20
N ASP A 10 -5.61 2.20 6.12
CA ASP A 10 -6.43 3.36 5.75
C ASP A 10 -5.74 4.15 4.67
N LEU A 11 -4.49 4.49 4.91
CA LEU A 11 -3.73 5.28 3.97
C LEU A 11 -3.27 4.45 2.76
N ILE A 12 -2.91 3.19 2.99
CA ILE A 12 -2.50 2.28 1.91
C ILE A 12 -3.61 2.18 0.89
N ALA A 13 -4.83 1.98 1.38
CA ALA A 13 -5.98 1.89 0.52
C ALA A 13 -6.18 3.20 -0.23
N LYS A 14 -5.98 4.36 0.45
CA LYS A 14 -6.10 5.66 -0.23
C LYS A 14 -5.11 5.78 -1.36
N ALA A 15 -3.90 5.32 -1.12
CA ALA A 15 -2.86 5.35 -2.11
C ALA A 15 -3.25 4.49 -3.26
N LEU A 16 -3.59 3.26 -2.94
CA LEU A 16 -3.97 2.25 -3.91
C LEU A 16 -5.17 2.77 -4.73
N LYS A 17 -6.05 3.48 -4.03
CA LYS A 17 -7.24 4.10 -4.62
C LYS A 17 -6.96 5.02 -5.80
N SER A 18 -5.74 5.50 -5.91
CA SER A 18 -5.37 6.40 -6.99
C SER A 18 -5.33 5.67 -8.36
N THR A 19 -5.29 4.33 -8.34
CA THR A 19 -5.20 3.51 -9.55
C THR A 19 -5.64 2.06 -9.19
N PHE A 20 -6.60 2.00 -8.30
CA PHE A 20 -7.07 0.78 -7.62
C PHE A 20 -7.61 -0.26 -8.59
N ASP A 21 -8.03 0.20 -9.73
CA ASP A 21 -8.72 -0.69 -10.67
C ASP A 21 -7.73 -1.50 -11.48
N GLY A 22 -6.48 -1.12 -11.40
CA GLY A 22 -5.46 -1.82 -12.10
C GLY A 22 -4.40 -2.32 -11.17
N ARG A 23 -3.41 -1.50 -10.92
CA ARG A 23 -2.33 -1.85 -10.03
C ARG A 23 -1.63 -0.61 -9.57
N MET A 24 -1.02 -0.65 -8.42
CA MET A 24 -0.20 0.44 -8.00
C MET A 24 1.12 -0.12 -7.71
N ARG A 25 2.15 0.54 -8.08
CA ARG A 25 3.44 0.05 -7.81
C ARG A 25 3.79 0.34 -6.39
N LEU A 26 4.50 -0.56 -5.80
CA LEU A 26 4.87 -0.48 -4.41
C LEU A 26 5.65 0.80 -4.11
N ASN A 27 6.48 1.21 -5.05
CA ASN A 27 7.20 2.47 -4.92
C ASN A 27 6.26 3.67 -5.06
N GLU A 28 5.24 3.54 -5.89
CA GLU A 28 4.24 4.62 -6.05
C GLU A 28 3.52 4.84 -4.75
N ILE A 29 3.18 3.74 -4.08
CA ILE A 29 2.58 3.78 -2.74
C ILE A 29 3.44 4.60 -1.79
N TYR A 30 4.74 4.32 -1.76
CA TYR A 30 5.66 5.08 -0.91
C TYR A 30 5.66 6.55 -1.32
N ASN A 31 5.68 6.79 -2.60
CA ASN A 31 5.66 8.15 -3.16
C ASN A 31 4.39 8.88 -2.80
N TRP A 32 3.28 8.14 -2.74
CA TRP A 32 1.99 8.69 -2.35
C TRP A 32 2.09 9.29 -0.97
N PHE A 33 2.63 8.50 -0.03
CA PHE A 33 2.81 8.95 1.35
C PHE A 33 3.73 10.14 1.41
N ALA A 34 4.83 10.07 0.71
CA ALA A 34 5.82 11.14 0.72
C ALA A 34 5.23 12.45 0.17
N SER A 35 4.38 12.32 -0.81
CA SER A 35 3.74 13.46 -1.43
C SER A 35 2.56 13.99 -0.58
N ASN A 36 1.70 13.09 -0.08
CA ASN A 36 0.48 13.52 0.62
C ASN A 36 0.67 13.71 2.11
N VAL A 37 1.69 13.12 2.67
CA VAL A 37 1.99 13.26 4.08
C VAL A 37 3.31 14.00 4.25
N PRO A 38 3.26 15.21 4.83
CA PRO A 38 4.43 16.06 5.05
C PRO A 38 5.59 15.34 5.76
N TYR A 39 5.25 14.49 6.74
CA TYR A 39 6.24 13.76 7.50
C TYR A 39 7.09 12.87 6.58
N PHE A 40 6.44 12.24 5.63
CA PHE A 40 7.11 11.37 4.69
C PHE A 40 7.85 12.13 3.64
N GLY A 41 7.40 13.33 3.34
CA GLY A 41 8.13 14.18 2.41
C GLY A 41 9.52 14.52 2.96
N ASN A 42 9.66 14.37 4.27
CA ASN A 42 10.91 14.59 4.95
C ASN A 42 11.72 13.29 4.96
N ARG A 43 11.09 12.19 4.59
CA ARG A 43 11.75 10.90 4.57
C ARG A 43 11.71 10.27 3.20
N THR A 44 12.52 10.73 2.30
CA THR A 44 12.52 10.22 0.94
C THR A 44 13.85 9.54 0.56
N SER A 45 14.89 9.81 1.33
CA SER A 45 16.20 9.23 1.07
C SER A 45 16.17 7.75 1.49
N GLN A 46 17.22 7.01 1.11
CA GLN A 46 17.27 5.56 1.34
C GLN A 46 17.10 5.19 2.81
N GLU A 47 17.90 5.78 3.68
CA GLU A 47 17.81 5.44 5.09
C GLU A 47 16.66 6.16 5.75
N GLN A 48 16.27 7.27 5.18
CA GLN A 48 15.14 8.03 5.68
C GLN A 48 13.83 7.29 5.50
N SER A 49 13.69 6.61 4.39
CA SER A 49 12.44 5.99 4.09
C SER A 49 12.39 4.49 4.43
N ALA A 50 13.55 3.85 4.48
CA ALA A 50 13.64 2.40 4.67
C ALA A 50 12.82 1.87 5.84
N GLY A 51 12.86 2.56 6.95
CA GLY A 51 12.13 2.11 8.12
C GLY A 51 10.64 2.15 7.96
N TRP A 52 10.12 3.24 7.41
CA TRP A 52 8.69 3.32 7.27
C TRP A 52 8.22 2.42 6.12
N LYS A 53 9.12 2.18 5.15
CA LYS A 53 8.86 1.19 4.12
C LYS A 53 8.75 -0.18 4.74
N ASN A 54 9.65 -0.47 5.71
CA ASN A 54 9.60 -1.75 6.43
C ASN A 54 8.29 -1.89 7.19
N SER A 55 7.76 -0.79 7.66
CA SER A 55 6.50 -0.79 8.39
C SER A 55 5.34 -1.17 7.44
N ILE A 56 5.31 -0.53 6.27
CA ILE A 56 4.31 -0.84 5.24
C ILE A 56 4.49 -2.29 4.79
N ARG A 57 5.72 -2.68 4.50
CA ARG A 57 6.06 -4.05 4.09
C ARG A 57 5.70 -5.07 5.15
N HIS A 58 5.87 -4.71 6.42
CA HIS A 58 5.53 -5.59 7.53
C HIS A 58 4.04 -5.90 7.49
N ASN A 59 3.24 -4.88 7.34
CA ASN A 59 1.80 -5.03 7.27
C ASN A 59 1.34 -5.71 5.98
N LEU A 60 2.02 -5.40 4.88
CA LEU A 60 1.74 -6.05 3.59
C LEU A 60 2.00 -7.55 3.64
N SER A 61 2.91 -7.96 4.50
CA SER A 61 3.25 -9.36 4.64
C SER A 61 2.46 -10.03 5.80
N LEU A 62 1.68 -9.25 6.53
CA LEU A 62 0.86 -9.79 7.60
C LEU A 62 -0.56 -9.99 7.13
N HIS A 63 -1.08 -9.00 6.44
CA HIS A 63 -2.45 -9.05 6.00
C HIS A 63 -2.56 -9.66 4.64
N SER A 64 -3.27 -10.76 4.57
CA SER A 64 -3.46 -11.50 3.33
C SER A 64 -4.46 -10.76 2.43
N ARG A 65 -5.01 -9.66 2.93
CA ARG A 65 -5.93 -8.83 2.18
C ARG A 65 -5.17 -8.09 1.10
N PHE A 66 -3.88 -7.98 1.28
CA PHE A 66 -3.03 -7.37 0.32
C PHE A 66 -2.40 -8.50 -0.48
N MET A 67 -2.40 -8.39 -1.77
CA MET A 67 -1.87 -9.47 -2.58
C MET A 67 -1.13 -8.92 -3.78
N ARG A 68 -0.14 -9.64 -4.23
CA ARG A 68 0.67 -9.18 -5.34
C ARG A 68 0.12 -9.67 -6.62
N ILE A 69 0.13 -8.81 -7.58
CA ILE A 69 -0.38 -9.12 -8.86
C ILE A 69 0.78 -9.61 -9.72
N GLN A 70 0.55 -10.67 -10.44
CA GLN A 70 1.59 -11.29 -11.20
C GLN A 70 1.91 -10.46 -12.41
N ASN A 71 3.17 -10.20 -12.57
CA ASN A 71 3.69 -9.56 -13.73
C ASN A 71 4.94 -10.29 -14.08
N GLU A 72 5.17 -10.53 -15.32
CA GLU A 72 6.35 -11.25 -15.70
C GLU A 72 7.50 -10.25 -15.82
N GLY A 73 8.27 -10.16 -14.77
CA GLY A 73 9.37 -9.24 -14.72
C GLY A 73 10.06 -9.37 -13.40
N ALA A 74 11.36 -9.48 -13.44
CA ALA A 74 12.15 -9.67 -12.24
C ALA A 74 12.68 -8.32 -11.71
N GLY A 75 13.32 -8.37 -10.55
CA GLY A 75 13.88 -7.18 -9.96
C GLY A 75 13.00 -6.64 -8.86
N LYS A 76 13.07 -5.34 -8.64
CA LYS A 76 12.28 -4.68 -7.60
C LYS A 76 10.98 -4.16 -8.16
N SER A 77 10.82 -4.30 -9.47
CA SER A 77 9.61 -3.85 -10.12
C SER A 77 8.45 -4.80 -9.83
N SER A 78 7.92 -4.69 -8.64
CA SER A 78 6.80 -5.44 -8.22
C SER A 78 5.65 -4.51 -7.90
N TRP A 79 4.47 -4.99 -8.10
CA TRP A 79 3.29 -4.25 -7.82
C TRP A 79 2.23 -5.14 -7.25
N TRP A 80 1.41 -4.59 -6.41
CA TRP A 80 0.44 -5.38 -5.72
C TRP A 80 -0.90 -4.64 -5.70
N VAL A 81 -1.95 -5.35 -5.35
CA VAL A 81 -3.30 -4.80 -5.29
C VAL A 81 -4.03 -5.36 -4.09
N ILE A 82 -5.07 -4.71 -3.66
CA ILE A 82 -5.84 -5.20 -2.57
C ILE A 82 -6.80 -6.24 -3.10
N ASN A 83 -6.93 -7.32 -2.38
CA ASN A 83 -7.74 -8.45 -2.78
C ASN A 83 -9.21 -8.05 -2.83
N PRO A 84 -9.83 -8.19 -4.02
CA PRO A 84 -11.22 -7.79 -4.27
C PRO A 84 -12.20 -8.54 -3.39
N ASP A 85 -11.80 -9.71 -2.95
CA ASP A 85 -12.64 -10.55 -2.12
C ASP A 85 -12.48 -10.18 -0.65
N ALA A 86 -11.59 -9.25 -0.38
CA ALA A 86 -11.32 -8.83 0.99
C ALA A 86 -11.57 -7.34 1.16
N LYS A 87 -12.23 -6.74 0.20
CA LYS A 87 -12.57 -5.34 0.27
C LYS A 87 -14.07 -5.17 -0.01
N PRO A 88 -14.72 -4.19 0.63
CA PRO A 88 -16.18 -4.01 0.50
C PRO A 88 -16.58 -3.42 -0.84
N GLY A 89 -17.87 -3.40 -1.08
CA GLY A 89 -18.38 -2.82 -2.29
C GLY A 89 -18.83 -3.85 -3.27
N ARG A 90 -18.07 -4.92 -3.38
CA ARG A 90 -18.38 -5.98 -4.31
C ARG A 90 -18.08 -7.32 -3.66
N ASN A 91 -19.09 -8.09 -3.40
CA ASN A 91 -18.90 -9.42 -2.84
C ASN A 91 -18.82 -10.42 -3.98
N PRO A 92 -17.97 -11.47 -3.85
CA PRO A 92 -17.84 -12.50 -4.88
C PRO A 92 -19.18 -13.16 -5.22
N ARG A 93 -19.39 -13.44 -6.49
CA ARG A 93 -20.63 -14.04 -6.98
C ARG A 93 -20.79 -15.43 -6.41
N ARG A 94 -19.71 -16.16 -6.38
CA ARG A 94 -19.71 -17.46 -5.78
C ARG A 94 -19.08 -17.35 -4.41
N GLN A 95 -19.72 -17.92 -3.44
CA GLN A 95 -19.24 -17.83 -2.08
C GLN A 95 -18.15 -18.83 -1.81
N ARG A 96 -16.95 -18.30 -1.70
CA ARG A 96 -15.78 -19.07 -1.38
C ARG A 96 -15.83 -19.38 0.09
N SER A 97 -16.31 -18.42 0.83
CA SER A 97 -16.55 -18.56 2.21
C SER A 97 -18.06 -18.67 2.40
N ALA A 98 -18.57 -19.87 2.26
CA ALA A 98 -20.00 -20.11 2.31
C ALA A 98 -20.38 -20.80 3.58
N THR A 99 -19.39 -21.31 4.29
CA THR A 99 -19.56 -22.07 5.51
C THR A 99 -20.27 -23.40 5.19
N LEU A 100 -19.48 -24.43 4.93
CA LEU A 100 -20.02 -25.73 4.60
C LEU A 100 -20.45 -26.46 5.84
N GLU A 101 -21.74 -26.59 5.99
CA GLU A 101 -22.32 -27.28 7.10
C GLU A 101 -23.29 -28.30 6.56
N ASN A 1 1.30 5.37 14.88
CA ASN A 1 1.67 5.33 13.46
C ASN A 1 2.42 6.60 13.13
N PRO A 2 3.42 6.53 12.21
CA PRO A 2 4.30 7.68 11.89
C PRO A 2 3.54 8.97 11.51
N TRP A 3 2.48 8.83 10.76
CA TRP A 3 1.69 9.96 10.30
C TRP A 3 0.71 10.44 11.38
N GLY A 4 0.19 9.52 12.17
CA GLY A 4 -0.80 9.86 13.16
C GLY A 4 -1.59 8.66 13.62
N ALA A 5 -2.90 8.78 13.63
CA ALA A 5 -3.79 7.74 14.16
C ALA A 5 -4.43 6.87 13.08
N GLU A 6 -4.36 7.27 11.82
CA GLU A 6 -4.88 6.42 10.73
C GLU A 6 -4.07 5.14 10.67
N SER A 7 -4.59 4.13 10.08
CA SER A 7 -3.89 2.89 10.02
C SER A 7 -3.14 2.83 8.72
N TYR A 8 -2.17 1.93 8.64
CA TYR A 8 -1.40 1.74 7.43
C TYR A 8 -2.31 1.43 6.31
N SER A 9 -3.06 0.36 6.46
CA SER A 9 -3.98 -0.09 5.45
C SER A 9 -4.97 1.00 5.04
N ASP A 10 -5.31 1.93 5.96
CA ASP A 10 -6.17 3.07 5.62
C ASP A 10 -5.49 3.97 4.62
N LEU A 11 -4.28 4.37 4.91
CA LEU A 11 -3.55 5.22 3.99
C LEU A 11 -3.07 4.46 2.75
N ILE A 12 -2.71 3.19 2.94
CA ILE A 12 -2.28 2.34 1.83
C ILE A 12 -3.42 2.21 0.85
N ALA A 13 -4.62 2.02 1.37
CA ALA A 13 -5.79 1.93 0.54
C ALA A 13 -6.00 3.22 -0.21
N LYS A 14 -5.74 4.38 0.45
CA LYS A 14 -5.86 5.70 -0.24
C LYS A 14 -4.88 5.80 -1.38
N ALA A 15 -3.68 5.29 -1.17
CA ALA A 15 -2.65 5.31 -2.18
C ALA A 15 -3.06 4.45 -3.33
N LEU A 16 -3.40 3.23 -3.00
CA LEU A 16 -3.81 2.20 -3.96
C LEU A 16 -5.00 2.73 -4.75
N LYS A 17 -5.87 3.43 -4.02
CA LYS A 17 -7.06 4.03 -4.50
C LYS A 17 -6.87 5.00 -5.66
N SER A 18 -5.69 5.56 -5.78
CA SER A 18 -5.42 6.51 -6.86
C SER A 18 -5.38 5.80 -8.25
N THR A 19 -5.43 4.47 -8.20
CA THR A 19 -5.44 3.61 -9.37
C THR A 19 -6.03 2.25 -8.90
N PHE A 20 -7.02 2.36 -8.01
CA PHE A 20 -7.62 1.25 -7.24
C PHE A 20 -8.10 0.10 -8.11
N ASP A 21 -8.49 0.42 -9.32
CA ASP A 21 -9.08 -0.56 -10.22
C ASP A 21 -8.04 -1.16 -11.13
N GLY A 22 -6.83 -0.70 -10.98
CA GLY A 22 -5.75 -1.23 -11.71
C GLY A 22 -4.81 -1.94 -10.79
N ARG A 23 -3.66 -1.37 -10.61
CA ARG A 23 -2.63 -1.93 -9.77
C ARG A 23 -1.66 -0.85 -9.36
N MET A 24 -1.05 -0.97 -8.23
CA MET A 24 -0.11 0.05 -7.85
C MET A 24 1.19 -0.61 -7.50
N ARG A 25 2.26 0.00 -7.93
CA ARG A 25 3.54 -0.52 -7.63
C ARG A 25 3.94 -0.17 -6.24
N LEU A 26 4.66 -1.06 -5.63
CA LEU A 26 5.08 -0.95 -4.25
C LEU A 26 5.86 0.33 -4.00
N ASN A 27 6.74 0.68 -4.93
CA ASN A 27 7.49 1.93 -4.82
C ASN A 27 6.61 3.14 -4.98
N GLU A 28 5.60 3.04 -5.82
CA GLU A 28 4.72 4.17 -6.09
C GLU A 28 3.80 4.47 -4.93
N ILE A 29 3.41 3.43 -4.21
CA ILE A 29 2.69 3.60 -2.94
C ILE A 29 3.53 4.44 -1.98
N TYR A 30 4.81 4.11 -1.86
CA TYR A 30 5.71 4.88 -1.01
C TYR A 30 5.78 6.34 -1.48
N ASN A 31 5.79 6.53 -2.79
CA ASN A 31 5.82 7.88 -3.39
C ASN A 31 4.59 8.67 -2.98
N TRP A 32 3.43 7.99 -2.92
CA TRP A 32 2.16 8.60 -2.54
C TRP A 32 2.27 9.20 -1.16
N PHE A 33 2.73 8.39 -0.22
CA PHE A 33 2.89 8.82 1.17
C PHE A 33 3.80 10.01 1.30
N ALA A 34 4.90 9.96 0.59
CA ALA A 34 5.88 11.05 0.66
C ALA A 34 5.29 12.36 0.16
N SER A 35 4.50 12.29 -0.89
CA SER A 35 3.91 13.47 -1.44
C SER A 35 2.67 13.94 -0.63
N ASN A 36 1.83 12.99 -0.22
CA ASN A 36 0.55 13.35 0.42
C ASN A 36 0.64 13.47 1.92
N VAL A 37 1.73 13.06 2.49
CA VAL A 37 1.93 13.17 3.92
C VAL A 37 3.22 13.94 4.18
N PRO A 38 3.10 15.16 4.75
CA PRO A 38 4.23 16.04 5.03
C PRO A 38 5.34 15.35 5.84
N TYR A 39 4.96 14.44 6.72
CA TYR A 39 5.89 13.68 7.53
C TYR A 39 6.80 12.84 6.63
N PHE A 40 6.21 12.20 5.62
CA PHE A 40 6.96 11.38 4.71
C PHE A 40 7.72 12.17 3.69
N GLY A 41 7.22 13.35 3.36
CA GLY A 41 7.93 14.26 2.47
C GLY A 41 9.23 14.74 3.13
N ASN A 42 9.27 14.56 4.43
CA ASN A 42 10.39 14.86 5.25
C ASN A 42 11.30 13.60 5.41
N ARG A 43 10.76 12.45 5.04
CA ARG A 43 11.49 11.19 5.08
C ARG A 43 11.52 10.50 3.72
N THR A 44 11.87 11.23 2.69
CA THR A 44 11.90 10.70 1.38
C THR A 44 13.33 10.23 0.97
N SER A 45 14.31 10.45 1.83
CA SER A 45 15.67 10.08 1.52
C SER A 45 15.81 8.57 1.79
N GLN A 46 16.77 7.91 1.16
CA GLN A 46 16.89 6.43 1.24
C GLN A 46 16.87 5.87 2.67
N GLU A 47 17.72 6.37 3.53
CA GLU A 47 17.78 5.86 4.90
C GLU A 47 16.61 6.38 5.71
N GLN A 48 16.12 7.54 5.32
CA GLN A 48 15.04 8.20 6.01
C GLN A 48 13.71 7.60 5.68
N SER A 49 13.65 6.90 4.58
CA SER A 49 12.43 6.35 4.10
C SER A 49 12.33 4.84 4.36
N ALA A 50 13.48 4.17 4.36
CA ALA A 50 13.54 2.71 4.50
C ALA A 50 12.83 2.19 5.75
N GLY A 51 12.84 2.99 6.80
CA GLY A 51 12.20 2.59 8.02
C GLY A 51 10.69 2.55 7.92
N TRP A 52 10.10 3.62 7.38
CA TRP A 52 8.67 3.63 7.24
C TRP A 52 8.21 2.70 6.12
N LYS A 53 9.06 2.50 5.11
CA LYS A 53 8.81 1.51 4.09
C LYS A 53 8.75 0.14 4.72
N ASN A 54 9.65 -0.10 5.70
CA ASN A 54 9.72 -1.39 6.40
C ASN A 54 8.41 -1.65 7.14
N SER A 55 7.77 -0.59 7.57
CA SER A 55 6.53 -0.68 8.29
C SER A 55 5.37 -1.08 7.35
N ILE A 56 5.26 -0.40 6.22
CA ILE A 56 4.21 -0.68 5.21
C ILE A 56 4.38 -2.09 4.63
N ARG A 57 5.58 -2.36 4.14
CA ARG A 57 5.90 -3.58 3.45
C ARG A 57 5.64 -4.79 4.37
N HIS A 58 6.01 -4.66 5.64
CA HIS A 58 5.82 -5.73 6.63
C HIS A 58 4.33 -6.07 6.74
N ASN A 59 3.51 -5.06 6.93
CA ASN A 59 2.05 -5.24 7.06
C ASN A 59 1.42 -5.84 5.82
N LEU A 60 1.93 -5.48 4.66
CA LEU A 60 1.46 -6.05 3.39
C LEU A 60 1.70 -7.55 3.33
N SER A 61 2.84 -7.97 3.80
CA SER A 61 3.23 -9.36 3.77
C SER A 61 2.57 -10.18 4.92
N LEU A 62 1.87 -9.50 5.81
CA LEU A 62 1.24 -10.16 6.96
C LEU A 62 -0.25 -10.40 6.73
N HIS A 63 -0.91 -9.48 6.07
CA HIS A 63 -2.35 -9.55 5.93
C HIS A 63 -2.76 -10.18 4.62
N SER A 64 -3.68 -11.12 4.71
CA SER A 64 -4.15 -11.89 3.56
C SER A 64 -5.12 -11.11 2.68
N ARG A 65 -5.30 -9.83 2.97
CA ARG A 65 -6.19 -9.00 2.17
C ARG A 65 -5.36 -8.27 1.09
N PHE A 66 -4.11 -8.60 1.02
CA PHE A 66 -3.29 -8.01 0.00
C PHE A 66 -2.48 -9.13 -0.62
N MET A 67 -2.42 -9.17 -1.91
CA MET A 67 -1.67 -10.20 -2.58
C MET A 67 -0.69 -9.64 -3.53
N ARG A 68 0.48 -10.21 -3.50
CA ARG A 68 1.56 -9.77 -4.34
C ARG A 68 1.67 -10.67 -5.54
N ILE A 69 1.96 -10.09 -6.65
CA ILE A 69 2.18 -10.79 -7.85
C ILE A 69 3.65 -10.71 -8.16
N GLN A 70 4.24 -11.83 -8.47
CA GLN A 70 5.64 -11.88 -8.75
C GLN A 70 5.93 -11.34 -10.14
N ASN A 71 6.80 -10.36 -10.20
CA ASN A 71 7.17 -9.74 -11.45
C ASN A 71 8.29 -10.51 -12.09
N GLU A 72 8.23 -10.65 -13.38
CA GLU A 72 9.21 -11.36 -14.13
C GLU A 72 9.80 -10.48 -15.22
N GLY A 73 9.43 -9.21 -15.21
CA GLY A 73 9.92 -8.28 -16.20
C GLY A 73 11.31 -7.79 -15.86
N ALA A 74 11.93 -7.10 -16.80
CA ALA A 74 13.27 -6.57 -16.60
C ALA A 74 13.26 -5.46 -15.56
N GLY A 75 14.32 -5.38 -14.80
CA GLY A 75 14.39 -4.41 -13.74
C GLY A 75 13.71 -4.95 -12.53
N LYS A 76 12.59 -4.38 -12.17
CA LYS A 76 11.84 -4.93 -11.08
C LYS A 76 10.36 -4.68 -11.33
N SER A 77 9.90 -3.50 -10.93
CA SER A 77 8.52 -3.10 -11.06
C SER A 77 7.61 -4.10 -10.30
N SER A 78 7.58 -3.96 -9.00
CA SER A 78 6.83 -4.84 -8.14
C SER A 78 5.49 -4.23 -7.82
N TRP A 79 4.44 -5.00 -7.98
CA TRP A 79 3.13 -4.55 -7.71
C TRP A 79 2.34 -5.55 -6.92
N TRP A 80 1.41 -5.06 -6.17
CA TRP A 80 0.52 -5.86 -5.41
C TRP A 80 -0.86 -5.22 -5.50
N VAL A 81 -1.88 -5.94 -5.18
CA VAL A 81 -3.25 -5.43 -5.25
C VAL A 81 -4.04 -5.90 -4.07
N ILE A 82 -5.14 -5.23 -3.81
CA ILE A 82 -6.01 -5.65 -2.76
C ILE A 82 -6.85 -6.74 -3.36
N ASN A 83 -6.68 -7.91 -2.82
CA ASN A 83 -7.18 -9.11 -3.40
C ASN A 83 -8.69 -9.20 -3.39
N PRO A 84 -9.30 -9.50 -4.55
CA PRO A 84 -10.75 -9.62 -4.69
C PRO A 84 -11.29 -10.79 -3.86
N ASP A 85 -10.39 -11.70 -3.52
CA ASP A 85 -10.70 -12.89 -2.79
C ASP A 85 -10.88 -12.61 -1.30
N ALA A 86 -10.38 -11.48 -0.84
CA ALA A 86 -10.41 -11.21 0.59
C ALA A 86 -10.94 -9.84 0.92
N LYS A 87 -11.51 -9.15 -0.03
CA LYS A 87 -12.03 -7.86 0.25
C LYS A 87 -13.51 -7.89 0.63
N PRO A 88 -13.87 -7.23 1.74
CA PRO A 88 -15.24 -7.18 2.24
C PRO A 88 -16.13 -6.27 1.41
N GLY A 89 -17.40 -6.34 1.67
CA GLY A 89 -18.38 -5.55 0.96
C GLY A 89 -19.61 -6.37 0.74
N ARG A 90 -19.53 -7.27 -0.19
CA ARG A 90 -20.60 -8.21 -0.46
C ARG A 90 -20.01 -9.59 -0.72
N ASN A 91 -18.72 -9.73 -0.47
CA ASN A 91 -18.03 -10.99 -0.67
C ASN A 91 -17.65 -11.62 0.65
N PRO A 92 -18.40 -12.61 1.11
CA PRO A 92 -18.07 -13.34 2.30
C PRO A 92 -17.15 -14.51 1.95
N ARG A 93 -15.88 -14.36 2.23
CA ARG A 93 -14.93 -15.39 1.88
C ARG A 93 -14.95 -16.50 2.91
N ARG A 94 -15.21 -16.11 4.18
CA ARG A 94 -15.29 -17.03 5.30
C ARG A 94 -13.91 -17.57 5.70
N GLN A 95 -13.76 -17.87 6.99
CA GLN A 95 -12.52 -18.37 7.59
C GLN A 95 -11.44 -17.28 7.64
N ARG A 96 -11.13 -16.88 8.84
CA ARG A 96 -10.06 -15.96 9.10
C ARG A 96 -9.42 -16.28 10.44
N SER A 97 -8.57 -17.28 10.41
CA SER A 97 -7.91 -17.72 11.60
C SER A 97 -6.62 -16.93 11.84
N ALA A 98 -6.75 -15.94 12.67
CA ALA A 98 -5.67 -15.09 13.08
C ALA A 98 -6.06 -14.50 14.40
N THR A 99 -5.54 -15.09 15.49
CA THR A 99 -5.93 -14.75 16.85
C THR A 99 -7.35 -15.35 17.13
N LEU A 100 -7.73 -15.57 18.40
CA LEU A 100 -9.05 -16.15 18.71
C LEU A 100 -10.15 -15.29 18.09
N GLU A 101 -10.04 -14.00 18.27
CA GLU A 101 -10.98 -13.08 17.68
C GLU A 101 -10.21 -11.92 17.07
N ASN A 1 0.39 6.17 14.79
CA ASN A 1 1.04 5.95 13.49
C ASN A 1 1.93 7.13 13.17
N PRO A 2 3.00 6.94 12.34
CA PRO A 2 3.99 8.00 12.04
C PRO A 2 3.36 9.25 11.39
N TRP A 3 2.27 9.06 10.71
CA TRP A 3 1.58 10.14 10.01
C TRP A 3 0.41 10.71 10.82
N GLY A 4 -0.12 9.93 11.75
CA GLY A 4 -1.28 10.35 12.48
C GLY A 4 -1.99 9.17 13.15
N ALA A 5 -3.30 9.09 12.94
CA ALA A 5 -4.13 8.11 13.60
C ALA A 5 -4.54 6.94 12.70
N GLU A 6 -4.82 7.22 11.41
CA GLU A 6 -5.23 6.15 10.47
C GLU A 6 -4.16 5.09 10.36
N SER A 7 -4.52 3.90 10.00
CA SER A 7 -3.56 2.83 9.97
C SER A 7 -2.88 2.75 8.63
N TYR A 8 -1.82 1.95 8.57
CA TYR A 8 -1.09 1.72 7.34
C TYR A 8 -2.01 1.29 6.26
N SER A 9 -2.64 0.15 6.45
CA SER A 9 -3.55 -0.39 5.46
C SER A 9 -4.68 0.60 5.07
N ASP A 10 -5.08 1.46 6.01
CA ASP A 10 -6.08 2.49 5.71
C ASP A 10 -5.55 3.48 4.69
N LEU A 11 -4.37 4.01 4.96
CA LEU A 11 -3.75 4.95 4.03
C LEU A 11 -3.21 4.27 2.78
N ILE A 12 -2.72 3.05 2.90
CA ILE A 12 -2.24 2.29 1.76
C ILE A 12 -3.37 2.13 0.76
N ALA A 13 -4.57 1.91 1.29
CA ALA A 13 -5.77 1.84 0.48
C ALA A 13 -5.93 3.12 -0.33
N LYS A 14 -5.62 4.27 0.27
CA LYS A 14 -5.73 5.56 -0.43
C LYS A 14 -4.71 5.64 -1.55
N ALA A 15 -3.52 5.11 -1.31
CA ALA A 15 -2.50 5.07 -2.35
C ALA A 15 -3.00 4.22 -3.50
N LEU A 16 -3.63 3.12 -3.16
CA LEU A 16 -4.28 2.28 -4.14
C LEU A 16 -5.40 3.00 -4.85
N LYS A 17 -6.16 3.82 -4.11
CA LYS A 17 -7.28 4.57 -4.66
C LYS A 17 -6.90 5.47 -5.85
N SER A 18 -5.61 5.81 -5.97
CA SER A 18 -5.15 6.70 -7.04
C SER A 18 -5.06 5.97 -8.43
N THR A 19 -5.28 4.64 -8.42
CA THR A 19 -5.23 3.80 -9.64
C THR A 19 -5.82 2.42 -9.26
N PHE A 20 -6.84 2.48 -8.43
CA PHE A 20 -7.43 1.33 -7.74
C PHE A 20 -7.93 0.25 -8.69
N ASP A 21 -8.21 0.66 -9.90
CA ASP A 21 -8.77 -0.25 -10.90
C ASP A 21 -7.68 -1.10 -11.53
N GLY A 22 -6.45 -0.75 -11.27
CA GLY A 22 -5.35 -1.49 -11.80
C GLY A 22 -4.48 -2.04 -10.70
N ARG A 23 -3.32 -1.46 -10.56
CA ARG A 23 -2.34 -1.88 -9.60
C ARG A 23 -1.52 -0.68 -9.17
N MET A 24 -0.98 -0.73 -7.97
CA MET A 24 -0.18 0.37 -7.50
C MET A 24 1.23 -0.09 -7.43
N ARG A 25 2.14 0.79 -7.73
CA ARG A 25 3.52 0.45 -7.70
C ARG A 25 3.95 0.59 -6.27
N LEU A 26 4.66 -0.37 -5.79
CA LEU A 26 5.08 -0.39 -4.41
C LEU A 26 5.93 0.82 -4.05
N ASN A 27 6.82 1.22 -4.96
CA ASN A 27 7.64 2.41 -4.75
C ASN A 27 6.80 3.68 -4.80
N GLU A 28 5.72 3.63 -5.58
CA GLU A 28 4.82 4.76 -5.72
C GLU A 28 3.93 4.90 -4.51
N ILE A 29 3.61 3.79 -3.88
CA ILE A 29 2.92 3.80 -2.59
C ILE A 29 3.75 4.57 -1.58
N TYR A 30 5.03 4.29 -1.55
CA TYR A 30 5.95 5.02 -0.67
C TYR A 30 5.98 6.50 -1.06
N ASN A 31 5.97 6.74 -2.34
CA ASN A 31 5.97 8.06 -2.90
C ASN A 31 4.65 8.78 -2.59
N TRP A 32 3.57 8.02 -2.48
CA TRP A 32 2.26 8.54 -2.17
C TRP A 32 2.28 9.18 -0.80
N PHE A 33 2.75 8.41 0.19
CA PHE A 33 2.85 8.91 1.56
C PHE A 33 3.78 10.10 1.62
N ALA A 34 4.84 10.05 0.85
CA ALA A 34 5.81 11.13 0.81
C ALA A 34 5.16 12.41 0.28
N SER A 35 4.37 12.26 -0.74
CA SER A 35 3.71 13.38 -1.38
C SER A 35 2.47 13.87 -0.59
N ASN A 36 1.62 12.94 -0.13
CA ASN A 36 0.37 13.35 0.55
C ASN A 36 0.59 13.63 2.03
N VAL A 37 1.69 13.17 2.57
CA VAL A 37 1.99 13.37 3.97
C VAL A 37 3.35 14.08 4.11
N PRO A 38 3.36 15.26 4.75
CA PRO A 38 4.57 16.09 4.88
C PRO A 38 5.65 15.43 5.74
N TYR A 39 5.24 14.55 6.63
CA TYR A 39 6.16 13.82 7.49
C TYR A 39 7.06 12.93 6.63
N PHE A 40 6.45 12.28 5.66
CA PHE A 40 7.14 11.39 4.77
C PHE A 40 7.93 12.09 3.71
N GLY A 41 7.51 13.27 3.32
CA GLY A 41 8.29 14.07 2.37
C GLY A 41 9.70 14.33 2.94
N ASN A 42 9.76 14.37 4.26
CA ASN A 42 10.97 14.55 4.99
C ASN A 42 11.72 13.20 5.16
N ARG A 43 11.05 12.11 4.86
CA ARG A 43 11.66 10.79 4.89
C ARG A 43 11.58 10.16 3.52
N THR A 44 12.32 10.72 2.59
CA THR A 44 12.27 10.26 1.22
C THR A 44 13.60 9.64 0.77
N SER A 45 14.65 9.83 1.56
CA SER A 45 15.94 9.28 1.22
C SER A 45 15.93 7.80 1.62
N GLN A 46 16.92 7.03 1.18
CA GLN A 46 16.90 5.57 1.38
C GLN A 46 16.82 5.15 2.84
N GLU A 47 17.69 5.67 3.68
CA GLU A 47 17.68 5.29 5.09
C GLU A 47 16.55 5.99 5.83
N GLN A 48 16.21 7.17 5.37
CA GLN A 48 15.12 7.95 5.93
C GLN A 48 13.76 7.29 5.70
N SER A 49 13.62 6.66 4.57
CA SER A 49 12.36 6.08 4.18
C SER A 49 12.28 4.57 4.49
N ALA A 50 13.44 3.90 4.54
CA ALA A 50 13.51 2.44 4.73
C ALA A 50 12.72 1.93 5.94
N GLY A 51 12.74 2.69 7.01
CA GLY A 51 12.06 2.28 8.22
C GLY A 51 10.57 2.23 8.09
N TRP A 52 9.98 3.29 7.59
CA TRP A 52 8.55 3.29 7.44
C TRP A 52 8.11 2.36 6.30
N LYS A 53 9.00 2.17 5.29
CA LYS A 53 8.78 1.15 4.25
C LYS A 53 8.69 -0.22 4.88
N ASN A 54 9.57 -0.46 5.86
CA ASN A 54 9.65 -1.74 6.54
C ASN A 54 8.31 -2.05 7.24
N SER A 55 7.73 -1.02 7.81
CA SER A 55 6.46 -1.15 8.49
C SER A 55 5.32 -1.43 7.48
N ILE A 56 5.35 -0.76 6.32
CA ILE A 56 4.37 -0.99 5.26
C ILE A 56 4.46 -2.43 4.77
N ARG A 57 5.68 -2.88 4.52
CA ARG A 57 5.94 -4.25 4.09
C ARG A 57 5.46 -5.28 5.10
N HIS A 58 5.54 -4.95 6.38
CA HIS A 58 5.01 -5.82 7.43
C HIS A 58 3.51 -5.98 7.29
N ASN A 59 2.81 -4.87 7.14
CA ASN A 59 1.34 -4.90 6.98
C ASN A 59 0.94 -5.61 5.70
N LEU A 60 1.77 -5.50 4.68
CA LEU A 60 1.54 -6.19 3.42
C LEU A 60 1.68 -7.70 3.58
N SER A 61 2.53 -8.12 4.49
CA SER A 61 2.75 -9.53 4.72
C SER A 61 1.72 -10.10 5.71
N LEU A 62 1.26 -9.27 6.63
CA LEU A 62 0.35 -9.71 7.68
C LEU A 62 -1.12 -9.71 7.26
N HIS A 63 -1.52 -8.72 6.47
CA HIS A 63 -2.92 -8.60 6.10
C HIS A 63 -3.28 -9.50 4.92
N SER A 64 -4.29 -10.32 5.13
CA SER A 64 -4.73 -11.34 4.16
C SER A 64 -5.36 -10.73 2.90
N ARG A 65 -5.66 -9.45 2.96
CA ARG A 65 -6.23 -8.69 1.83
C ARG A 65 -5.18 -8.37 0.77
N PHE A 66 -4.02 -8.92 0.92
CA PHE A 66 -2.93 -8.63 0.06
C PHE A 66 -2.78 -9.66 -1.05
N MET A 67 -2.60 -9.16 -2.25
CA MET A 67 -2.27 -9.94 -3.41
C MET A 67 -1.22 -9.22 -4.22
N ARG A 68 -0.13 -9.88 -4.48
CA ARG A 68 0.92 -9.30 -5.28
C ARG A 68 0.82 -9.86 -6.66
N ILE A 69 1.07 -9.06 -7.64
CA ILE A 69 0.99 -9.50 -8.97
C ILE A 69 2.39 -9.55 -9.51
N GLN A 70 2.72 -10.56 -10.28
CA GLN A 70 4.08 -10.70 -10.73
C GLN A 70 4.46 -9.57 -11.64
N ASN A 71 5.51 -8.91 -11.27
CA ASN A 71 6.04 -7.81 -11.99
C ASN A 71 7.24 -8.24 -12.78
N GLU A 72 7.35 -7.75 -13.98
CA GLU A 72 8.46 -8.08 -14.85
C GLU A 72 9.52 -7.01 -14.70
N GLY A 73 9.06 -5.86 -14.31
CA GLY A 73 9.91 -4.73 -14.12
C GLY A 73 9.78 -3.76 -15.26
N ALA A 74 8.57 -3.59 -15.76
CA ALA A 74 8.31 -2.64 -16.85
C ALA A 74 8.43 -1.19 -16.37
N GLY A 75 8.27 -0.99 -15.08
CA GLY A 75 8.40 0.31 -14.50
C GLY A 75 8.63 0.19 -13.02
N LYS A 76 9.37 1.14 -12.46
CA LYS A 76 9.70 1.17 -11.03
C LYS A 76 10.38 -0.12 -10.55
N SER A 77 9.59 -1.04 -10.00
CA SER A 77 10.09 -2.31 -9.49
C SER A 77 8.92 -3.32 -9.34
N SER A 78 8.23 -3.27 -8.20
CA SER A 78 7.15 -4.22 -7.94
C SER A 78 5.81 -3.48 -7.80
N TRP A 79 4.71 -4.22 -8.03
CA TRP A 79 3.38 -3.70 -7.91
C TRP A 79 2.45 -4.75 -7.36
N TRP A 80 1.47 -4.32 -6.61
CA TRP A 80 0.56 -5.23 -5.96
C TRP A 80 -0.86 -4.64 -5.95
N VAL A 81 -1.85 -5.46 -5.62
CA VAL A 81 -3.26 -5.04 -5.60
C VAL A 81 -3.94 -5.49 -4.30
N ILE A 82 -5.01 -4.82 -3.96
CA ILE A 82 -5.77 -5.20 -2.78
C ILE A 82 -6.79 -6.22 -3.18
N ASN A 83 -6.79 -7.33 -2.48
CA ASN A 83 -7.80 -8.36 -2.68
C ASN A 83 -9.12 -7.80 -2.15
N PRO A 84 -10.14 -7.69 -3.01
CA PRO A 84 -11.43 -7.11 -2.62
C PRO A 84 -12.25 -8.04 -1.72
N ASP A 85 -12.03 -9.35 -1.84
CA ASP A 85 -12.82 -10.33 -1.10
C ASP A 85 -12.17 -10.63 0.23
N ALA A 86 -10.92 -10.28 0.36
CA ALA A 86 -10.19 -10.47 1.60
C ALA A 86 -10.04 -9.15 2.31
N LYS A 87 -10.54 -8.10 1.66
CA LYS A 87 -10.47 -6.73 2.14
C LYS A 87 -10.99 -6.54 3.60
N PRO A 88 -12.19 -7.07 3.94
CA PRO A 88 -12.75 -7.04 5.31
C PRO A 88 -11.81 -7.63 6.38
N GLY A 89 -10.86 -8.43 5.95
CA GLY A 89 -9.89 -8.99 6.87
C GLY A 89 -10.06 -10.47 7.08
N ARG A 90 -11.09 -11.03 6.53
CA ARG A 90 -11.34 -12.44 6.68
C ARG A 90 -10.92 -13.17 5.41
N ASN A 91 -11.01 -14.47 5.41
CA ASN A 91 -10.63 -15.24 4.25
C ASN A 91 -11.69 -15.10 3.17
N PRO A 92 -11.27 -14.79 1.93
CA PRO A 92 -12.18 -14.53 0.80
C PRO A 92 -13.06 -15.72 0.41
N ARG A 93 -12.65 -16.89 0.80
CA ARG A 93 -13.40 -18.10 0.45
C ARG A 93 -13.89 -18.82 1.69
N ARG A 94 -13.62 -18.24 2.84
CA ARG A 94 -14.00 -18.84 4.09
C ARG A 94 -14.40 -17.77 5.07
N GLN A 95 -15.70 -17.55 5.17
CA GLN A 95 -16.23 -16.58 6.10
C GLN A 95 -15.83 -16.99 7.49
N ARG A 96 -15.24 -16.07 8.25
CA ARG A 96 -14.81 -16.39 9.61
C ARG A 96 -16.01 -16.80 10.43
N SER A 97 -17.03 -15.94 10.38
CA SER A 97 -18.27 -16.12 11.13
C SER A 97 -17.99 -16.04 12.64
N ALA A 98 -19.01 -16.16 13.41
CA ALA A 98 -18.88 -16.13 14.83
C ALA A 98 -19.68 -17.25 15.41
N THR A 99 -19.16 -17.90 16.40
CA THR A 99 -19.88 -18.94 17.03
C THR A 99 -20.90 -18.34 17.99
N LEU A 100 -21.98 -17.86 17.40
CA LEU A 100 -23.10 -17.20 18.05
C LEU A 100 -24.04 -16.69 16.96
N GLU A 101 -25.12 -17.37 16.74
CA GLU A 101 -26.06 -16.96 15.74
C GLU A 101 -27.30 -16.28 16.31
N ASN A 1 1.25 6.33 15.16
CA ASN A 1 1.66 6.18 13.76
C ASN A 1 2.46 7.39 13.36
N PRO A 2 3.46 7.25 12.45
CA PRO A 2 4.32 8.37 12.04
C PRO A 2 3.56 9.52 11.36
N TRP A 3 2.53 9.18 10.63
CA TRP A 3 1.72 10.16 9.91
C TRP A 3 0.61 10.78 10.78
N GLY A 4 0.06 10.01 11.70
CA GLY A 4 -1.03 10.50 12.50
C GLY A 4 -1.83 9.40 13.16
N ALA A 5 -3.15 9.45 12.99
CA ALA A 5 -4.06 8.54 13.68
C ALA A 5 -4.46 7.32 12.85
N GLU A 6 -4.57 7.47 11.52
CA GLU A 6 -4.96 6.34 10.66
C GLU A 6 -3.94 5.22 10.69
N SER A 7 -4.33 4.07 10.24
CA SER A 7 -3.49 2.92 10.24
C SER A 7 -2.83 2.79 8.90
N TYR A 8 -1.83 1.91 8.82
CA TYR A 8 -1.11 1.68 7.58
C TYR A 8 -2.07 1.25 6.55
N SER A 9 -2.73 0.15 6.78
CA SER A 9 -3.71 -0.40 5.84
C SER A 9 -4.77 0.63 5.42
N ASP A 10 -5.13 1.55 6.32
CA ASP A 10 -6.09 2.61 5.97
C ASP A 10 -5.51 3.55 4.94
N LEU A 11 -4.29 3.98 5.15
CA LEU A 11 -3.64 4.86 4.21
C LEU A 11 -3.12 4.13 2.98
N ILE A 12 -2.69 2.88 3.15
CA ILE A 12 -2.23 2.06 2.02
C ILE A 12 -3.36 1.91 1.02
N ALA A 13 -4.56 1.67 1.54
CA ALA A 13 -5.74 1.58 0.70
C ALA A 13 -5.99 2.89 -0.02
N LYS A 14 -5.73 4.04 0.65
CA LYS A 14 -5.86 5.36 0.01
C LYS A 14 -4.85 5.52 -1.12
N ALA A 15 -3.64 5.04 -0.89
CA ALA A 15 -2.58 5.10 -1.89
C ALA A 15 -3.01 4.35 -3.12
N LEU A 16 -3.41 3.12 -2.91
CA LEU A 16 -3.92 2.26 -3.98
C LEU A 16 -5.11 2.89 -4.65
N LYS A 17 -5.99 3.50 -3.84
CA LYS A 17 -7.20 4.07 -4.26
C LYS A 17 -6.99 5.21 -5.26
N SER A 18 -5.81 5.80 -5.25
CA SER A 18 -5.47 6.88 -6.15
C SER A 18 -5.30 6.33 -7.60
N THR A 19 -5.27 5.02 -7.74
CA THR A 19 -5.14 4.38 -9.04
C THR A 19 -5.74 2.95 -8.93
N PHE A 20 -6.80 2.87 -8.16
CA PHE A 20 -7.42 1.60 -7.75
C PHE A 20 -8.01 0.86 -8.94
N ASP A 21 -8.19 1.58 -10.02
CA ASP A 21 -8.76 1.01 -11.23
C ASP A 21 -7.71 0.37 -12.08
N GLY A 22 -6.47 0.58 -11.72
CA GLY A 22 -5.39 0.01 -12.41
C GLY A 22 -4.57 -0.82 -11.48
N ARG A 23 -3.40 -0.36 -11.16
CA ARG A 23 -2.49 -1.07 -10.29
C ARG A 23 -1.50 -0.08 -9.72
N MET A 24 -0.78 -0.46 -8.71
CA MET A 24 0.20 0.43 -8.13
C MET A 24 1.41 -0.39 -7.82
N ARG A 25 2.56 0.21 -7.81
CA ARG A 25 3.72 -0.51 -7.38
C ARG A 25 4.00 -0.25 -5.94
N LEU A 26 4.64 -1.18 -5.29
CA LEU A 26 5.07 -1.02 -3.92
C LEU A 26 5.87 0.29 -3.73
N ASN A 27 6.70 0.61 -4.71
CA ASN A 27 7.48 1.86 -4.69
C ASN A 27 6.56 3.06 -4.78
N GLU A 28 5.50 2.91 -5.56
CA GLU A 28 4.56 3.99 -5.79
C GLU A 28 3.73 4.27 -4.56
N ILE A 29 3.38 3.20 -3.84
CA ILE A 29 2.71 3.31 -2.56
C ILE A 29 3.53 4.22 -1.63
N TYR A 30 4.85 4.02 -1.64
CA TYR A 30 5.75 4.87 -0.86
C TYR A 30 5.67 6.33 -1.31
N ASN A 31 5.62 6.53 -2.62
CA ASN A 31 5.52 7.90 -3.21
C ASN A 31 4.27 8.60 -2.76
N TRP A 32 3.18 7.85 -2.65
CA TRP A 32 1.92 8.42 -2.21
C TRP A 32 2.04 9.04 -0.83
N PHE A 33 2.57 8.27 0.12
CA PHE A 33 2.75 8.75 1.49
C PHE A 33 3.68 9.94 1.50
N ALA A 34 4.73 9.85 0.74
CA ALA A 34 5.71 10.91 0.67
C ALA A 34 5.10 12.20 0.11
N SER A 35 4.27 12.06 -0.88
CA SER A 35 3.63 13.19 -1.50
C SER A 35 2.44 13.70 -0.67
N ASN A 36 1.57 12.81 -0.18
CA ASN A 36 0.36 13.26 0.51
C ASN A 36 0.63 13.63 1.95
N VAL A 37 1.66 13.06 2.52
CA VAL A 37 1.99 13.32 3.90
C VAL A 37 3.31 14.08 3.97
N PRO A 38 3.28 15.30 4.53
CA PRO A 38 4.46 16.18 4.59
C PRO A 38 5.59 15.56 5.42
N TYR A 39 5.23 14.74 6.39
CA TYR A 39 6.18 14.09 7.25
C TYR A 39 7.07 13.15 6.42
N PHE A 40 6.45 12.42 5.52
CA PHE A 40 7.18 11.50 4.67
C PHE A 40 7.90 12.22 3.57
N GLY A 41 7.34 13.35 3.16
CA GLY A 41 7.99 14.19 2.17
C GLY A 41 9.37 14.64 2.66
N ASN A 42 9.50 14.71 3.99
CA ASN A 42 10.76 15.06 4.63
C ASN A 42 11.63 13.83 4.84
N ARG A 43 11.12 12.67 4.49
CA ARG A 43 11.85 11.40 4.63
C ARG A 43 12.02 10.70 3.30
N THR A 44 12.03 11.44 2.24
CA THR A 44 12.14 10.87 0.92
C THR A 44 13.57 10.38 0.56
N SER A 45 14.51 10.53 1.46
CA SER A 45 15.84 10.08 1.18
C SER A 45 15.92 8.57 1.41
N GLN A 46 16.87 7.92 0.78
CA GLN A 46 16.99 6.47 0.80
C GLN A 46 17.04 5.88 2.21
N GLU A 47 17.92 6.40 3.05
CA GLU A 47 18.02 5.89 4.42
C GLU A 47 16.93 6.48 5.30
N GLN A 48 16.36 7.59 4.87
CA GLN A 48 15.33 8.24 5.63
C GLN A 48 13.96 7.64 5.45
N SER A 49 13.81 6.86 4.41
CA SER A 49 12.53 6.28 4.13
C SER A 49 12.48 4.80 4.44
N ALA A 50 13.64 4.16 4.48
CA ALA A 50 13.77 2.70 4.66
C ALA A 50 12.93 2.15 5.81
N GLY A 51 13.04 2.72 6.98
CA GLY A 51 12.34 2.20 8.13
C GLY A 51 10.85 2.26 8.03
N TRP A 52 10.31 3.39 7.56
CA TRP A 52 8.87 3.48 7.46
C TRP A 52 8.36 2.62 6.30
N LYS A 53 9.22 2.42 5.29
CA LYS A 53 8.94 1.47 4.23
C LYS A 53 8.75 0.08 4.80
N ASN A 54 9.64 -0.30 5.72
CA ASN A 54 9.57 -1.62 6.35
C ASN A 54 8.28 -1.82 7.12
N SER A 55 7.82 -0.77 7.75
CA SER A 55 6.60 -0.82 8.52
C SER A 55 5.37 -0.99 7.59
N ILE A 56 5.35 -0.26 6.48
CA ILE A 56 4.29 -0.42 5.48
C ILE A 56 4.32 -1.82 4.92
N ARG A 57 5.52 -2.27 4.58
CA ARG A 57 5.75 -3.53 3.96
C ARG A 57 5.18 -4.68 4.81
N HIS A 58 5.38 -4.59 6.12
CA HIS A 58 4.90 -5.62 7.04
C HIS A 58 3.37 -5.71 7.03
N ASN A 59 2.73 -4.56 6.91
CA ASN A 59 1.26 -4.50 6.86
C ASN A 59 0.72 -4.99 5.54
N LEU A 60 1.48 -4.78 4.48
CA LEU A 60 1.04 -5.15 3.13
C LEU A 60 0.67 -6.63 3.02
N SER A 61 1.52 -7.49 3.53
CA SER A 61 1.36 -8.91 3.34
C SER A 61 0.97 -9.67 4.62
N LEU A 62 0.51 -8.96 5.66
CA LEU A 62 0.11 -9.62 6.89
C LEU A 62 -1.15 -10.50 6.77
N HIS A 63 -1.94 -10.29 5.72
CA HIS A 63 -3.13 -11.09 5.45
C HIS A 63 -3.24 -11.38 3.98
N SER A 64 -4.11 -12.32 3.63
CA SER A 64 -4.35 -12.75 2.25
C SER A 64 -5.20 -11.72 1.48
N ARG A 65 -5.16 -10.49 1.95
CA ARG A 65 -5.86 -9.39 1.33
C ARG A 65 -5.01 -8.80 0.23
N PHE A 66 -3.81 -9.29 0.12
CA PHE A 66 -2.90 -8.91 -0.89
C PHE A 66 -2.66 -10.07 -1.83
N MET A 67 -2.73 -9.78 -3.09
CA MET A 67 -2.42 -10.73 -4.12
C MET A 67 -1.53 -10.08 -5.09
N ARG A 68 -0.43 -10.69 -5.33
CA ARG A 68 0.58 -10.09 -6.17
C ARG A 68 0.40 -10.52 -7.61
N ILE A 69 0.22 -9.58 -8.45
CA ILE A 69 0.13 -9.81 -9.83
C ILE A 69 1.47 -9.43 -10.46
N GLN A 70 2.06 -10.33 -11.14
CA GLN A 70 3.32 -10.06 -11.73
C GLN A 70 3.24 -10.16 -13.23
N ASN A 71 3.80 -9.17 -13.89
CA ASN A 71 3.94 -9.24 -15.34
C ASN A 71 4.89 -10.37 -15.65
N GLU A 72 4.35 -11.40 -16.21
CA GLU A 72 5.11 -12.59 -16.49
C GLU A 72 6.13 -12.41 -17.59
N GLY A 73 7.31 -12.92 -17.34
CA GLY A 73 8.41 -12.74 -18.24
C GLY A 73 9.30 -11.62 -17.76
N ALA A 74 8.97 -11.09 -16.60
CA ALA A 74 9.72 -10.01 -16.00
C ALA A 74 9.82 -10.22 -14.50
N GLY A 75 10.83 -9.66 -13.89
CA GLY A 75 11.05 -9.85 -12.48
C GLY A 75 10.51 -8.72 -11.63
N LYS A 76 10.96 -7.51 -11.88
CA LYS A 76 10.58 -6.35 -11.06
C LYS A 76 9.30 -5.70 -11.54
N SER A 77 8.63 -6.35 -12.45
CA SER A 77 7.38 -5.86 -12.98
C SER A 77 6.19 -6.45 -12.21
N SER A 78 6.40 -6.68 -10.93
CA SER A 78 5.34 -7.13 -10.07
C SER A 78 4.57 -5.91 -9.56
N TRP A 79 3.27 -6.03 -9.47
CA TRP A 79 2.44 -4.90 -9.09
C TRP A 79 1.80 -5.20 -7.75
N TRP A 80 1.48 -4.18 -7.01
CA TRP A 80 0.89 -4.33 -5.72
C TRP A 80 -0.58 -3.93 -5.83
N VAL A 81 -1.49 -4.85 -5.55
CA VAL A 81 -2.92 -4.58 -5.63
C VAL A 81 -3.64 -5.23 -4.45
N ILE A 82 -4.82 -4.75 -4.13
CA ILE A 82 -5.60 -5.31 -3.04
C ILE A 82 -6.56 -6.33 -3.61
N ASN A 83 -6.66 -7.46 -2.95
CA ASN A 83 -7.54 -8.54 -3.38
C ASN A 83 -8.99 -8.19 -3.05
N PRO A 84 -9.86 -8.09 -4.08
CA PRO A 84 -11.27 -7.71 -3.90
C PRO A 84 -12.07 -8.79 -3.18
N ASP A 85 -11.60 -10.01 -3.27
CA ASP A 85 -12.29 -11.14 -2.64
C ASP A 85 -12.01 -11.17 -1.15
N ALA A 86 -11.00 -10.44 -0.75
CA ALA A 86 -10.60 -10.38 0.64
C ALA A 86 -11.25 -9.21 1.35
N LYS A 87 -12.26 -8.63 0.73
CA LYS A 87 -13.03 -7.56 1.33
C LYS A 87 -14.39 -8.11 1.81
N PRO A 88 -14.50 -8.54 3.08
CA PRO A 88 -15.73 -9.08 3.63
C PRO A 88 -16.74 -8.00 3.98
N GLY A 89 -16.30 -6.74 3.94
CA GLY A 89 -17.17 -5.63 4.26
C GLY A 89 -17.43 -5.56 5.74
N ARG A 90 -16.46 -6.03 6.49
CA ARG A 90 -16.55 -6.06 7.92
C ARG A 90 -15.86 -4.85 8.49
N ASN A 91 -16.28 -4.44 9.65
CA ASN A 91 -15.71 -3.29 10.29
C ASN A 91 -14.94 -3.73 11.52
N PRO A 92 -13.82 -3.07 11.84
CA PRO A 92 -13.02 -3.41 13.01
C PRO A 92 -13.75 -3.05 14.30
N ARG A 93 -13.88 -4.02 15.18
CA ARG A 93 -14.47 -3.83 16.49
C ARG A 93 -13.51 -3.00 17.32
N ARG A 94 -14.03 -2.23 18.28
CA ARG A 94 -13.16 -1.54 19.21
C ARG A 94 -12.39 -2.61 19.96
N GLN A 95 -11.08 -2.66 19.74
CA GLN A 95 -10.25 -3.75 20.23
C GLN A 95 -10.13 -3.83 21.75
N ARG A 96 -11.09 -4.49 22.33
CA ARG A 96 -11.11 -4.88 23.72
C ARG A 96 -11.50 -6.32 23.75
N SER A 97 -10.54 -7.18 23.61
CA SER A 97 -10.80 -8.60 23.53
C SER A 97 -10.95 -9.22 24.91
N ALA A 98 -12.12 -9.01 25.50
CA ALA A 98 -12.52 -9.52 26.81
C ALA A 98 -13.86 -8.91 27.16
N THR A 99 -14.54 -9.47 28.12
CA THR A 99 -15.78 -8.90 28.58
C THR A 99 -15.44 -7.84 29.62
N LEU A 100 -15.51 -6.59 29.23
CA LEU A 100 -15.09 -5.48 30.07
C LEU A 100 -16.00 -4.25 29.88
N GLU A 101 -17.19 -4.47 29.31
CA GLU A 101 -18.17 -3.40 29.02
C GLU A 101 -17.66 -2.49 27.92
N ASN A 1 1.38 6.07 14.99
CA ASN A 1 1.70 5.98 13.57
C ASN A 1 2.53 7.18 13.19
N PRO A 2 3.50 7.02 12.28
CA PRO A 2 4.40 8.12 11.89
C PRO A 2 3.68 9.30 11.18
N TRP A 3 2.60 9.00 10.48
CA TRP A 3 1.84 10.02 9.74
C TRP A 3 0.79 10.70 10.62
N GLY A 4 0.20 9.95 11.54
CA GLY A 4 -0.87 10.49 12.33
C GLY A 4 -1.68 9.41 13.03
N ALA A 5 -2.99 9.42 12.83
CA ALA A 5 -3.89 8.53 13.58
C ALA A 5 -4.37 7.31 12.77
N GLU A 6 -4.55 7.45 11.46
CA GLU A 6 -5.02 6.33 10.64
C GLU A 6 -4.03 5.18 10.63
N SER A 7 -4.47 4.06 10.19
CA SER A 7 -3.65 2.87 10.21
C SER A 7 -2.96 2.71 8.86
N TYR A 8 -1.95 1.85 8.83
CA TYR A 8 -1.22 1.56 7.60
C TYR A 8 -2.16 1.13 6.53
N SER A 9 -2.81 0.02 6.75
CA SER A 9 -3.75 -0.55 5.79
C SER A 9 -4.82 0.49 5.35
N ASP A 10 -5.20 1.40 6.26
CA ASP A 10 -6.12 2.50 5.92
C ASP A 10 -5.55 3.40 4.85
N LEU A 11 -4.35 3.88 5.09
CA LEU A 11 -3.71 4.74 4.15
C LEU A 11 -3.24 4.01 2.89
N ILE A 12 -2.82 2.75 3.06
CA ILE A 12 -2.41 1.94 1.91
C ILE A 12 -3.58 1.79 0.97
N ALA A 13 -4.76 1.54 1.51
CA ALA A 13 -5.94 1.44 0.70
C ALA A 13 -6.18 2.75 -0.03
N LYS A 14 -5.90 3.90 0.63
CA LYS A 14 -6.05 5.21 -0.03
C LYS A 14 -5.13 5.32 -1.25
N ALA A 15 -3.93 4.77 -1.13
CA ALA A 15 -2.98 4.75 -2.24
C ALA A 15 -3.56 3.91 -3.38
N LEU A 16 -4.19 2.83 -3.00
CA LEU A 16 -4.84 1.96 -3.96
C LEU A 16 -6.14 2.60 -4.51
N LYS A 17 -6.82 3.39 -3.67
CA LYS A 17 -8.03 4.12 -4.08
C LYS A 17 -7.70 5.17 -5.12
N SER A 18 -6.43 5.47 -5.25
CA SER A 18 -5.97 6.39 -6.25
C SER A 18 -6.12 5.75 -7.64
N THR A 19 -6.21 4.40 -7.68
CA THR A 19 -6.42 3.69 -8.92
C THR A 19 -6.59 2.15 -8.69
N PHE A 20 -7.78 1.72 -8.27
CA PHE A 20 -8.06 0.32 -8.18
C PHE A 20 -8.19 -0.25 -9.59
N ASP A 21 -8.52 0.65 -10.49
CA ASP A 21 -8.76 0.36 -11.90
C ASP A 21 -7.47 0.03 -12.63
N GLY A 22 -6.37 0.29 -11.98
CA GLY A 22 -5.13 0.01 -12.56
C GLY A 22 -4.27 -0.76 -11.63
N ARG A 23 -3.25 -0.13 -11.16
CA ARG A 23 -2.30 -0.76 -10.31
C ARG A 23 -1.51 0.24 -9.52
N MET A 24 -0.97 -0.25 -8.46
CA MET A 24 -0.01 0.43 -7.65
C MET A 24 1.17 -0.43 -7.52
N ARG A 25 2.27 0.15 -7.29
CA ARG A 25 3.45 -0.59 -7.06
C ARG A 25 3.87 -0.45 -5.65
N LEU A 26 4.58 -1.45 -5.15
CA LEU A 26 5.11 -1.41 -3.80
C LEU A 26 5.93 -0.13 -3.53
N ASN A 27 6.74 0.29 -4.51
CA ASN A 27 7.49 1.55 -4.36
C ASN A 27 6.55 2.75 -4.42
N GLU A 28 5.50 2.65 -5.23
CA GLU A 28 4.53 3.73 -5.38
C GLU A 28 3.70 3.92 -4.16
N ILE A 29 3.45 2.85 -3.41
CA ILE A 29 2.79 2.95 -2.13
C ILE A 29 3.59 3.91 -1.25
N TYR A 30 4.90 3.68 -1.21
CA TYR A 30 5.81 4.53 -0.47
C TYR A 30 5.75 5.95 -1.02
N ASN A 31 5.76 6.05 -2.33
CA ASN A 31 5.72 7.34 -3.03
C ASN A 31 4.45 8.10 -2.69
N TRP A 32 3.33 7.38 -2.60
CA TRP A 32 2.05 7.98 -2.24
C TRP A 32 2.14 8.67 -0.90
N PHE A 33 2.67 7.97 0.09
CA PHE A 33 2.85 8.54 1.44
C PHE A 33 3.77 9.72 1.39
N ALA A 34 4.87 9.56 0.70
CA ALA A 34 5.87 10.61 0.59
C ALA A 34 5.30 11.86 -0.07
N SER A 35 4.46 11.67 -1.04
CA SER A 35 3.84 12.76 -1.77
C SER A 35 2.67 13.40 -1.00
N ASN A 36 1.81 12.58 -0.41
CA ASN A 36 0.59 13.09 0.22
C ASN A 36 0.80 13.47 1.67
N VAL A 37 1.78 12.89 2.30
CA VAL A 37 2.06 13.17 3.67
C VAL A 37 3.39 13.90 3.77
N PRO A 38 3.38 15.13 4.30
CA PRO A 38 4.57 15.99 4.37
C PRO A 38 5.69 15.38 5.21
N TYR A 39 5.31 14.59 6.21
CA TYR A 39 6.24 13.93 7.09
C TYR A 39 7.13 12.99 6.27
N PHE A 40 6.51 12.25 5.37
CA PHE A 40 7.23 11.32 4.54
C PHE A 40 7.96 12.01 3.43
N GLY A 41 7.45 13.14 2.99
CA GLY A 41 8.12 13.93 1.98
C GLY A 41 9.50 14.37 2.47
N ASN A 42 9.60 14.58 3.78
CA ASN A 42 10.84 14.96 4.44
C ASN A 42 11.75 13.75 4.58
N ARG A 43 11.18 12.57 4.41
CA ARG A 43 11.91 11.31 4.56
C ARG A 43 11.92 10.53 3.27
N THR A 44 12.13 11.22 2.19
CA THR A 44 12.17 10.62 0.89
C THR A 44 13.54 10.04 0.55
N SER A 45 14.50 10.21 1.45
CA SER A 45 15.83 9.70 1.24
C SER A 45 15.77 8.24 1.59
N GLN A 46 16.59 7.41 0.95
CA GLN A 46 16.54 5.98 1.23
C GLN A 46 16.82 5.69 2.71
N GLU A 47 17.86 6.31 3.22
CA GLU A 47 18.23 6.18 4.63
C GLU A 47 17.06 6.62 5.51
N GLN A 48 16.41 7.67 5.08
CA GLN A 48 15.32 8.25 5.81
C GLN A 48 13.97 7.57 5.64
N SER A 49 13.83 6.77 4.62
CA SER A 49 12.58 6.14 4.35
C SER A 49 12.55 4.66 4.72
N ALA A 50 13.73 4.05 4.76
CA ALA A 50 13.89 2.60 5.02
C ALA A 50 13.01 2.09 6.17
N GLY A 51 13.10 2.71 7.32
CA GLY A 51 12.36 2.27 8.48
C GLY A 51 10.87 2.34 8.32
N TRP A 52 10.36 3.48 7.80
CA TRP A 52 8.93 3.56 7.64
C TRP A 52 8.45 2.61 6.54
N LYS A 53 9.33 2.34 5.57
CA LYS A 53 9.07 1.32 4.57
C LYS A 53 8.93 -0.05 5.21
N ASN A 54 9.83 -0.37 6.14
CA ASN A 54 9.79 -1.66 6.85
C ASN A 54 8.50 -1.86 7.61
N SER A 55 7.94 -0.77 8.08
CA SER A 55 6.70 -0.82 8.81
C SER A 55 5.49 -1.04 7.86
N ILE A 56 5.51 -0.41 6.71
CA ILE A 56 4.45 -0.56 5.72
C ILE A 56 4.52 -1.95 5.08
N ARG A 57 5.73 -2.34 4.67
CA ARG A 57 5.99 -3.62 4.02
C ARG A 57 5.48 -4.76 4.91
N HIS A 58 5.60 -4.56 6.21
CA HIS A 58 5.13 -5.51 7.22
C HIS A 58 3.61 -5.71 7.08
N ASN A 59 2.88 -4.61 7.03
CA ASN A 59 1.41 -4.68 6.91
C ASN A 59 0.98 -5.13 5.54
N LEU A 60 1.74 -4.77 4.54
CA LEU A 60 1.48 -5.18 3.17
C LEU A 60 1.54 -6.69 3.05
N SER A 61 2.55 -7.28 3.67
CA SER A 61 2.77 -8.70 3.58
C SER A 61 1.81 -9.50 4.47
N LEU A 62 1.46 -8.94 5.61
CA LEU A 62 0.61 -9.62 6.60
C LEU A 62 -0.85 -9.70 6.18
N HIS A 63 -1.27 -8.85 5.30
CA HIS A 63 -2.67 -8.86 4.90
C HIS A 63 -2.79 -9.34 3.48
N SER A 64 -3.26 -10.56 3.30
CA SER A 64 -3.43 -11.17 1.97
C SER A 64 -4.73 -10.65 1.31
N ARG A 65 -4.88 -9.36 1.38
CA ARG A 65 -6.01 -8.61 0.87
C ARG A 65 -5.67 -8.13 -0.56
N PHE A 66 -4.56 -8.60 -1.03
CA PHE A 66 -4.02 -8.18 -2.29
C PHE A 66 -3.65 -9.40 -3.10
N MET A 67 -3.59 -9.23 -4.40
CA MET A 67 -3.20 -10.29 -5.29
C MET A 67 -1.99 -9.83 -6.01
N ARG A 68 -0.98 -10.60 -5.94
CA ARG A 68 0.29 -10.21 -6.42
C ARG A 68 0.49 -10.62 -7.87
N ILE A 69 1.01 -9.73 -8.63
CA ILE A 69 1.39 -9.96 -9.96
C ILE A 69 2.77 -9.39 -10.15
N GLN A 70 3.63 -10.15 -10.74
CA GLN A 70 4.96 -9.73 -10.95
C GLN A 70 5.26 -9.65 -12.43
N ASN A 71 5.75 -8.48 -12.84
CA ASN A 71 6.12 -8.23 -14.24
C ASN A 71 7.07 -9.34 -14.76
N GLU A 72 6.83 -9.76 -15.98
CA GLU A 72 7.48 -10.95 -16.51
C GLU A 72 8.62 -10.63 -17.49
N GLY A 73 9.06 -9.40 -17.54
CA GLY A 73 10.10 -9.03 -18.49
C GLY A 73 11.39 -8.60 -17.82
N ALA A 74 11.78 -9.32 -16.75
CA ALA A 74 13.04 -9.08 -16.00
C ALA A 74 13.09 -7.71 -15.31
N GLY A 75 11.93 -7.09 -15.16
CA GLY A 75 11.87 -5.80 -14.53
C GLY A 75 11.78 -5.91 -13.03
N LYS A 76 12.09 -4.83 -12.33
CA LYS A 76 12.06 -4.82 -10.88
C LYS A 76 10.78 -4.19 -10.38
N SER A 77 9.95 -3.78 -11.30
CA SER A 77 8.70 -3.17 -10.94
C SER A 77 7.66 -4.20 -10.52
N SER A 78 7.61 -4.48 -9.24
CA SER A 78 6.61 -5.35 -8.72
C SER A 78 5.29 -4.59 -8.63
N TRP A 79 4.21 -5.31 -8.63
CA TRP A 79 2.90 -4.69 -8.61
C TRP A 79 2.28 -5.03 -7.31
N TRP A 80 1.56 -4.11 -6.75
CA TRP A 80 0.90 -4.35 -5.53
C TRP A 80 -0.52 -3.84 -5.71
N VAL A 81 -1.47 -4.71 -5.65
CA VAL A 81 -2.85 -4.33 -5.85
C VAL A 81 -3.74 -5.06 -4.91
N ILE A 82 -4.71 -4.37 -4.38
CA ILE A 82 -5.68 -4.98 -3.51
C ILE A 82 -6.68 -5.62 -4.40
N ASN A 83 -7.08 -6.84 -4.07
CA ASN A 83 -7.99 -7.55 -4.95
C ASN A 83 -9.33 -6.84 -5.03
N PRO A 84 -9.73 -6.47 -6.26
CA PRO A 84 -10.96 -5.74 -6.50
C PRO A 84 -12.19 -6.57 -6.22
N ASP A 85 -11.96 -7.85 -6.04
CA ASP A 85 -13.01 -8.78 -5.74
C ASP A 85 -13.35 -8.70 -4.27
N ALA A 86 -12.55 -7.94 -3.55
CA ALA A 86 -12.72 -7.77 -2.14
C ALA A 86 -12.84 -6.30 -1.76
N LYS A 87 -13.15 -5.46 -2.72
CA LYS A 87 -13.32 -4.04 -2.43
C LYS A 87 -14.79 -3.66 -2.61
N PRO A 88 -15.31 -2.71 -1.81
CA PRO A 88 -16.72 -2.26 -1.90
C PRO A 88 -17.09 -1.81 -3.31
N GLY A 89 -18.08 -2.46 -3.86
CA GLY A 89 -18.52 -2.15 -5.17
C GLY A 89 -18.61 -3.40 -6.01
N ARG A 90 -18.23 -3.30 -7.26
CA ARG A 90 -18.28 -4.43 -8.15
C ARG A 90 -17.19 -4.36 -9.20
N ASN A 91 -16.21 -5.23 -9.06
CA ASN A 91 -15.16 -5.36 -10.05
C ASN A 91 -14.49 -6.73 -9.88
N PRO A 92 -15.11 -7.79 -10.40
CA PRO A 92 -14.58 -9.14 -10.30
C PRO A 92 -13.56 -9.42 -11.39
N ARG A 93 -12.37 -9.84 -10.99
CA ARG A 93 -11.31 -10.14 -11.95
C ARG A 93 -10.88 -11.57 -11.86
N ARG A 94 -11.24 -12.24 -10.77
CA ARG A 94 -10.87 -13.62 -10.57
C ARG A 94 -11.62 -14.54 -11.52
N GLN A 95 -10.89 -15.49 -12.08
CA GLN A 95 -11.41 -16.50 -13.00
C GLN A 95 -11.84 -15.89 -14.33
N ARG A 96 -13.05 -15.41 -14.33
CA ARG A 96 -13.70 -14.82 -15.48
C ARG A 96 -14.95 -14.18 -14.94
N SER A 97 -14.86 -13.77 -13.66
CA SER A 97 -15.96 -13.19 -12.87
C SER A 97 -16.93 -14.31 -12.46
N ALA A 98 -17.42 -15.02 -13.44
CA ALA A 98 -18.31 -16.14 -13.26
C ALA A 98 -18.37 -16.86 -14.58
N THR A 99 -18.67 -16.09 -15.59
CA THR A 99 -18.70 -16.56 -16.94
C THR A 99 -18.36 -15.39 -17.85
N LEU A 100 -19.14 -14.34 -17.70
CA LEU A 100 -18.92 -13.10 -18.40
C LEU A 100 -19.17 -12.00 -17.38
N GLU A 101 -20.37 -12.00 -16.85
CA GLU A 101 -20.78 -11.11 -15.82
C GLU A 101 -20.99 -11.91 -14.53
N ASN A 1 0.82 6.67 14.90
CA ASN A 1 1.41 6.42 13.58
C ASN A 1 2.23 7.61 13.17
N PRO A 2 3.29 7.42 12.32
CA PRO A 2 4.18 8.53 11.90
C PRO A 2 3.46 9.63 11.13
N TRP A 3 2.38 9.28 10.48
CA TRP A 3 1.61 10.22 9.69
C TRP A 3 0.50 10.88 10.50
N GLY A 4 -0.05 10.15 11.45
CA GLY A 4 -1.17 10.65 12.21
C GLY A 4 -1.93 9.55 12.91
N ALA A 5 -3.26 9.61 12.80
CA ALA A 5 -4.14 8.69 13.51
C ALA A 5 -4.66 7.52 12.66
N GLU A 6 -4.83 7.73 11.35
CA GLU A 6 -5.31 6.65 10.45
C GLU A 6 -4.32 5.49 10.44
N SER A 7 -4.74 4.36 9.96
CA SER A 7 -3.88 3.21 9.98
C SER A 7 -3.18 3.04 8.65
N TYR A 8 -2.22 2.11 8.63
CA TYR A 8 -1.47 1.79 7.44
C TYR A 8 -2.41 1.45 6.34
N SER A 9 -3.14 0.37 6.53
CA SER A 9 -4.06 -0.13 5.53
C SER A 9 -5.07 0.94 5.09
N ASP A 10 -5.44 1.84 6.01
CA ASP A 10 -6.36 2.94 5.67
C ASP A 10 -5.74 3.87 4.65
N LEU A 11 -4.52 4.29 4.89
CA LEU A 11 -3.82 5.16 3.98
C LEU A 11 -3.29 4.41 2.76
N ILE A 12 -2.89 3.16 2.95
CA ILE A 12 -2.44 2.33 1.84
C ILE A 12 -3.55 2.18 0.84
N ALA A 13 -4.77 2.02 1.36
CA ALA A 13 -5.96 1.96 0.52
C ALA A 13 -6.11 3.25 -0.25
N LYS A 14 -5.90 4.41 0.41
CA LYS A 14 -5.94 5.72 -0.26
C LYS A 14 -4.91 5.80 -1.37
N ALA A 15 -3.72 5.31 -1.08
CA ALA A 15 -2.64 5.32 -2.05
C ALA A 15 -3.01 4.46 -3.23
N LEU A 16 -3.41 3.25 -2.94
CA LEU A 16 -3.78 2.24 -3.92
C LEU A 16 -4.91 2.79 -4.78
N LYS A 17 -5.80 3.50 -4.12
CA LYS A 17 -6.93 4.09 -4.68
C LYS A 17 -6.62 5.06 -5.83
N SER A 18 -5.42 5.62 -5.86
CA SER A 18 -5.06 6.59 -6.89
C SER A 18 -4.92 5.90 -8.28
N THR A 19 -5.01 4.58 -8.29
CA THR A 19 -4.98 3.79 -9.51
C THR A 19 -5.63 2.42 -9.18
N PHE A 20 -6.66 2.51 -8.33
CA PHE A 20 -7.37 1.34 -7.74
C PHE A 20 -7.94 0.43 -8.83
N ASP A 21 -8.14 1.02 -9.98
CA ASP A 21 -8.79 0.37 -11.09
C ASP A 21 -7.81 -0.37 -11.95
N GLY A 22 -6.59 -0.42 -11.53
CA GLY A 22 -5.59 -1.15 -12.22
C GLY A 22 -4.72 -1.89 -11.25
N ARG A 23 -3.58 -1.32 -10.97
CA ARG A 23 -2.62 -1.85 -10.04
C ARG A 23 -1.68 -0.77 -9.59
N MET A 24 -1.08 -0.93 -8.46
CA MET A 24 -0.14 0.08 -8.01
C MET A 24 1.14 -0.61 -7.70
N ARG A 25 2.21 0.05 -7.96
CA ARG A 25 3.46 -0.48 -7.62
C ARG A 25 3.72 -0.21 -6.17
N LEU A 26 4.35 -1.15 -5.53
CA LEU A 26 4.66 -1.08 -4.12
C LEU A 26 5.52 0.15 -3.81
N ASN A 27 6.35 0.54 -4.77
CA ASN A 27 7.17 1.75 -4.66
C ASN A 27 6.32 3.04 -4.74
N GLU A 28 5.22 3.00 -5.49
CA GLU A 28 4.38 4.17 -5.69
C GLU A 28 3.54 4.45 -4.48
N ILE A 29 3.12 3.39 -3.80
CA ILE A 29 2.44 3.53 -2.52
C ILE A 29 3.29 4.35 -1.58
N TYR A 30 4.58 4.06 -1.57
CA TYR A 30 5.53 4.81 -0.76
C TYR A 30 5.58 6.27 -1.21
N ASN A 31 5.61 6.45 -2.52
CA ASN A 31 5.65 7.79 -3.13
C ASN A 31 4.43 8.60 -2.73
N TRP A 32 3.27 7.94 -2.68
CA TRP A 32 2.01 8.57 -2.29
C TRP A 32 2.13 9.19 -0.91
N PHE A 33 2.64 8.42 0.05
CA PHE A 33 2.82 8.91 1.42
C PHE A 33 3.77 10.08 1.45
N ALA A 34 4.88 9.93 0.79
CA ALA A 34 5.90 10.96 0.76
C ALA A 34 5.38 12.27 0.15
N SER A 35 4.58 12.12 -0.87
CA SER A 35 4.03 13.24 -1.57
C SER A 35 2.83 13.89 -0.83
N ASN A 36 1.98 13.08 -0.23
CA ASN A 36 0.76 13.60 0.37
C ASN A 36 0.89 13.87 1.84
N VAL A 37 1.81 13.22 2.49
CA VAL A 37 2.05 13.44 3.89
C VAL A 37 3.37 14.18 4.05
N PRO A 38 3.31 15.46 4.48
CA PRO A 38 4.48 16.32 4.65
C PRO A 38 5.60 15.66 5.47
N TYR A 39 5.23 14.87 6.48
CA TYR A 39 6.19 14.17 7.30
C TYR A 39 7.06 13.24 6.45
N PHE A 40 6.43 12.52 5.54
CA PHE A 40 7.16 11.57 4.71
C PHE A 40 7.96 12.24 3.65
N GLY A 41 7.53 13.40 3.22
CA GLY A 41 8.29 14.18 2.26
C GLY A 41 9.66 14.57 2.84
N ASN A 42 9.75 14.57 4.17
CA ASN A 42 10.99 14.85 4.89
C ASN A 42 11.68 13.54 5.31
N ARG A 43 11.11 12.43 4.89
CA ARG A 43 11.64 11.10 5.18
C ARG A 43 12.13 10.45 3.89
N THR A 44 12.17 11.22 2.81
CA THR A 44 12.44 10.68 1.47
C THR A 44 13.90 10.26 1.22
N SER A 45 14.71 10.19 2.25
CA SER A 45 16.06 9.76 2.05
C SER A 45 16.06 8.26 2.20
N GLN A 46 16.86 7.55 1.42
CA GLN A 46 16.82 6.07 1.39
C GLN A 46 16.82 5.41 2.78
N GLU A 47 17.74 5.79 3.65
CA GLU A 47 17.80 5.20 4.99
C GLU A 47 16.68 5.75 5.87
N GLN A 48 16.30 7.00 5.63
CA GLN A 48 15.22 7.63 6.38
C GLN A 48 13.86 7.15 5.96
N SER A 49 13.80 6.54 4.83
CA SER A 49 12.56 6.12 4.29
C SER A 49 12.36 4.62 4.44
N ALA A 50 13.46 3.86 4.35
CA ALA A 50 13.43 2.40 4.40
C ALA A 50 12.70 1.85 5.62
N GLY A 51 12.85 2.52 6.74
CA GLY A 51 12.23 2.08 7.97
C GLY A 51 10.73 2.17 7.96
N TRP A 52 10.19 3.32 7.56
CA TRP A 52 8.74 3.45 7.54
C TRP A 52 8.15 2.60 6.42
N LYS A 53 8.91 2.45 5.31
CA LYS A 53 8.54 1.55 4.24
C LYS A 53 8.49 0.12 4.71
N ASN A 54 9.44 -0.23 5.57
CA ASN A 54 9.57 -1.59 6.04
C ASN A 54 8.35 -1.99 6.86
N SER A 55 7.79 -1.04 7.59
CA SER A 55 6.61 -1.29 8.38
C SER A 55 5.40 -1.55 7.44
N ILE A 56 5.26 -0.71 6.40
CA ILE A 56 4.22 -0.89 5.37
C ILE A 56 4.37 -2.26 4.72
N ARG A 57 5.60 -2.57 4.33
CA ARG A 57 5.93 -3.78 3.67
C ARG A 57 5.60 -4.99 4.59
N HIS A 58 5.90 -4.86 5.90
CA HIS A 58 5.59 -5.93 6.86
C HIS A 58 4.11 -6.18 6.95
N ASN A 59 3.34 -5.12 7.14
CA ASN A 59 1.88 -5.23 7.27
C ASN A 59 1.26 -5.90 6.05
N LEU A 60 1.76 -5.58 4.87
CA LEU A 60 1.33 -6.24 3.65
C LEU A 60 1.71 -7.71 3.67
N SER A 61 2.92 -8.00 4.05
CA SER A 61 3.43 -9.36 4.07
C SER A 61 2.67 -10.21 5.11
N LEU A 62 2.27 -9.58 6.19
CA LEU A 62 1.53 -10.23 7.25
C LEU A 62 0.08 -10.47 6.85
N HIS A 63 -0.56 -9.46 6.27
CA HIS A 63 -1.96 -9.59 5.88
C HIS A 63 -2.10 -9.80 4.40
N SER A 64 -2.21 -11.05 4.00
CA SER A 64 -2.34 -11.39 2.59
C SER A 64 -3.83 -11.33 2.16
N ARG A 65 -4.52 -10.30 2.64
CA ARG A 65 -5.95 -10.06 2.34
C ARG A 65 -6.04 -9.29 1.00
N PHE A 66 -4.90 -9.13 0.40
CA PHE A 66 -4.76 -8.51 -0.88
C PHE A 66 -4.41 -9.58 -1.89
N MET A 67 -4.67 -9.32 -3.13
CA MET A 67 -4.38 -10.29 -4.16
C MET A 67 -3.37 -9.67 -5.12
N ARG A 68 -2.46 -10.46 -5.57
CA ARG A 68 -1.37 -9.95 -6.35
C ARG A 68 -1.38 -10.46 -7.78
N ILE A 69 -1.02 -9.60 -8.68
CA ILE A 69 -0.89 -9.93 -10.05
C ILE A 69 0.58 -10.24 -10.32
N GLN A 70 0.83 -11.32 -10.99
CA GLN A 70 2.17 -11.77 -11.21
C GLN A 70 2.83 -10.98 -12.32
N ASN A 71 3.95 -10.40 -12.02
CA ASN A 71 4.68 -9.64 -12.99
C ASN A 71 5.77 -10.52 -13.58
N GLU A 72 6.41 -10.04 -14.61
CA GLU A 72 7.47 -10.75 -15.29
C GLU A 72 8.71 -10.89 -14.41
N GLY A 73 9.71 -11.57 -14.92
CA GLY A 73 10.93 -11.77 -14.18
C GLY A 73 11.84 -10.54 -14.25
N ALA A 74 13.13 -10.75 -13.96
CA ALA A 74 14.16 -9.68 -13.98
C ALA A 74 13.95 -8.71 -12.81
N GLY A 75 13.21 -9.16 -11.83
CA GLY A 75 12.95 -8.37 -10.68
C GLY A 75 12.07 -9.12 -9.73
N LYS A 76 11.78 -8.49 -8.62
CA LYS A 76 10.93 -9.07 -7.60
C LYS A 76 9.72 -8.18 -7.39
N SER A 77 9.53 -7.28 -8.33
CA SER A 77 8.47 -6.34 -8.23
C SER A 77 7.18 -6.82 -8.89
N SER A 78 6.40 -7.53 -8.11
CA SER A 78 5.07 -7.92 -8.50
C SER A 78 4.13 -6.84 -8.04
N TRP A 79 2.91 -6.82 -8.52
CA TRP A 79 2.03 -5.74 -8.15
C TRP A 79 0.95 -6.31 -7.30
N TRP A 80 0.51 -5.56 -6.33
CA TRP A 80 -0.48 -6.07 -5.47
C TRP A 80 -1.71 -5.15 -5.54
N VAL A 81 -2.88 -5.74 -5.42
CA VAL A 81 -4.14 -4.99 -5.47
C VAL A 81 -5.05 -5.45 -4.34
N ILE A 82 -6.02 -4.65 -3.99
CA ILE A 82 -6.89 -5.01 -2.91
C ILE A 82 -7.98 -5.94 -3.38
N ASN A 83 -8.00 -7.10 -2.78
CA ASN A 83 -8.92 -8.19 -3.07
C ASN A 83 -10.36 -7.81 -2.70
N PRO A 84 -11.27 -7.81 -3.70
CA PRO A 84 -12.67 -7.39 -3.51
C PRO A 84 -13.48 -8.35 -2.65
N ASP A 85 -13.12 -9.61 -2.68
CA ASP A 85 -13.84 -10.64 -1.93
C ASP A 85 -13.45 -10.61 -0.47
N ALA A 86 -12.36 -9.95 -0.17
CA ALA A 86 -11.83 -9.95 1.17
C ALA A 86 -12.39 -8.84 2.04
N LYS A 87 -13.17 -7.98 1.47
CA LYS A 87 -13.76 -6.91 2.25
C LYS A 87 -15.27 -6.94 2.13
N PRO A 88 -15.98 -6.71 3.27
CA PRO A 88 -17.45 -6.87 3.40
C PRO A 88 -18.29 -6.38 2.21
N GLY A 89 -18.65 -7.33 1.34
CA GLY A 89 -19.53 -7.09 0.20
C GLY A 89 -19.13 -5.93 -0.67
N ARG A 90 -17.85 -5.77 -0.93
CA ARG A 90 -17.41 -4.66 -1.74
C ARG A 90 -16.53 -5.08 -2.91
N ASN A 91 -17.19 -5.40 -3.99
CA ASN A 91 -16.54 -5.62 -5.27
C ASN A 91 -16.77 -4.38 -6.09
N PRO A 92 -15.73 -3.62 -6.40
CA PRO A 92 -15.85 -2.36 -7.07
C PRO A 92 -16.06 -2.50 -8.57
N ARG A 93 -16.86 -1.61 -9.11
CA ARG A 93 -17.03 -1.55 -10.54
C ARG A 93 -15.83 -0.82 -11.09
N ARG A 94 -14.94 -1.58 -11.62
CA ARG A 94 -13.66 -1.10 -12.03
C ARG A 94 -13.73 -0.25 -13.29
N GLN A 95 -13.06 0.89 -13.23
CA GLN A 95 -12.95 1.78 -14.36
C GLN A 95 -12.21 1.05 -15.47
N ARG A 96 -12.66 1.21 -16.69
CA ARG A 96 -12.19 0.40 -17.81
C ARG A 96 -10.70 0.54 -18.02
N SER A 97 -10.22 1.79 -18.06
CA SER A 97 -8.80 2.09 -18.19
C SER A 97 -8.22 1.44 -19.48
N ALA A 98 -6.92 1.30 -19.52
CA ALA A 98 -6.28 0.66 -20.62
C ALA A 98 -6.19 -0.82 -20.36
N THR A 99 -7.12 -1.57 -20.90
CA THR A 99 -7.17 -3.00 -20.72
C THR A 99 -7.52 -3.70 -22.02
N LEU A 100 -7.23 -4.99 -22.08
CA LEU A 100 -7.55 -5.79 -23.23
C LEU A 100 -8.26 -7.06 -22.77
N GLU A 101 -9.55 -7.09 -22.95
CA GLU A 101 -10.34 -8.24 -22.59
C GLU A 101 -11.34 -8.50 -23.69
N ASN A 1 0.95 6.11 15.17
CA ASN A 1 1.38 5.95 13.78
C ASN A 1 2.30 7.10 13.43
N PRO A 2 3.26 6.91 12.49
CA PRO A 2 4.22 7.97 12.11
C PRO A 2 3.55 9.18 11.45
N TRP A 3 2.42 8.93 10.82
CA TRP A 3 1.68 9.97 10.12
C TRP A 3 0.59 10.62 10.98
N GLY A 4 0.03 9.87 11.90
CA GLY A 4 -1.03 10.41 12.70
C GLY A 4 -1.89 9.35 13.33
N ALA A 5 -3.19 9.53 13.19
CA ALA A 5 -4.17 8.68 13.83
C ALA A 5 -4.61 7.51 12.97
N GLU A 6 -4.66 7.69 11.64
CA GLU A 6 -5.13 6.61 10.74
C GLU A 6 -4.18 5.41 10.75
N SER A 7 -4.60 4.31 10.18
CA SER A 7 -3.79 3.13 10.17
C SER A 7 -3.06 3.03 8.86
N TYR A 8 -2.14 2.08 8.80
CA TYR A 8 -1.39 1.80 7.61
C TYR A 8 -2.35 1.50 6.50
N SER A 9 -3.15 0.46 6.69
CA SER A 9 -4.11 0.04 5.69
C SER A 9 -5.04 1.19 5.25
N ASP A 10 -5.36 2.13 6.18
CA ASP A 10 -6.18 3.31 5.84
C ASP A 10 -5.50 4.13 4.79
N LEU A 11 -4.26 4.46 5.02
CA LEU A 11 -3.52 5.24 4.07
C LEU A 11 -3.05 4.44 2.86
N ILE A 12 -2.68 3.19 3.08
CA ILE A 12 -2.24 2.31 1.99
C ILE A 12 -3.35 2.20 0.96
N ALA A 13 -4.58 2.00 1.44
CA ALA A 13 -5.73 1.89 0.56
C ALA A 13 -5.90 3.17 -0.25
N LYS A 14 -5.72 4.33 0.41
CA LYS A 14 -5.84 5.64 -0.27
C LYS A 14 -4.82 5.76 -1.39
N ALA A 15 -3.62 5.24 -1.16
CA ALA A 15 -2.59 5.27 -2.17
C ALA A 15 -3.02 4.43 -3.34
N LEU A 16 -3.41 3.20 -3.06
CA LEU A 16 -3.90 2.30 -4.08
C LEU A 16 -5.09 2.90 -4.81
N LYS A 17 -5.95 3.59 -4.04
CA LYS A 17 -7.17 4.22 -4.56
C LYS A 17 -6.93 5.17 -5.71
N SER A 18 -5.73 5.74 -5.79
CA SER A 18 -5.43 6.69 -6.84
C SER A 18 -5.34 6.02 -8.25
N THR A 19 -5.12 4.70 -8.27
CA THR A 19 -4.98 3.94 -9.51
C THR A 19 -5.49 2.51 -9.28
N PHE A 20 -6.48 2.42 -8.41
CA PHE A 20 -7.00 1.16 -7.84
C PHE A 20 -7.58 0.24 -8.90
N ASP A 21 -7.93 0.80 -10.01
CA ASP A 21 -8.56 0.02 -11.06
C ASP A 21 -7.53 -0.59 -11.97
N GLY A 22 -6.29 -0.33 -11.66
CA GLY A 22 -5.21 -0.93 -12.35
C GLY A 22 -4.32 -1.65 -11.37
N ARG A 23 -3.22 -1.03 -11.03
CA ARG A 23 -2.25 -1.56 -10.11
C ARG A 23 -1.42 -0.41 -9.59
N MET A 24 -0.79 -0.56 -8.46
CA MET A 24 0.11 0.48 -8.00
C MET A 24 1.41 -0.16 -7.68
N ARG A 25 2.46 0.45 -8.07
CA ARG A 25 3.73 -0.07 -7.77
C ARG A 25 4.08 0.20 -6.35
N LEU A 26 4.72 -0.74 -5.75
CA LEU A 26 5.04 -0.71 -4.35
C LEU A 26 5.88 0.53 -3.99
N ASN A 27 6.78 0.89 -4.88
CA ASN A 27 7.60 2.08 -4.71
C ASN A 27 6.80 3.37 -4.85
N GLU A 28 5.73 3.32 -5.64
CA GLU A 28 4.86 4.49 -5.84
C GLU A 28 4.00 4.73 -4.63
N ILE A 29 3.58 3.64 -3.98
CA ILE A 29 2.88 3.71 -2.70
C ILE A 29 3.70 4.52 -1.69
N TYR A 30 4.99 4.24 -1.62
CA TYR A 30 5.89 4.98 -0.72
C TYR A 30 5.95 6.45 -1.12
N ASN A 31 5.86 6.71 -2.40
CA ASN A 31 5.88 8.05 -2.93
C ASN A 31 4.58 8.80 -2.61
N TRP A 32 3.48 8.05 -2.54
CA TRP A 32 2.17 8.63 -2.21
C TRP A 32 2.21 9.23 -0.83
N PHE A 33 2.69 8.46 0.15
CA PHE A 33 2.81 8.92 1.52
C PHE A 33 3.69 10.14 1.61
N ALA A 34 4.82 10.08 0.94
CA ALA A 34 5.77 11.18 0.93
C ALA A 34 5.17 12.45 0.35
N SER A 35 4.34 12.28 -0.63
CA SER A 35 3.69 13.39 -1.28
C SER A 35 2.53 13.96 -0.46
N ASN A 36 1.69 13.08 0.09
CA ASN A 36 0.47 13.55 0.75
C ASN A 36 0.63 13.77 2.24
N VAL A 37 1.65 13.22 2.82
CA VAL A 37 1.90 13.39 4.23
C VAL A 37 3.21 14.17 4.41
N PRO A 38 3.15 15.33 5.09
CA PRO A 38 4.31 16.22 5.25
C PRO A 38 5.50 15.54 5.95
N TYR A 39 5.21 14.68 6.92
CA TYR A 39 6.24 13.95 7.65
C TYR A 39 7.01 13.00 6.74
N PHE A 40 6.34 12.41 5.79
CA PHE A 40 7.01 11.54 4.87
C PHE A 40 7.75 12.32 3.84
N GLY A 41 7.27 13.53 3.55
CA GLY A 41 7.94 14.40 2.63
C GLY A 41 9.37 14.74 3.08
N ASN A 42 9.59 14.75 4.39
CA ASN A 42 10.91 15.00 4.91
C ASN A 42 11.70 13.70 5.08
N ARG A 43 11.06 12.57 4.83
CA ARG A 43 11.71 11.27 4.84
C ARG A 43 11.56 10.55 3.51
N THR A 44 12.26 11.03 2.52
CA THR A 44 12.13 10.51 1.16
C THR A 44 13.40 9.85 0.66
N SER A 45 14.52 10.18 1.27
CA SER A 45 15.78 9.60 0.86
C SER A 45 15.75 8.10 1.16
N GLN A 46 16.57 7.34 0.47
CA GLN A 46 16.57 5.89 0.57
C GLN A 46 16.64 5.39 2.02
N GLU A 47 17.60 5.87 2.81
CA GLU A 47 17.69 5.47 4.21
C GLU A 47 16.61 6.15 5.04
N GLN A 48 16.28 7.38 4.69
CA GLN A 48 15.30 8.19 5.41
C GLN A 48 13.90 7.58 5.39
N SER A 49 13.56 6.97 4.30
CA SER A 49 12.25 6.42 4.13
C SER A 49 12.19 4.94 4.53
N ALA A 50 13.35 4.29 4.58
CA ALA A 50 13.47 2.85 4.81
C ALA A 50 12.64 2.33 5.98
N GLY A 51 12.73 2.95 7.13
CA GLY A 51 12.02 2.48 8.30
C GLY A 51 10.51 2.46 8.17
N TRP A 52 9.93 3.57 7.73
CA TRP A 52 8.49 3.61 7.62
C TRP A 52 8.01 2.75 6.44
N LYS A 53 8.86 2.66 5.42
CA LYS A 53 8.65 1.86 4.28
C LYS A 53 8.71 0.38 4.67
N ASN A 54 9.61 0.06 5.59
CA ASN A 54 9.76 -1.30 6.13
C ASN A 54 8.48 -1.75 6.82
N SER A 55 7.88 -0.81 7.51
CA SER A 55 6.67 -1.04 8.26
C SER A 55 5.50 -1.41 7.31
N ILE A 56 5.41 -0.68 6.20
CA ILE A 56 4.41 -0.95 5.16
C ILE A 56 4.59 -2.38 4.60
N ARG A 57 5.84 -2.73 4.25
CA ARG A 57 6.20 -4.07 3.72
C ARG A 57 5.77 -5.18 4.65
N HIS A 58 5.98 -4.98 5.94
CA HIS A 58 5.64 -5.98 6.93
C HIS A 58 4.13 -6.20 6.99
N ASN A 59 3.39 -5.12 7.05
CA ASN A 59 1.94 -5.18 7.12
C ASN A 59 1.31 -5.80 5.88
N LEU A 60 1.95 -5.56 4.73
CA LEU A 60 1.52 -6.17 3.46
C LEU A 60 1.57 -7.71 3.52
N SER A 61 2.39 -8.25 4.38
CA SER A 61 2.50 -9.69 4.50
C SER A 61 1.68 -10.22 5.68
N LEU A 62 0.82 -9.38 6.23
CA LEU A 62 0.01 -9.78 7.38
C LEU A 62 -1.45 -10.04 7.03
N HIS A 63 -1.89 -9.58 5.88
CA HIS A 63 -3.31 -9.73 5.54
C HIS A 63 -3.55 -10.42 4.22
N SER A 64 -4.68 -11.10 4.12
CA SER A 64 -5.10 -11.77 2.91
C SER A 64 -5.76 -10.78 1.97
N ARG A 65 -5.91 -9.53 2.44
CA ARG A 65 -6.46 -8.44 1.65
C ARG A 65 -5.39 -7.88 0.73
N PHE A 66 -4.26 -8.52 0.75
CA PHE A 66 -3.17 -8.18 -0.09
C PHE A 66 -3.17 -9.12 -1.29
N MET A 67 -3.03 -8.57 -2.46
CA MET A 67 -2.98 -9.37 -3.65
C MET A 67 -1.74 -8.95 -4.41
N ARG A 68 -0.88 -9.88 -4.73
CA ARG A 68 0.36 -9.54 -5.37
C ARG A 68 0.41 -10.06 -6.78
N ILE A 69 0.96 -9.28 -7.65
CA ILE A 69 1.13 -9.67 -9.01
C ILE A 69 2.59 -9.84 -9.27
N GLN A 70 2.92 -10.84 -9.97
CA GLN A 70 4.28 -11.14 -10.24
C GLN A 70 4.78 -10.27 -11.38
N ASN A 71 5.91 -9.68 -11.19
CA ASN A 71 6.55 -8.94 -12.23
C ASN A 71 7.43 -9.91 -12.95
N GLU A 72 6.93 -10.38 -14.02
CA GLU A 72 7.55 -11.42 -14.79
C GLU A 72 8.72 -10.86 -15.58
N GLY A 73 9.90 -11.14 -15.08
CA GLY A 73 11.10 -10.66 -15.66
C GLY A 73 12.18 -10.52 -14.61
N ALA A 74 12.46 -9.31 -14.22
CA ALA A 74 13.46 -9.03 -13.20
C ALA A 74 12.85 -8.93 -11.81
N GLY A 75 11.53 -8.84 -11.76
CA GLY A 75 10.85 -8.74 -10.48
C GLY A 75 11.02 -7.37 -9.86
N LYS A 76 11.25 -6.40 -10.69
CA LYS A 76 11.54 -5.05 -10.26
C LYS A 76 10.32 -4.20 -10.52
N SER A 77 10.17 -3.11 -9.74
CA SER A 77 9.02 -2.21 -9.87
C SER A 77 7.72 -2.98 -9.62
N SER A 78 7.83 -3.92 -8.69
CA SER A 78 6.75 -4.79 -8.28
C SER A 78 5.48 -4.00 -7.92
N TRP A 79 4.36 -4.54 -8.28
CA TRP A 79 3.10 -3.92 -8.08
C TRP A 79 2.14 -4.88 -7.43
N TRP A 80 1.28 -4.35 -6.63
CA TRP A 80 0.31 -5.15 -5.95
C TRP A 80 -1.00 -4.39 -5.88
N VAL A 81 -2.07 -5.08 -5.54
CA VAL A 81 -3.40 -4.51 -5.43
C VAL A 81 -4.08 -5.07 -4.21
N ILE A 82 -5.10 -4.43 -3.73
CA ILE A 82 -5.81 -4.94 -2.59
C ILE A 82 -6.76 -6.00 -3.07
N ASN A 83 -6.63 -7.19 -2.50
CA ASN A 83 -7.41 -8.35 -2.92
C ASN A 83 -8.89 -8.14 -2.63
N PRO A 84 -9.70 -8.13 -3.70
CA PRO A 84 -11.13 -7.91 -3.62
C PRO A 84 -11.89 -9.18 -3.25
N ASP A 85 -11.19 -10.28 -3.27
CA ASP A 85 -11.76 -11.57 -2.90
C ASP A 85 -11.70 -11.72 -1.38
N ALA A 86 -10.89 -10.88 -0.79
CA ALA A 86 -10.70 -10.88 0.64
C ALA A 86 -11.68 -9.96 1.32
N LYS A 87 -11.60 -8.73 0.95
CA LYS A 87 -12.43 -7.70 1.56
C LYS A 87 -13.75 -7.51 0.80
N PRO A 88 -14.80 -7.00 1.46
CA PRO A 88 -16.06 -6.67 0.80
C PRO A 88 -15.89 -5.44 -0.10
N GLY A 89 -16.39 -5.53 -1.30
CA GLY A 89 -16.28 -4.43 -2.23
C GLY A 89 -15.94 -4.93 -3.62
N ARG A 90 -16.61 -5.97 -4.03
CA ARG A 90 -16.38 -6.58 -5.32
C ARG A 90 -17.61 -7.39 -5.68
N ASN A 91 -17.98 -7.40 -6.95
CA ASN A 91 -19.10 -8.21 -7.39
C ASN A 91 -18.67 -9.65 -7.48
N PRO A 92 -19.52 -10.59 -7.01
CA PRO A 92 -19.20 -12.03 -7.03
C PRO A 92 -18.92 -12.52 -8.43
N ARG A 93 -17.85 -13.27 -8.58
CA ARG A 93 -17.50 -13.83 -9.85
C ARG A 93 -17.95 -15.27 -9.91
N ARG A 94 -18.33 -15.70 -11.08
CA ARG A 94 -18.75 -17.07 -11.32
C ARG A 94 -17.54 -17.93 -11.62
N GLN A 95 -17.63 -19.20 -11.32
CA GLN A 95 -16.54 -20.10 -11.55
C GLN A 95 -16.68 -20.71 -12.94
N ARG A 96 -15.58 -20.78 -13.68
CA ARG A 96 -15.62 -21.36 -15.02
C ARG A 96 -15.32 -22.86 -14.96
N SER A 97 -14.91 -23.29 -13.77
CA SER A 97 -14.57 -24.68 -13.45
C SER A 97 -13.22 -25.07 -14.07
N ALA A 98 -12.50 -25.96 -13.41
CA ALA A 98 -11.25 -26.45 -13.93
C ALA A 98 -11.53 -27.24 -15.19
N THR A 99 -10.98 -26.78 -16.28
CA THR A 99 -11.20 -27.42 -17.53
C THR A 99 -10.31 -28.65 -17.68
N LEU A 100 -10.85 -29.76 -17.22
CA LEU A 100 -10.18 -31.03 -17.25
C LEU A 100 -11.15 -32.05 -17.80
N GLU A 101 -10.69 -33.24 -18.00
CA GLU A 101 -11.54 -34.29 -18.50
C GLU A 101 -12.09 -35.09 -17.34
N ASN A 1 1.33 5.68 14.99
CA ASN A 1 1.58 5.63 13.55
C ASN A 1 2.45 6.81 13.18
N PRO A 2 3.38 6.63 12.22
CA PRO A 2 4.36 7.68 11.85
C PRO A 2 3.71 8.98 11.33
N TRP A 3 2.62 8.84 10.61
CA TRP A 3 1.93 9.98 10.01
C TRP A 3 0.96 10.68 10.98
N GLY A 4 0.36 9.92 11.88
CA GLY A 4 -0.63 10.49 12.77
C GLY A 4 -1.50 9.43 13.40
N ALA A 5 -2.80 9.65 13.41
CA ALA A 5 -3.73 8.74 14.08
C ALA A 5 -4.40 7.74 13.14
N GLU A 6 -4.33 7.98 11.84
CA GLU A 6 -4.86 7.06 10.84
C GLU A 6 -4.04 5.78 10.86
N SER A 7 -4.53 4.73 10.29
CA SER A 7 -3.78 3.52 10.31
C SER A 7 -3.21 3.27 8.93
N TYR A 8 -2.37 2.28 8.82
CA TYR A 8 -1.69 1.93 7.60
C TYR A 8 -2.68 1.66 6.51
N SER A 9 -3.52 0.66 6.71
CA SER A 9 -4.47 0.24 5.69
C SER A 9 -5.40 1.39 5.25
N ASP A 10 -5.67 2.33 6.18
CA ASP A 10 -6.47 3.51 5.86
C ASP A 10 -5.79 4.32 4.79
N LEU A 11 -4.53 4.63 5.02
CA LEU A 11 -3.78 5.41 4.08
C LEU A 11 -3.31 4.60 2.87
N ILE A 12 -2.96 3.33 3.08
CA ILE A 12 -2.51 2.45 1.98
C ILE A 12 -3.59 2.36 0.94
N ALA A 13 -4.84 2.21 1.38
CA ALA A 13 -5.95 2.14 0.47
C ALA A 13 -6.08 3.42 -0.33
N LYS A 14 -5.86 4.58 0.33
CA LYS A 14 -5.92 5.87 -0.36
C LYS A 14 -4.87 5.94 -1.44
N ALA A 15 -3.70 5.41 -1.14
CA ALA A 15 -2.60 5.38 -2.08
C ALA A 15 -3.01 4.60 -3.29
N LEU A 16 -3.48 3.39 -3.06
CA LEU A 16 -3.98 2.54 -4.14
C LEU A 16 -5.08 3.26 -4.91
N LYS A 17 -5.93 4.00 -4.20
CA LYS A 17 -7.02 4.72 -4.79
C LYS A 17 -6.61 5.82 -5.78
N SER A 18 -5.32 6.15 -5.87
CA SER A 18 -4.89 7.13 -6.85
C SER A 18 -4.65 6.46 -8.23
N THR A 19 -4.85 5.15 -8.28
CA THR A 19 -4.65 4.34 -9.48
C THR A 19 -5.45 3.02 -9.29
N PHE A 20 -6.57 3.14 -8.59
CA PHE A 20 -7.36 1.99 -8.10
C PHE A 20 -7.96 1.20 -9.25
N ASP A 21 -8.01 1.80 -10.40
CA ASP A 21 -8.59 1.16 -11.57
C ASP A 21 -7.54 0.41 -12.33
N GLY A 22 -6.32 0.63 -11.95
CA GLY A 22 -5.21 0.00 -12.58
C GLY A 22 -4.46 -0.85 -11.60
N ARG A 23 -3.31 -0.38 -11.18
CA ARG A 23 -2.44 -1.09 -10.28
C ARG A 23 -1.49 -0.10 -9.64
N MET A 24 -0.94 -0.43 -8.50
CA MET A 24 0.04 0.43 -7.91
C MET A 24 1.23 -0.39 -7.56
N ARG A 25 2.36 0.14 -7.79
CA ARG A 25 3.57 -0.52 -7.47
C ARG A 25 3.93 -0.25 -6.04
N LEU A 26 4.66 -1.18 -5.46
CA LEU A 26 5.04 -1.13 -4.03
C LEU A 26 5.70 0.24 -3.72
N ASN A 27 6.61 0.66 -4.60
CA ASN A 27 7.35 1.91 -4.45
C ASN A 27 6.46 3.15 -4.64
N GLU A 28 5.43 3.03 -5.48
CA GLU A 28 4.54 4.16 -5.74
C GLU A 28 3.70 4.47 -4.52
N ILE A 29 3.31 3.42 -3.81
CA ILE A 29 2.64 3.55 -2.53
C ILE A 29 3.48 4.43 -1.59
N TYR A 30 4.77 4.15 -1.52
CA TYR A 30 5.68 4.95 -0.70
C TYR A 30 5.72 6.40 -1.19
N ASN A 31 5.72 6.58 -2.49
CA ASN A 31 5.73 7.92 -3.09
C ASN A 31 4.47 8.69 -2.71
N TRP A 32 3.36 7.97 -2.59
CA TRP A 32 2.10 8.58 -2.22
C TRP A 32 2.18 9.19 -0.84
N PHE A 33 2.66 8.40 0.13
CA PHE A 33 2.81 8.87 1.51
C PHE A 33 3.70 10.08 1.57
N ALA A 34 4.76 10.04 0.81
CA ALA A 34 5.72 11.15 0.78
C ALA A 34 5.07 12.40 0.20
N SER A 35 4.23 12.20 -0.79
CA SER A 35 3.55 13.28 -1.45
C SER A 35 2.38 13.84 -0.60
N ASN A 36 1.56 12.97 -0.01
CA ASN A 36 0.38 13.44 0.72
C ASN A 36 0.66 13.77 2.17
N VAL A 37 1.68 13.17 2.72
CA VAL A 37 1.99 13.38 4.11
C VAL A 37 3.33 14.11 4.25
N PRO A 38 3.29 15.36 4.79
CA PRO A 38 4.48 16.18 4.98
C PRO A 38 5.61 15.46 5.73
N TYR A 39 5.25 14.66 6.72
CA TYR A 39 6.22 13.87 7.49
C TYR A 39 7.09 12.98 6.58
N PHE A 40 6.45 12.30 5.66
CA PHE A 40 7.15 11.41 4.75
C PHE A 40 7.87 12.16 3.67
N GLY A 41 7.35 13.33 3.32
CA GLY A 41 8.03 14.18 2.34
C GLY A 41 9.42 14.57 2.85
N ASN A 42 9.59 14.55 4.16
CA ASN A 42 10.85 14.83 4.80
C ASN A 42 11.71 13.56 4.91
N ARG A 43 11.10 12.41 4.72
CA ARG A 43 11.82 11.14 4.75
C ARG A 43 11.69 10.38 3.44
N THR A 44 12.33 10.92 2.42
CA THR A 44 12.32 10.35 1.10
C THR A 44 13.69 9.78 0.71
N SER A 45 14.64 9.87 1.63
CA SER A 45 15.97 9.38 1.37
C SER A 45 15.99 7.86 1.60
N GLN A 46 16.99 7.18 1.08
CA GLN A 46 17.07 5.70 1.10
C GLN A 46 16.89 5.11 2.49
N GLU A 47 17.63 5.61 3.45
CA GLU A 47 17.53 5.09 4.80
C GLU A 47 16.41 5.77 5.57
N GLN A 48 16.19 7.05 5.26
CA GLN A 48 15.14 7.80 5.92
C GLN A 48 13.77 7.26 5.63
N SER A 49 13.57 6.75 4.46
CA SER A 49 12.30 6.20 4.11
C SER A 49 12.21 4.72 4.47
N ALA A 50 13.37 4.06 4.56
CA ALA A 50 13.47 2.62 4.80
C ALA A 50 12.65 2.15 5.98
N GLY A 51 12.76 2.85 7.09
CA GLY A 51 12.06 2.43 8.29
C GLY A 51 10.57 2.43 8.14
N TRP A 52 9.99 3.50 7.59
CA TRP A 52 8.57 3.54 7.46
C TRP A 52 8.10 2.61 6.34
N LYS A 53 8.99 2.36 5.37
CA LYS A 53 8.74 1.35 4.36
C LYS A 53 8.59 0.01 5.01
N ASN A 54 9.44 -0.25 5.99
CA ASN A 54 9.40 -1.53 6.71
C ASN A 54 8.10 -1.71 7.41
N SER A 55 7.54 -0.65 7.96
CA SER A 55 6.27 -0.71 8.62
C SER A 55 5.14 -1.12 7.63
N ILE A 56 5.12 -0.46 6.48
CA ILE A 56 4.13 -0.73 5.44
C ILE A 56 4.30 -2.14 4.87
N ARG A 57 5.52 -2.49 4.52
CA ARG A 57 5.83 -3.75 3.91
C ARG A 57 5.54 -4.90 4.90
N HIS A 58 5.81 -4.66 6.19
CA HIS A 58 5.53 -5.62 7.26
C HIS A 58 4.04 -5.93 7.29
N ASN A 59 3.22 -4.90 7.27
CA ASN A 59 1.77 -5.06 7.29
C ASN A 59 1.26 -5.76 6.05
N LEU A 60 1.85 -5.47 4.91
CA LEU A 60 1.54 -6.20 3.68
C LEU A 60 1.82 -7.70 3.85
N SER A 61 2.87 -8.02 4.59
CA SER A 61 3.24 -9.40 4.83
C SER A 61 2.26 -10.06 5.85
N LEU A 62 1.49 -9.25 6.55
CA LEU A 62 0.52 -9.77 7.53
C LEU A 62 -0.87 -9.88 6.88
N HIS A 63 -1.23 -8.86 6.15
CA HIS A 63 -2.55 -8.73 5.53
C HIS A 63 -2.47 -9.22 4.08
N SER A 64 -1.75 -10.31 3.87
CA SER A 64 -1.46 -10.90 2.54
C SER A 64 -2.70 -11.53 1.82
N ARG A 65 -3.89 -10.99 2.06
CA ARG A 65 -5.11 -11.43 1.39
C ARG A 65 -5.30 -10.60 0.14
N PHE A 66 -4.31 -9.81 -0.17
CA PHE A 66 -4.33 -8.96 -1.34
C PHE A 66 -3.61 -9.71 -2.43
N MET A 67 -3.85 -9.35 -3.64
CA MET A 67 -3.33 -10.08 -4.75
C MET A 67 -2.44 -9.20 -5.59
N ARG A 68 -1.46 -9.81 -6.20
CA ARG A 68 -0.56 -9.11 -7.07
C ARG A 68 -1.15 -9.17 -8.44
N ILE A 69 -1.04 -8.12 -9.17
CA ILE A 69 -1.69 -8.03 -10.43
C ILE A 69 -0.78 -8.45 -11.54
N GLN A 70 -1.16 -9.45 -12.23
CA GLN A 70 -0.37 -9.93 -13.31
C GLN A 70 -0.56 -9.02 -14.51
N ASN A 71 0.53 -8.51 -15.03
CA ASN A 71 0.45 -7.65 -16.19
C ASN A 71 0.39 -8.51 -17.42
N GLU A 72 0.21 -7.90 -18.56
CA GLU A 72 0.15 -8.63 -19.81
C GLU A 72 1.53 -9.15 -20.17
N GLY A 73 1.75 -10.40 -19.85
CA GLY A 73 3.02 -11.01 -20.07
C GLY A 73 3.67 -11.35 -18.77
N ALA A 74 4.61 -10.53 -18.34
CA ALA A 74 5.33 -10.70 -17.09
C ALA A 74 6.09 -9.44 -16.79
N GLY A 75 6.39 -9.21 -15.53
CA GLY A 75 7.13 -8.03 -15.16
C GLY A 75 7.74 -8.15 -13.79
N LYS A 76 8.83 -7.44 -13.55
CA LYS A 76 9.50 -7.50 -12.26
C LYS A 76 9.05 -6.38 -11.36
N SER A 77 8.38 -5.40 -11.93
CA SER A 77 7.83 -4.32 -11.18
C SER A 77 6.76 -4.84 -10.23
N SER A 78 7.10 -4.88 -8.96
CA SER A 78 6.18 -5.39 -7.96
C SER A 78 4.97 -4.48 -7.77
N TRP A 79 3.83 -4.97 -8.20
CA TRP A 79 2.58 -4.32 -8.07
C TRP A 79 1.56 -5.18 -7.32
N TRP A 80 0.65 -4.55 -6.68
CA TRP A 80 -0.39 -5.27 -6.02
C TRP A 80 -1.66 -4.46 -6.02
N VAL A 81 -2.76 -5.11 -5.82
CA VAL A 81 -4.05 -4.47 -5.76
C VAL A 81 -4.82 -5.03 -4.58
N ILE A 82 -5.81 -4.31 -4.12
CA ILE A 82 -6.58 -4.78 -3.01
C ILE A 82 -7.62 -5.74 -3.51
N ASN A 83 -7.50 -6.96 -3.06
CA ASN A 83 -8.34 -8.06 -3.47
C ASN A 83 -9.75 -7.83 -2.97
N PRO A 84 -10.72 -7.73 -3.90
CA PRO A 84 -12.12 -7.42 -3.57
C PRO A 84 -12.81 -8.57 -2.85
N ASP A 85 -12.20 -9.73 -2.92
CA ASP A 85 -12.73 -10.93 -2.31
C ASP A 85 -12.18 -11.08 -0.87
N ALA A 86 -11.29 -10.19 -0.49
CA ALA A 86 -10.67 -10.27 0.81
C ALA A 86 -10.51 -8.91 1.47
N LYS A 87 -11.34 -7.98 1.11
CA LYS A 87 -11.25 -6.67 1.69
C LYS A 87 -12.04 -6.57 3.00
N PRO A 88 -11.41 -6.04 4.07
CA PRO A 88 -12.06 -5.93 5.39
C PRO A 88 -12.99 -4.71 5.47
N GLY A 89 -13.07 -3.99 4.40
CA GLY A 89 -13.85 -2.82 4.31
C GLY A 89 -13.04 -1.71 3.73
N ARG A 90 -13.67 -0.81 3.05
CA ARG A 90 -12.96 0.28 2.47
C ARG A 90 -12.97 1.46 3.44
N ASN A 91 -11.88 1.55 4.20
CA ASN A 91 -11.69 2.54 5.28
C ASN A 91 -12.02 3.96 4.83
N PRO A 92 -12.73 4.73 5.68
CA PRO A 92 -13.13 6.11 5.39
C PRO A 92 -11.92 7.03 5.25
N ARG A 93 -11.97 7.89 4.26
CA ARG A 93 -10.87 8.79 3.97
C ARG A 93 -11.21 10.16 4.46
N ARG A 94 -10.21 10.98 4.66
CA ARG A 94 -10.43 12.35 5.01
C ARG A 94 -10.84 13.05 3.73
N GLN A 95 -11.99 13.67 3.75
CA GLN A 95 -12.50 14.28 2.53
C GLN A 95 -11.93 15.67 2.29
N ARG A 96 -11.22 16.20 3.27
CA ARG A 96 -10.64 17.51 3.12
C ARG A 96 -9.29 17.44 2.41
N SER A 97 -9.36 17.52 1.08
CA SER A 97 -8.19 17.57 0.19
C SER A 97 -7.23 16.36 0.41
N ALA A 98 -6.04 16.51 -0.11
CA ALA A 98 -4.99 15.54 0.04
C ALA A 98 -3.86 16.22 0.77
N THR A 99 -3.40 17.33 0.19
CA THR A 99 -2.36 18.16 0.74
C THR A 99 -2.11 19.27 -0.27
N LEU A 100 -1.55 20.36 0.15
CA LEU A 100 -1.21 21.42 -0.77
C LEU A 100 0.26 21.37 -1.02
N GLU A 101 0.62 21.28 -2.26
CA GLU A 101 1.99 21.12 -2.66
C GLU A 101 2.47 22.30 -3.52
N ASN A 1 1.49 5.25 14.81
CA ASN A 1 1.83 5.24 13.38
C ASN A 1 2.54 6.55 13.05
N PRO A 2 3.54 6.53 12.15
CA PRO A 2 4.40 7.70 11.88
C PRO A 2 3.65 8.98 11.43
N TRP A 3 2.52 8.82 10.78
CA TRP A 3 1.73 9.96 10.29
C TRP A 3 0.63 10.40 11.28
N GLY A 4 0.17 9.46 12.10
CA GLY A 4 -0.93 9.74 13.00
C GLY A 4 -1.58 8.46 13.49
N ALA A 5 -2.90 8.42 13.52
CA ALA A 5 -3.64 7.26 14.04
C ALA A 5 -4.24 6.38 12.94
N GLU A 6 -4.34 6.92 11.72
CA GLU A 6 -4.83 6.18 10.54
C GLU A 6 -3.99 4.95 10.36
N SER A 7 -4.57 3.89 9.89
CA SER A 7 -3.84 2.66 9.78
C SER A 7 -3.06 2.70 8.50
N TYR A 8 -2.01 1.89 8.42
CA TYR A 8 -1.23 1.79 7.22
C TYR A 8 -2.12 1.42 6.11
N SER A 9 -2.72 0.26 6.21
CA SER A 9 -3.62 -0.26 5.18
C SER A 9 -4.74 0.76 4.80
N ASP A 10 -5.16 1.60 5.75
CA ASP A 10 -6.17 2.63 5.48
C ASP A 10 -5.62 3.72 4.57
N LEU A 11 -4.42 4.19 4.86
CA LEU A 11 -3.78 5.15 4.00
C LEU A 11 -3.23 4.51 2.72
N ILE A 12 -2.75 3.29 2.82
CA ILE A 12 -2.23 2.56 1.67
C ILE A 12 -3.33 2.38 0.65
N ALA A 13 -4.54 2.11 1.14
CA ALA A 13 -5.69 2.01 0.28
C ALA A 13 -5.91 3.29 -0.50
N LYS A 14 -5.73 4.45 0.17
CA LYS A 14 -5.87 5.76 -0.52
C LYS A 14 -4.90 5.86 -1.68
N ALA A 15 -3.69 5.35 -1.47
CA ALA A 15 -2.67 5.35 -2.49
C ALA A 15 -3.13 4.54 -3.66
N LEU A 16 -3.52 3.29 -3.38
CA LEU A 16 -4.06 2.38 -4.39
C LEU A 16 -5.23 3.02 -5.10
N LYS A 17 -6.11 3.63 -4.32
CA LYS A 17 -7.30 4.27 -4.83
C LYS A 17 -7.04 5.38 -5.83
N SER A 18 -5.82 5.89 -5.88
CA SER A 18 -5.46 6.92 -6.79
C SER A 18 -5.27 6.37 -8.22
N THR A 19 -5.37 5.04 -8.35
CA THR A 19 -5.24 4.38 -9.63
C THR A 19 -5.80 2.94 -9.47
N PHE A 20 -6.85 2.85 -8.66
CA PHE A 20 -7.44 1.57 -8.19
C PHE A 20 -8.01 0.76 -9.33
N ASP A 21 -8.26 1.43 -10.42
CA ASP A 21 -8.87 0.81 -11.58
C ASP A 21 -7.84 0.02 -12.35
N GLY A 22 -6.60 0.21 -12.00
CA GLY A 22 -5.55 -0.52 -12.59
C GLY A 22 -4.74 -1.22 -11.54
N ARG A 23 -3.61 -0.67 -11.21
CA ARG A 23 -2.72 -1.27 -10.24
C ARG A 23 -1.77 -0.21 -9.71
N MET A 24 -1.19 -0.43 -8.56
CA MET A 24 -0.20 0.50 -8.09
C MET A 24 1.03 -0.27 -7.74
N ARG A 25 2.15 0.25 -8.07
CA ARG A 25 3.37 -0.41 -7.78
C ARG A 25 3.80 -0.08 -6.38
N LEU A 26 4.46 -1.02 -5.75
CA LEU A 26 4.87 -0.92 -4.37
C LEU A 26 5.74 0.33 -4.08
N ASN A 27 6.64 0.68 -5.00
CA ASN A 27 7.45 1.90 -4.85
C ASN A 27 6.60 3.16 -4.98
N GLU A 28 5.53 3.07 -5.76
CA GLU A 28 4.66 4.22 -5.99
C GLU A 28 3.81 4.48 -4.78
N ILE A 29 3.41 3.41 -4.10
CA ILE A 29 2.73 3.52 -2.81
C ILE A 29 3.58 4.34 -1.85
N TYR A 30 4.87 4.06 -1.81
CA TYR A 30 5.80 4.82 -0.97
C TYR A 30 5.84 6.28 -1.42
N ASN A 31 5.87 6.48 -2.73
CA ASN A 31 5.90 7.83 -3.32
C ASN A 31 4.67 8.62 -2.91
N TRP A 32 3.52 7.95 -2.91
CA TRP A 32 2.25 8.55 -2.53
C TRP A 32 2.36 9.12 -1.12
N PHE A 33 2.87 8.33 -0.20
CA PHE A 33 3.02 8.76 1.18
C PHE A 33 3.90 9.97 1.32
N ALA A 34 5.02 9.95 0.65
CA ALA A 34 5.96 11.08 0.71
C ALA A 34 5.35 12.34 0.09
N SER A 35 4.58 12.13 -0.94
CA SER A 35 3.95 13.21 -1.67
C SER A 35 2.75 13.80 -0.89
N ASN A 36 1.94 12.96 -0.25
CA ASN A 36 0.72 13.44 0.41
C ASN A 36 0.91 13.69 1.91
N VAL A 37 1.85 13.01 2.50
CA VAL A 37 2.08 13.16 3.93
C VAL A 37 3.36 13.94 4.14
N PRO A 38 3.28 15.14 4.76
CA PRO A 38 4.44 16.01 4.98
C PRO A 38 5.53 15.31 5.81
N TYR A 39 5.10 14.44 6.73
CA TYR A 39 6.00 13.68 7.56
C TYR A 39 6.94 12.85 6.68
N PHE A 40 6.36 12.20 5.68
CA PHE A 40 7.12 11.36 4.78
C PHE A 40 7.89 12.13 3.77
N GLY A 41 7.41 13.30 3.41
CA GLY A 41 8.15 14.18 2.51
C GLY A 41 9.51 14.57 3.10
N ASN A 42 9.61 14.43 4.43
CA ASN A 42 10.83 14.68 5.18
C ASN A 42 11.64 13.39 5.35
N ARG A 43 11.06 12.29 4.95
CA ARG A 43 11.72 11.00 4.98
C ARG A 43 11.76 10.39 3.60
N THR A 44 12.40 11.07 2.69
CA THR A 44 12.44 10.65 1.30
C THR A 44 13.78 10.07 0.90
N SER A 45 14.82 10.31 1.69
CA SER A 45 16.12 9.78 1.36
C SER A 45 16.14 8.28 1.61
N GLN A 46 17.14 7.59 1.13
CA GLN A 46 17.16 6.13 1.14
C GLN A 46 17.05 5.54 2.54
N GLU A 47 17.88 5.98 3.45
CA GLU A 47 17.85 5.45 4.80
C GLU A 47 16.74 6.13 5.60
N GLN A 48 16.32 7.27 5.12
CA GLN A 48 15.22 8.02 5.72
C GLN A 48 13.88 7.38 5.44
N SER A 49 13.79 6.63 4.38
CA SER A 49 12.53 6.04 3.99
C SER A 49 12.46 4.54 4.27
N ALA A 50 13.62 3.91 4.41
CA ALA A 50 13.72 2.46 4.58
C ALA A 50 12.86 1.93 5.74
N GLY A 51 12.91 2.60 6.87
CA GLY A 51 12.19 2.12 8.02
C GLY A 51 10.69 2.19 7.87
N TRP A 52 10.18 3.28 7.32
CA TRP A 52 8.76 3.35 7.16
C TRP A 52 8.28 2.45 6.02
N LYS A 53 9.17 2.18 5.05
CA LYS A 53 8.90 1.17 4.05
C LYS A 53 8.74 -0.18 4.71
N ASN A 54 9.66 -0.48 5.65
CA ASN A 54 9.58 -1.74 6.39
C ASN A 54 8.30 -1.79 7.20
N SER A 55 7.90 -0.65 7.73
CA SER A 55 6.69 -0.54 8.50
C SER A 55 5.44 -0.88 7.64
N ILE A 56 5.41 -0.37 6.42
CA ILE A 56 4.34 -0.69 5.45
C ILE A 56 4.40 -2.17 5.07
N ARG A 57 5.60 -2.66 4.84
CA ARG A 57 5.82 -4.07 4.55
C ARG A 57 5.36 -4.97 5.68
N HIS A 58 5.53 -4.51 6.92
CA HIS A 58 5.05 -5.25 8.10
C HIS A 58 3.57 -5.51 7.96
N ASN A 59 2.82 -4.46 7.66
CA ASN A 59 1.36 -4.55 7.52
C ASN A 59 0.94 -5.34 6.32
N LEU A 60 1.65 -5.22 5.23
CA LEU A 60 1.39 -6.02 4.06
C LEU A 60 1.58 -7.50 4.36
N SER A 61 2.65 -7.83 5.05
CA SER A 61 2.93 -9.21 5.40
C SER A 61 1.92 -9.77 6.44
N LEU A 62 1.24 -8.87 7.15
CA LEU A 62 0.26 -9.27 8.18
C LEU A 62 -1.14 -9.42 7.59
N HIS A 63 -1.38 -8.86 6.43
CA HIS A 63 -2.72 -8.88 5.87
C HIS A 63 -2.77 -9.57 4.53
N SER A 64 -3.65 -10.54 4.41
CA SER A 64 -3.89 -11.22 3.16
C SER A 64 -4.98 -10.48 2.37
N ARG A 65 -5.05 -9.18 2.60
CA ARG A 65 -6.03 -8.29 2.00
C ARG A 65 -5.59 -7.81 0.62
N PHE A 66 -4.56 -8.38 0.11
CA PHE A 66 -4.07 -8.00 -1.16
C PHE A 66 -3.66 -9.21 -1.96
N MET A 67 -3.62 -9.06 -3.24
CA MET A 67 -3.23 -10.11 -4.13
C MET A 67 -1.99 -9.69 -4.84
N ARG A 68 -1.03 -10.52 -4.73
CA ARG A 68 0.33 -10.26 -5.18
C ARG A 68 0.57 -10.86 -6.55
N ILE A 69 1.29 -10.16 -7.36
CA ILE A 69 1.65 -10.61 -8.64
C ILE A 69 3.15 -10.43 -8.88
N GLN A 70 3.75 -11.42 -9.46
CA GLN A 70 5.16 -11.39 -9.77
C GLN A 70 5.33 -10.93 -11.19
N ASN A 71 6.13 -9.90 -11.39
CA ASN A 71 6.36 -9.35 -12.74
C ASN A 71 7.51 -10.10 -13.40
N GLU A 72 8.22 -10.74 -12.57
CA GLU A 72 9.38 -11.52 -12.88
C GLU A 72 9.67 -12.24 -11.61
N GLY A 73 9.65 -11.46 -10.60
CA GLY A 73 9.76 -11.86 -9.26
C GLY A 73 9.07 -10.84 -8.42
N ALA A 74 9.48 -10.69 -7.20
CA ALA A 74 8.89 -9.69 -6.33
C ALA A 74 9.71 -8.41 -6.35
N GLY A 75 10.68 -8.37 -7.25
CA GLY A 75 11.53 -7.21 -7.38
C GLY A 75 11.20 -6.42 -8.63
N LYS A 76 12.21 -5.75 -9.21
CA LYS A 76 12.07 -4.87 -10.38
C LYS A 76 11.20 -3.67 -10.05
N SER A 77 9.92 -3.87 -10.15
CA SER A 77 8.94 -2.93 -9.79
C SER A 77 7.64 -3.69 -9.61
N SER A 78 7.56 -4.39 -8.52
CA SER A 78 6.44 -5.23 -8.22
C SER A 78 5.19 -4.43 -7.89
N TRP A 79 4.07 -5.01 -8.15
CA TRP A 79 2.82 -4.41 -7.89
C TRP A 79 1.91 -5.35 -7.21
N TRP A 80 1.02 -4.81 -6.45
CA TRP A 80 0.07 -5.59 -5.75
C TRP A 80 -1.24 -4.84 -5.76
N VAL A 81 -2.33 -5.56 -5.66
CA VAL A 81 -3.66 -4.96 -5.66
C VAL A 81 -4.45 -5.45 -4.47
N ILE A 82 -5.46 -4.71 -4.06
CA ILE A 82 -6.27 -5.11 -2.91
C ILE A 82 -7.33 -6.10 -3.37
N ASN A 83 -7.49 -7.18 -2.61
CA ASN A 83 -8.44 -8.23 -2.99
C ASN A 83 -9.91 -7.75 -2.84
N PRO A 84 -10.68 -7.77 -3.93
CA PRO A 84 -12.06 -7.26 -3.94
C PRO A 84 -13.02 -8.07 -3.04
N ASP A 85 -12.63 -9.27 -2.72
CA ASP A 85 -13.45 -10.16 -1.90
C ASP A 85 -13.38 -9.80 -0.43
N ALA A 86 -12.40 -9.01 -0.08
CA ALA A 86 -12.20 -8.68 1.31
C ALA A 86 -12.73 -7.30 1.67
N LYS A 87 -13.00 -6.52 0.67
CA LYS A 87 -13.49 -5.17 0.91
C LYS A 87 -15.01 -5.09 0.82
N PRO A 88 -15.65 -4.52 1.84
CA PRO A 88 -17.10 -4.38 1.87
C PRO A 88 -17.57 -3.21 1.00
N GLY A 89 -18.44 -3.50 0.07
CA GLY A 89 -18.95 -2.46 -0.79
C GLY A 89 -20.03 -1.68 -0.11
N ARG A 90 -20.74 -2.33 0.79
CA ARG A 90 -21.81 -1.69 1.51
C ARG A 90 -21.44 -1.60 2.96
N ASN A 91 -21.60 -0.42 3.53
CA ASN A 91 -21.29 -0.13 4.94
C ASN A 91 -19.79 -0.19 5.22
N PRO A 92 -19.08 0.93 5.01
CA PRO A 92 -17.67 1.05 5.36
C PRO A 92 -17.52 1.36 6.85
N ARG A 93 -16.30 1.57 7.30
CA ARG A 93 -16.05 1.84 8.71
C ARG A 93 -16.01 3.35 8.97
N ARG A 94 -16.41 4.14 7.96
CA ARG A 94 -16.32 5.60 7.99
C ARG A 94 -14.85 6.02 7.93
N GLN A 95 -14.48 6.60 6.83
CA GLN A 95 -13.12 6.97 6.58
C GLN A 95 -12.80 8.28 7.30
N ARG A 96 -11.54 8.42 7.73
CA ARG A 96 -11.08 9.61 8.46
C ARG A 96 -11.23 10.89 7.64
N SER A 97 -11.03 10.79 6.36
CA SER A 97 -11.13 11.95 5.52
C SER A 97 -12.08 11.75 4.35
N ALA A 98 -12.86 12.78 4.08
CA ALA A 98 -13.78 12.80 2.99
C ALA A 98 -13.27 13.77 1.94
N THR A 99 -12.76 13.24 0.88
CA THR A 99 -12.18 14.04 -0.15
C THR A 99 -13.02 13.97 -1.42
N LEU A 100 -13.19 15.10 -2.06
CA LEU A 100 -13.83 15.19 -3.34
C LEU A 100 -12.81 15.67 -4.35
N GLU A 101 -12.25 14.74 -5.08
CA GLU A 101 -11.18 15.00 -6.00
C GLU A 101 -11.70 15.56 -7.31
N ASN A 1 1.39 5.06 14.73
CA ASN A 1 1.69 5.12 13.31
C ASN A 1 2.49 6.37 13.05
N PRO A 2 3.47 6.34 12.11
CA PRO A 2 4.35 7.49 11.86
C PRO A 2 3.61 8.76 11.38
N TRP A 3 2.58 8.57 10.57
CA TRP A 3 1.81 9.68 10.00
C TRP A 3 0.77 10.24 10.99
N GLY A 4 0.22 9.38 11.85
CA GLY A 4 -0.82 9.81 12.74
C GLY A 4 -1.61 8.65 13.30
N ALA A 5 -2.93 8.76 13.31
CA ALA A 5 -3.79 7.74 13.90
C ALA A 5 -4.35 6.73 12.90
N GLU A 6 -4.41 7.09 11.60
CA GLU A 6 -4.86 6.14 10.55
C GLU A 6 -3.97 4.92 10.52
N SER A 7 -4.46 3.86 9.98
CA SER A 7 -3.68 2.66 9.95
C SER A 7 -3.06 2.55 8.58
N TYR A 8 -2.06 1.71 8.49
CA TYR A 8 -1.36 1.46 7.24
C TYR A 8 -2.33 1.12 6.15
N SER A 9 -3.10 0.06 6.36
CA SER A 9 -4.03 -0.41 5.34
C SER A 9 -5.00 0.70 4.88
N ASP A 10 -5.39 1.57 5.82
CA ASP A 10 -6.28 2.70 5.50
C ASP A 10 -5.62 3.62 4.50
N LEU A 11 -4.41 4.03 4.80
CA LEU A 11 -3.70 4.91 3.90
C LEU A 11 -3.20 4.19 2.66
N ILE A 12 -2.83 2.93 2.79
CA ILE A 12 -2.40 2.12 1.64
C ILE A 12 -3.53 2.05 0.62
N ALA A 13 -4.74 1.86 1.12
CA ALA A 13 -5.92 1.82 0.28
C ALA A 13 -6.11 3.16 -0.45
N LYS A 14 -5.70 4.26 0.18
CA LYS A 14 -5.83 5.58 -0.44
C LYS A 14 -4.76 5.76 -1.51
N ALA A 15 -3.65 5.11 -1.33
CA ALA A 15 -2.60 5.15 -2.32
C ALA A 15 -3.05 4.33 -3.49
N LEU A 16 -3.45 3.10 -3.18
CA LEU A 16 -3.89 2.13 -4.14
C LEU A 16 -5.07 2.71 -4.91
N LYS A 17 -5.94 3.44 -4.19
CA LYS A 17 -7.15 4.03 -4.75
C LYS A 17 -6.87 4.97 -5.93
N SER A 18 -5.68 5.55 -5.94
CA SER A 18 -5.28 6.50 -6.97
C SER A 18 -5.10 5.82 -8.35
N THR A 19 -5.20 4.51 -8.36
CA THR A 19 -5.08 3.72 -9.54
C THR A 19 -5.78 2.37 -9.24
N PHE A 20 -6.87 2.48 -8.46
CA PHE A 20 -7.60 1.35 -7.85
C PHE A 20 -8.18 0.43 -8.91
N ASP A 21 -8.32 0.96 -10.08
CA ASP A 21 -8.94 0.23 -11.18
C ASP A 21 -7.92 -0.66 -11.85
N GLY A 22 -6.70 -0.56 -11.43
CA GLY A 22 -5.66 -1.38 -11.94
C GLY A 22 -4.86 -1.97 -10.83
N ARG A 23 -3.70 -1.43 -10.61
CA ARG A 23 -2.78 -1.91 -9.62
C ARG A 23 -1.82 -0.83 -9.27
N MET A 24 -1.22 -0.90 -8.12
CA MET A 24 -0.26 0.11 -7.79
C MET A 24 1.04 -0.55 -7.56
N ARG A 25 2.09 0.11 -7.92
CA ARG A 25 3.37 -0.41 -7.69
C ARG A 25 3.81 -0.02 -6.31
N LEU A 26 4.52 -0.90 -5.68
CA LEU A 26 4.88 -0.76 -4.29
C LEU A 26 5.78 0.45 -4.04
N ASN A 27 6.64 0.75 -4.98
CA ASN A 27 7.52 1.92 -4.88
C ASN A 27 6.68 3.19 -4.96
N GLU A 28 5.61 3.11 -5.74
CA GLU A 28 4.74 4.24 -5.95
C GLU A 28 3.84 4.50 -4.78
N ILE A 29 3.43 3.45 -4.08
CA ILE A 29 2.73 3.59 -2.79
C ILE A 29 3.55 4.45 -1.86
N TYR A 30 4.85 4.18 -1.82
CA TYR A 30 5.77 4.96 -1.00
C TYR A 30 5.76 6.42 -1.44
N ASN A 31 5.78 6.63 -2.74
CA ASN A 31 5.75 7.98 -3.32
C ASN A 31 4.48 8.71 -2.89
N TRP A 32 3.37 7.97 -2.81
CA TRP A 32 2.09 8.53 -2.42
C TRP A 32 2.18 9.15 -1.05
N PHE A 33 2.72 8.40 -0.10
CA PHE A 33 2.86 8.89 1.27
C PHE A 33 3.75 10.10 1.33
N ALA A 34 4.83 10.06 0.60
CA ALA A 34 5.78 11.16 0.59
C ALA A 34 5.18 12.41 -0.05
N SER A 35 4.43 12.20 -1.09
CA SER A 35 3.82 13.29 -1.83
C SER A 35 2.56 13.85 -1.14
N ASN A 36 1.81 13.01 -0.42
CA ASN A 36 0.55 13.48 0.18
C ASN A 36 0.65 13.75 1.67
N VAL A 37 1.58 13.10 2.33
CA VAL A 37 1.75 13.27 3.75
C VAL A 37 3.01 14.06 4.01
N PRO A 38 2.89 15.22 4.67
CA PRO A 38 4.01 16.13 4.93
C PRO A 38 5.11 15.49 5.75
N TYR A 39 4.74 14.53 6.59
CA TYR A 39 5.67 13.82 7.42
C TYR A 39 6.63 13.01 6.55
N PHE A 40 6.09 12.32 5.56
CA PHE A 40 6.89 11.49 4.67
C PHE A 40 7.63 12.30 3.65
N GLY A 41 7.07 13.44 3.27
CA GLY A 41 7.78 14.34 2.37
C GLY A 41 9.10 14.81 2.98
N ASN A 42 9.18 14.69 4.29
CA ASN A 42 10.34 15.02 5.08
C ASN A 42 11.28 13.78 5.21
N ARG A 43 10.77 12.61 4.88
CA ARG A 43 11.55 11.38 4.91
C ARG A 43 11.56 10.72 3.54
N THR A 44 12.29 11.30 2.64
CA THR A 44 12.36 10.80 1.29
C THR A 44 13.76 10.28 0.94
N SER A 45 14.67 10.37 1.86
CA SER A 45 15.98 9.88 1.65
C SER A 45 15.94 8.37 1.89
N GLN A 46 16.87 7.63 1.29
CA GLN A 46 16.86 6.17 1.38
C GLN A 46 16.82 5.66 2.81
N GLU A 47 17.73 6.15 3.62
CA GLU A 47 17.82 5.74 5.01
C GLU A 47 16.77 6.42 5.87
N GLN A 48 16.26 7.54 5.40
CA GLN A 48 15.24 8.27 6.13
C GLN A 48 13.86 7.69 5.94
N SER A 49 13.68 6.96 4.87
CA SER A 49 12.39 6.40 4.57
C SER A 49 12.34 4.88 4.80
N ALA A 50 13.51 4.27 4.92
CA ALA A 50 13.64 2.82 5.05
C ALA A 50 12.84 2.24 6.19
N GLY A 51 12.68 2.98 7.26
CA GLY A 51 11.95 2.50 8.39
C GLY A 51 10.46 2.44 8.15
N TRP A 52 9.88 3.52 7.64
CA TRP A 52 8.45 3.50 7.40
C TRP A 52 8.10 2.59 6.24
N LYS A 53 9.03 2.47 5.28
CA LYS A 53 8.84 1.55 4.17
C LYS A 53 8.88 0.13 4.66
N ASN A 54 9.72 -0.13 5.66
CA ASN A 54 9.89 -1.49 6.20
C ASN A 54 8.56 -1.97 6.78
N SER A 55 7.92 -1.10 7.53
CA SER A 55 6.66 -1.41 8.15
C SER A 55 5.52 -1.62 7.13
N ILE A 56 5.45 -0.76 6.09
CA ILE A 56 4.44 -0.92 5.03
C ILE A 56 4.57 -2.28 4.36
N ARG A 57 5.78 -2.57 3.91
CA ARG A 57 6.08 -3.78 3.21
C ARG A 57 5.79 -4.99 4.12
N HIS A 58 6.15 -4.85 5.39
CA HIS A 58 5.94 -5.88 6.39
C HIS A 58 4.44 -6.17 6.59
N ASN A 59 3.64 -5.12 6.74
CA ASN A 59 2.20 -5.26 6.91
C ASN A 59 1.52 -5.88 5.70
N LEU A 60 2.03 -5.58 4.52
CA LEU A 60 1.54 -6.17 3.27
C LEU A 60 1.74 -7.68 3.23
N SER A 61 2.72 -8.14 3.97
CA SER A 61 3.04 -9.54 4.03
C SER A 61 2.26 -10.22 5.18
N LEU A 62 1.65 -9.41 6.04
CA LEU A 62 0.94 -9.94 7.19
C LEU A 62 -0.57 -9.94 6.96
N HIS A 63 -1.08 -8.86 6.42
CA HIS A 63 -2.51 -8.72 6.21
C HIS A 63 -2.97 -9.49 5.00
N SER A 64 -3.88 -10.41 5.22
CA SER A 64 -4.42 -11.24 4.16
C SER A 64 -5.42 -10.51 3.28
N ARG A 65 -5.66 -9.23 3.58
CA ARG A 65 -6.52 -8.39 2.75
C ARG A 65 -5.83 -8.05 1.43
N PHE A 66 -4.57 -8.33 1.33
CA PHE A 66 -3.82 -8.00 0.16
C PHE A 66 -3.13 -9.23 -0.35
N MET A 67 -2.97 -9.31 -1.64
CA MET A 67 -2.30 -10.42 -2.28
C MET A 67 -1.30 -9.90 -3.27
N ARG A 68 -0.15 -10.47 -3.26
CA ARG A 68 0.84 -10.11 -4.23
C ARG A 68 0.78 -11.12 -5.36
N ILE A 69 0.95 -10.65 -6.55
CA ILE A 69 0.83 -11.46 -7.71
C ILE A 69 2.18 -11.64 -8.38
N GLN A 70 2.45 -12.86 -8.82
CA GLN A 70 3.63 -13.12 -9.60
C GLN A 70 3.41 -12.59 -11.01
N ASN A 71 4.29 -11.77 -11.47
CA ASN A 71 4.11 -11.16 -12.76
C ASN A 71 5.39 -11.23 -13.54
N GLU A 72 5.28 -11.43 -14.83
CA GLU A 72 6.43 -11.51 -15.69
C GLU A 72 6.11 -10.90 -17.04
N GLY A 73 7.14 -10.65 -17.80
CA GLY A 73 7.02 -10.00 -19.07
C GLY A 73 7.87 -8.77 -19.08
N ALA A 74 7.92 -8.13 -17.93
CA ALA A 74 8.74 -6.98 -17.71
C ALA A 74 9.82 -7.34 -16.72
N GLY A 75 10.81 -6.48 -16.57
CA GLY A 75 11.87 -6.72 -15.63
C GLY A 75 11.39 -6.61 -14.20
N LYS A 76 11.03 -7.74 -13.61
CA LYS A 76 10.45 -7.82 -12.27
C LYS A 76 9.15 -7.06 -12.18
N SER A 77 9.21 -5.77 -11.85
CA SER A 77 8.04 -4.88 -11.82
C SER A 77 6.89 -5.49 -10.97
N SER A 78 7.26 -6.09 -9.86
CA SER A 78 6.34 -6.77 -8.97
C SER A 78 5.19 -5.87 -8.49
N TRP A 79 3.96 -6.32 -8.71
CA TRP A 79 2.77 -5.60 -8.29
C TRP A 79 1.92 -6.38 -7.33
N TRP A 80 1.16 -5.67 -6.53
CA TRP A 80 0.23 -6.31 -5.63
C TRP A 80 -1.11 -5.57 -5.70
N VAL A 81 -2.17 -6.23 -5.29
CA VAL A 81 -3.52 -5.67 -5.28
C VAL A 81 -4.27 -6.12 -4.04
N ILE A 82 -5.33 -5.42 -3.72
CA ILE A 82 -6.15 -5.78 -2.60
C ILE A 82 -7.03 -6.89 -3.13
N ASN A 83 -7.10 -8.00 -2.43
CA ASN A 83 -7.61 -9.24 -3.01
C ASN A 83 -9.08 -9.16 -3.41
N PRO A 84 -9.38 -9.49 -4.69
CA PRO A 84 -10.75 -9.44 -5.25
C PRO A 84 -11.69 -10.44 -4.61
N ASP A 85 -11.15 -11.35 -3.83
CA ASP A 85 -11.95 -12.32 -3.12
C ASP A 85 -12.42 -11.70 -1.81
N ALA A 86 -11.77 -10.62 -1.44
CA ALA A 86 -12.03 -9.97 -0.19
C ALA A 86 -11.77 -8.48 -0.29
N LYS A 87 -12.70 -7.73 -0.85
CA LYS A 87 -12.56 -6.29 -0.90
C LYS A 87 -13.06 -5.72 0.43
N PRO A 88 -12.16 -5.30 1.32
CA PRO A 88 -12.52 -4.85 2.64
C PRO A 88 -12.80 -3.36 2.72
N GLY A 89 -13.73 -3.01 3.55
CA GLY A 89 -14.08 -1.63 3.78
C GLY A 89 -14.97 -1.08 2.71
N ARG A 90 -14.39 -0.80 1.59
CA ARG A 90 -15.11 -0.27 0.48
C ARG A 90 -15.53 -1.36 -0.47
N ASN A 91 -16.75 -1.30 -0.92
CA ASN A 91 -17.31 -2.29 -1.81
C ASN A 91 -16.84 -2.07 -3.23
N PRO A 92 -16.68 -3.17 -4.00
CA PRO A 92 -16.25 -3.10 -5.40
C PRO A 92 -17.14 -2.18 -6.23
N ARG A 93 -16.59 -1.07 -6.65
CA ARG A 93 -17.32 -0.09 -7.43
C ARG A 93 -17.42 -0.53 -8.88
N ARG A 94 -16.45 -1.29 -9.28
CA ARG A 94 -16.40 -1.86 -10.59
C ARG A 94 -16.44 -3.35 -10.41
N GLN A 95 -17.26 -4.03 -11.18
CA GLN A 95 -17.41 -5.47 -11.08
C GLN A 95 -16.09 -6.17 -11.40
N ARG A 96 -15.41 -5.65 -12.45
CA ARG A 96 -14.11 -6.15 -12.94
C ARG A 96 -14.29 -7.45 -13.73
N SER A 97 -15.27 -8.24 -13.32
CA SER A 97 -15.65 -9.48 -13.95
C SER A 97 -14.54 -10.52 -13.86
N ALA A 98 -14.61 -11.35 -12.85
CA ALA A 98 -13.68 -12.42 -12.72
C ALA A 98 -14.12 -13.55 -13.62
N THR A 99 -13.87 -13.37 -14.88
CA THR A 99 -14.25 -14.29 -15.89
C THR A 99 -13.05 -14.71 -16.69
N LEU A 100 -12.76 -15.96 -16.63
CA LEU A 100 -11.66 -16.53 -17.33
C LEU A 100 -12.17 -17.60 -18.28
N GLU A 101 -11.32 -17.97 -19.24
CA GLU A 101 -11.67 -18.97 -20.25
C GLU A 101 -12.96 -18.57 -20.99
N ASN A 1 1.65 5.40 14.92
CA ASN A 1 1.84 5.51 13.48
C ASN A 1 2.63 6.76 13.18
N PRO A 2 3.55 6.71 12.21
CA PRO A 2 4.41 7.85 11.86
C PRO A 2 3.63 9.10 11.34
N TRP A 3 2.59 8.85 10.60
CA TRP A 3 1.79 9.90 9.98
C TRP A 3 0.75 10.52 10.93
N GLY A 4 0.20 9.70 11.82
CA GLY A 4 -0.87 10.17 12.69
C GLY A 4 -1.67 9.03 13.30
N ALA A 5 -2.99 9.16 13.28
CA ALA A 5 -3.86 8.17 13.92
C ALA A 5 -4.39 7.13 12.94
N GLU A 6 -4.23 7.39 11.65
CA GLU A 6 -4.62 6.45 10.58
C GLU A 6 -3.81 5.18 10.70
N SER A 7 -4.28 4.14 10.12
CA SER A 7 -3.55 2.92 10.13
C SER A 7 -2.88 2.78 8.79
N TYR A 8 -1.93 1.87 8.70
CA TYR A 8 -1.19 1.61 7.49
C TYR A 8 -2.14 1.29 6.40
N SER A 9 -2.85 0.20 6.57
CA SER A 9 -3.78 -0.29 5.57
C SER A 9 -4.79 0.80 5.10
N ASP A 10 -5.16 1.71 6.01
CA ASP A 10 -6.05 2.83 5.66
C ASP A 10 -5.41 3.71 4.64
N LEU A 11 -4.20 4.14 4.92
CA LEU A 11 -3.51 5.02 4.02
C LEU A 11 -3.00 4.29 2.79
N ILE A 12 -2.61 3.03 2.96
CA ILE A 12 -2.13 2.23 1.85
C ILE A 12 -3.26 2.09 0.83
N ALA A 13 -4.48 1.84 1.32
CA ALA A 13 -5.64 1.74 0.45
C ALA A 13 -5.88 3.05 -0.26
N LYS A 14 -5.71 4.18 0.46
CA LYS A 14 -5.87 5.51 -0.16
C LYS A 14 -4.90 5.69 -1.32
N ALA A 15 -3.69 5.18 -1.14
CA ALA A 15 -2.68 5.23 -2.18
C ALA A 15 -3.15 4.46 -3.37
N LEU A 16 -3.55 3.22 -3.13
CA LEU A 16 -4.09 2.35 -4.16
C LEU A 16 -5.26 3.02 -4.88
N LYS A 17 -6.12 3.68 -4.09
CA LYS A 17 -7.29 4.37 -4.58
C LYS A 17 -7.00 5.45 -5.65
N SER A 18 -5.76 5.90 -5.76
CA SER A 18 -5.45 6.92 -6.75
C SER A 18 -5.31 6.32 -8.18
N THR A 19 -5.21 5.01 -8.28
CA THR A 19 -5.06 4.31 -9.56
C THR A 19 -5.73 2.92 -9.40
N PHE A 20 -6.75 2.88 -8.56
CA PHE A 20 -7.40 1.66 -8.07
C PHE A 20 -8.01 0.82 -9.20
N ASP A 21 -8.22 1.46 -10.33
CA ASP A 21 -8.86 0.80 -11.45
C ASP A 21 -7.85 -0.06 -12.21
N GLY A 22 -6.60 0.10 -11.89
CA GLY A 22 -5.59 -0.71 -12.50
C GLY A 22 -4.75 -1.41 -11.48
N ARG A 23 -3.60 -0.84 -11.20
CA ARG A 23 -2.65 -1.42 -10.29
C ARG A 23 -1.72 -0.34 -9.80
N MET A 24 -1.13 -0.53 -8.66
CA MET A 24 -0.19 0.44 -8.19
C MET A 24 1.10 -0.27 -7.95
N ARG A 25 2.18 0.35 -8.31
CA ARG A 25 3.47 -0.24 -8.07
C ARG A 25 3.76 -0.04 -6.60
N LEU A 26 4.40 -0.98 -5.98
CA LEU A 26 4.74 -0.88 -4.57
C LEU A 26 5.58 0.39 -4.26
N ASN A 27 6.41 0.78 -5.20
CA ASN A 27 7.21 2.01 -5.06
C ASN A 27 6.33 3.26 -5.14
N GLU A 28 5.25 3.18 -5.91
CA GLU A 28 4.33 4.31 -6.05
C GLU A 28 3.59 4.56 -4.76
N ILE A 29 3.20 3.48 -4.10
CA ILE A 29 2.57 3.54 -2.79
C ILE A 29 3.42 4.35 -1.83
N TYR A 30 4.71 4.07 -1.80
CA TYR A 30 5.64 4.80 -0.96
C TYR A 30 5.67 6.27 -1.32
N ASN A 31 5.63 6.54 -2.61
CA ASN A 31 5.66 7.91 -3.11
C ASN A 31 4.40 8.66 -2.74
N TRP A 32 3.30 7.94 -2.67
CA TRP A 32 2.03 8.52 -2.29
C TRP A 32 2.12 9.12 -0.90
N PHE A 33 2.64 8.35 0.04
CA PHE A 33 2.81 8.81 1.41
C PHE A 33 3.69 10.03 1.46
N ALA A 34 4.76 10.01 0.69
CA ALA A 34 5.69 11.14 0.64
C ALA A 34 5.01 12.38 0.06
N SER A 35 4.16 12.15 -0.90
CA SER A 35 3.46 13.21 -1.57
C SER A 35 2.25 13.75 -0.78
N ASN A 36 1.45 12.88 -0.15
CA ASN A 36 0.26 13.35 0.58
C ASN A 36 0.57 13.70 2.02
N VAL A 37 1.61 13.11 2.56
CA VAL A 37 1.96 13.32 3.95
C VAL A 37 3.29 14.07 4.04
N PRO A 38 3.28 15.24 4.71
CA PRO A 38 4.48 16.09 4.84
C PRO A 38 5.63 15.39 5.57
N TYR A 39 5.28 14.55 6.53
CA TYR A 39 6.25 13.81 7.31
C TYR A 39 7.10 12.92 6.39
N PHE A 40 6.44 12.27 5.46
CA PHE A 40 7.12 11.38 4.53
C PHE A 40 7.85 12.12 3.44
N GLY A 41 7.35 13.30 3.08
CA GLY A 41 8.04 14.12 2.10
C GLY A 41 9.44 14.49 2.59
N ASN A 42 9.55 14.63 3.92
CA ASN A 42 10.81 14.93 4.58
C ASN A 42 11.60 13.65 4.82
N ARG A 43 11.00 12.53 4.51
CA ARG A 43 11.63 11.25 4.63
C ARG A 43 11.68 10.50 3.32
N THR A 44 12.24 11.13 2.34
CA THR A 44 12.33 10.54 1.03
C THR A 44 13.72 9.93 0.75
N SER A 45 14.66 10.18 1.65
CA SER A 45 16.01 9.66 1.53
C SER A 45 16.01 8.19 1.98
N GLN A 46 17.07 7.46 1.69
CA GLN A 46 17.11 6.02 2.00
C GLN A 46 16.92 5.69 3.47
N GLU A 47 17.72 6.30 4.34
CA GLU A 47 17.62 5.97 5.77
C GLU A 47 16.46 6.70 6.41
N GLN A 48 15.88 7.60 5.67
CA GLN A 48 14.71 8.30 6.09
C GLN A 48 13.47 7.46 5.83
N SER A 49 13.47 6.78 4.69
CA SER A 49 12.28 6.09 4.24
C SER A 49 12.27 4.59 4.48
N ALA A 50 13.44 3.95 4.49
CA ALA A 50 13.54 2.49 4.59
C ALA A 50 12.75 1.91 5.75
N GLY A 51 12.78 2.58 6.87
CA GLY A 51 12.08 2.12 8.04
C GLY A 51 10.57 2.19 7.91
N TRP A 52 10.05 3.27 7.37
CA TRP A 52 8.62 3.36 7.24
C TRP A 52 8.13 2.48 6.08
N LYS A 53 8.99 2.30 5.06
CA LYS A 53 8.73 1.32 4.01
C LYS A 53 8.64 -0.06 4.61
N ASN A 54 9.53 -0.33 5.56
CA ASN A 54 9.54 -1.61 6.27
C ASN A 54 8.25 -1.80 7.03
N SER A 55 7.73 -0.73 7.57
CA SER A 55 6.51 -0.77 8.35
C SER A 55 5.28 -1.08 7.45
N ILE A 56 5.31 -0.60 6.22
CA ILE A 56 4.27 -0.90 5.21
C ILE A 56 4.42 -2.37 4.77
N ARG A 57 5.64 -2.76 4.44
CA ARG A 57 5.97 -4.13 4.07
C ARG A 57 5.59 -5.13 5.16
N HIS A 58 5.82 -4.71 6.40
CA HIS A 58 5.48 -5.51 7.57
C HIS A 58 3.98 -5.79 7.60
N ASN A 59 3.16 -4.75 7.40
CA ASN A 59 1.70 -4.94 7.37
C ASN A 59 1.21 -5.67 6.15
N LEU A 60 1.83 -5.42 5.01
CA LEU A 60 1.49 -6.12 3.78
C LEU A 60 1.70 -7.63 3.95
N SER A 61 2.78 -8.00 4.58
CA SER A 61 3.11 -9.39 4.78
C SER A 61 2.20 -10.04 5.86
N LEU A 62 1.52 -9.23 6.65
CA LEU A 62 0.62 -9.75 7.68
C LEU A 62 -0.81 -9.75 7.21
N HIS A 63 -1.15 -8.84 6.34
CA HIS A 63 -2.47 -8.75 5.80
C HIS A 63 -2.42 -9.09 4.33
N SER A 64 -2.54 -10.35 4.04
CA SER A 64 -2.46 -10.87 2.68
C SER A 64 -3.79 -10.66 1.93
N ARG A 65 -4.42 -9.52 2.17
CA ARG A 65 -5.70 -9.13 1.58
C ARG A 65 -5.49 -8.66 0.16
N PHE A 66 -4.30 -8.80 -0.33
CA PHE A 66 -3.99 -8.37 -1.62
C PHE A 66 -3.59 -9.53 -2.49
N MET A 67 -3.77 -9.36 -3.74
CA MET A 67 -3.37 -10.33 -4.71
C MET A 67 -2.46 -9.67 -5.68
N ARG A 68 -1.50 -10.39 -6.13
CA ARG A 68 -0.51 -9.84 -7.01
C ARG A 68 -0.90 -10.03 -8.43
N ILE A 69 -0.64 -9.05 -9.18
CA ILE A 69 -0.96 -9.02 -10.56
C ILE A 69 0.31 -9.00 -11.37
N GLN A 70 0.34 -9.78 -12.38
CA GLN A 70 1.46 -9.77 -13.26
C GLN A 70 1.06 -9.06 -14.53
N ASN A 71 1.81 -8.07 -14.90
CA ASN A 71 1.55 -7.35 -16.13
C ASN A 71 2.02 -8.25 -17.27
N GLU A 72 1.42 -8.10 -18.44
CA GLU A 72 1.82 -8.92 -19.58
C GLU A 72 3.23 -8.59 -19.99
N GLY A 73 3.60 -7.37 -19.72
CA GLY A 73 4.95 -6.92 -19.86
C GLY A 73 5.74 -7.33 -18.64
N ALA A 74 6.24 -8.55 -18.68
CA ALA A 74 6.95 -9.18 -17.58
C ALA A 74 8.14 -8.36 -17.11
N GLY A 75 8.05 -7.90 -15.90
CA GLY A 75 9.08 -7.09 -15.31
C GLY A 75 9.17 -7.40 -13.84
N LYS A 76 10.04 -6.74 -13.13
CA LYS A 76 10.18 -7.03 -11.70
C LYS A 76 9.67 -5.89 -10.85
N SER A 77 9.03 -4.96 -11.49
CA SER A 77 8.43 -3.87 -10.80
C SER A 77 7.10 -4.32 -10.17
N SER A 78 7.17 -4.65 -8.91
CA SER A 78 6.08 -5.24 -8.15
C SER A 78 4.74 -4.48 -8.19
N TRP A 79 3.70 -5.23 -8.48
CA TRP A 79 2.37 -4.80 -8.49
C TRP A 79 1.66 -5.52 -7.37
N TRP A 80 0.78 -4.87 -6.71
CA TRP A 80 -0.10 -5.57 -5.83
C TRP A 80 -1.42 -4.82 -5.79
N VAL A 81 -2.52 -5.55 -5.84
CA VAL A 81 -3.84 -4.95 -5.82
C VAL A 81 -4.66 -5.54 -4.68
N ILE A 82 -5.66 -4.84 -4.24
CA ILE A 82 -6.44 -5.30 -3.12
C ILE A 82 -7.48 -6.30 -3.58
N ASN A 83 -7.45 -7.45 -2.98
CA ASN A 83 -8.38 -8.54 -3.26
C ASN A 83 -9.79 -8.19 -2.75
N PRO A 84 -10.78 -8.17 -3.66
CA PRO A 84 -12.16 -7.71 -3.37
C PRO A 84 -12.86 -8.48 -2.26
N ASP A 85 -12.48 -9.71 -2.06
CA ASP A 85 -13.07 -10.53 -1.01
C ASP A 85 -12.43 -10.23 0.33
N ALA A 86 -11.27 -9.61 0.30
CA ALA A 86 -10.49 -9.42 1.51
C ALA A 86 -10.70 -8.05 2.13
N LYS A 87 -11.74 -7.38 1.76
CA LYS A 87 -12.04 -6.11 2.42
C LYS A 87 -12.38 -6.30 3.92
N PRO A 88 -13.36 -7.16 4.24
CA PRO A 88 -13.66 -7.51 5.61
C PRO A 88 -12.86 -8.74 6.11
N GLY A 89 -11.85 -8.49 6.92
CA GLY A 89 -11.09 -9.58 7.50
C GLY A 89 -10.03 -10.13 6.58
N ARG A 90 -10.06 -11.47 6.40
CA ARG A 90 -9.09 -12.21 5.57
C ARG A 90 -7.65 -12.01 6.00
N ASN A 91 -7.23 -12.77 6.98
CA ASN A 91 -5.87 -12.67 7.50
C ASN A 91 -5.58 -13.85 8.37
N PRO A 92 -4.28 -14.23 8.50
CA PRO A 92 -3.87 -15.24 9.43
C PRO A 92 -4.04 -14.70 10.85
N ARG A 93 -5.10 -15.11 11.48
CA ARG A 93 -5.42 -14.61 12.78
C ARG A 93 -4.73 -15.43 13.83
N ARG A 94 -3.60 -14.95 14.26
CA ARG A 94 -2.84 -15.60 15.28
C ARG A 94 -2.11 -14.57 16.14
N GLN A 95 -2.63 -14.30 17.28
CA GLN A 95 -1.94 -13.45 18.22
C GLN A 95 -1.85 -14.13 19.57
N ARG A 96 -3.01 -14.63 20.06
CA ARG A 96 -3.12 -15.47 21.26
C ARG A 96 -2.84 -14.70 22.57
N SER A 97 -1.74 -14.02 22.64
CA SER A 97 -1.39 -13.25 23.79
C SER A 97 -1.69 -11.78 23.49
N ALA A 98 -2.84 -11.34 23.95
CA ALA A 98 -3.32 -9.98 23.76
C ALA A 98 -4.63 -9.86 24.50
N THR A 99 -5.36 -8.79 24.27
CA THR A 99 -6.66 -8.58 24.85
C THR A 99 -7.61 -9.69 24.39
N LEU A 100 -7.89 -10.63 25.26
CA LEU A 100 -8.73 -11.75 24.91
C LEU A 100 -9.49 -12.19 26.15
N GLU A 101 -10.68 -11.65 26.30
CA GLU A 101 -11.68 -11.93 27.35
C GLU A 101 -12.88 -11.08 27.10
N ASN A 1 1.61 5.57 15.02
CA ASN A 1 1.84 5.56 13.58
C ASN A 1 2.59 6.81 13.19
N PRO A 2 3.56 6.69 12.26
CA PRO A 2 4.43 7.81 11.88
C PRO A 2 3.67 9.02 11.33
N TRP A 3 2.68 8.76 10.51
CA TRP A 3 1.87 9.80 9.90
C TRP A 3 0.95 10.51 10.89
N GLY A 4 0.35 9.75 11.76
CA GLY A 4 -0.59 10.30 12.69
C GLY A 4 -1.46 9.21 13.23
N ALA A 5 -2.76 9.43 13.24
CA ALA A 5 -3.66 8.44 13.75
C ALA A 5 -4.58 7.93 12.67
N GLU A 6 -4.02 7.08 11.89
CA GLU A 6 -4.65 6.33 10.82
C GLU A 6 -3.96 5.02 10.80
N SER A 7 -4.48 4.09 10.12
CA SER A 7 -3.84 2.82 10.06
C SER A 7 -3.13 2.73 8.72
N TYR A 8 -2.20 1.81 8.64
CA TYR A 8 -1.46 1.57 7.42
C TYR A 8 -2.40 1.27 6.32
N SER A 9 -3.25 0.29 6.53
CA SER A 9 -4.21 -0.13 5.55
C SER A 9 -5.11 1.02 5.09
N ASP A 10 -5.45 1.93 6.02
CA ASP A 10 -6.24 3.13 5.70
C ASP A 10 -5.56 3.95 4.65
N LEU A 11 -4.32 4.28 4.91
CA LEU A 11 -3.59 5.11 4.00
C LEU A 11 -3.09 4.36 2.76
N ILE A 12 -2.71 3.09 2.92
CA ILE A 12 -2.23 2.28 1.81
C ILE A 12 -3.34 2.13 0.79
N ALA A 13 -4.55 1.93 1.29
CA ALA A 13 -5.70 1.86 0.41
C ALA A 13 -5.85 3.15 -0.35
N LYS A 14 -5.78 4.29 0.35
CA LYS A 14 -5.89 5.61 -0.31
C LYS A 14 -4.86 5.77 -1.42
N ALA A 15 -3.67 5.28 -1.18
CA ALA A 15 -2.62 5.32 -2.17
C ALA A 15 -3.01 4.47 -3.35
N LEU A 16 -3.36 3.25 -3.05
CA LEU A 16 -3.72 2.24 -4.03
C LEU A 16 -4.90 2.75 -4.86
N LYS A 17 -5.86 3.35 -4.16
CA LYS A 17 -7.07 3.92 -4.73
C LYS A 17 -6.81 4.96 -5.82
N SER A 18 -5.64 5.60 -5.83
CA SER A 18 -5.36 6.61 -6.83
C SER A 18 -5.21 5.98 -8.24
N THR A 19 -5.03 4.65 -8.28
CA THR A 19 -4.89 3.95 -9.53
C THR A 19 -5.45 2.50 -9.35
N PHE A 20 -6.50 2.41 -8.52
CA PHE A 20 -7.14 1.14 -8.08
C PHE A 20 -7.66 0.36 -9.27
N ASP A 21 -7.84 1.06 -10.37
CA ASP A 21 -8.36 0.50 -11.61
C ASP A 21 -7.34 -0.45 -12.25
N GLY A 22 -6.14 -0.43 -11.74
CA GLY A 22 -5.13 -1.30 -12.23
C GLY A 22 -4.32 -1.90 -11.10
N ARG A 23 -3.14 -1.38 -10.91
CA ARG A 23 -2.21 -1.85 -9.95
C ARG A 23 -1.30 -0.70 -9.56
N MET A 24 -0.80 -0.69 -8.36
CA MET A 24 0.08 0.39 -7.98
C MET A 24 1.46 -0.18 -7.76
N ARG A 25 2.48 0.58 -8.09
CA ARG A 25 3.83 0.10 -7.86
C ARG A 25 4.04 0.21 -6.37
N LEU A 26 4.73 -0.74 -5.80
CA LEU A 26 5.00 -0.70 -4.38
C LEU A 26 5.82 0.55 -3.98
N ASN A 27 6.67 0.99 -4.90
CA ASN A 27 7.43 2.22 -4.70
C ASN A 27 6.52 3.47 -4.77
N GLU A 28 5.53 3.45 -5.67
CA GLU A 28 4.61 4.58 -5.81
C GLU A 28 3.73 4.75 -4.59
N ILE A 29 3.39 3.65 -3.95
CA ILE A 29 2.71 3.69 -2.66
C ILE A 29 3.50 4.54 -1.68
N TYR A 30 4.79 4.27 -1.60
CA TYR A 30 5.67 5.04 -0.74
C TYR A 30 5.70 6.51 -1.17
N ASN A 31 5.75 6.72 -2.47
CA ASN A 31 5.77 8.06 -3.05
C ASN A 31 4.49 8.83 -2.73
N TRP A 32 3.37 8.11 -2.65
CA TRP A 32 2.09 8.69 -2.29
C TRP A 32 2.16 9.30 -0.91
N PHE A 33 2.66 8.50 0.04
CA PHE A 33 2.81 8.95 1.42
C PHE A 33 3.71 10.16 1.50
N ALA A 34 4.82 10.10 0.80
CA ALA A 34 5.79 11.19 0.81
C ALA A 34 5.18 12.48 0.27
N SER A 35 4.37 12.35 -0.74
CA SER A 35 3.75 13.48 -1.37
C SER A 35 2.54 14.02 -0.57
N ASN A 36 1.71 13.13 -0.04
CA ASN A 36 0.49 13.57 0.65
C ASN A 36 0.70 13.83 2.13
N VAL A 37 1.69 13.21 2.71
CA VAL A 37 1.97 13.38 4.11
C VAL A 37 3.33 14.10 4.28
N PRO A 38 3.31 15.33 4.81
CA PRO A 38 4.52 16.16 4.99
C PRO A 38 5.61 15.49 5.84
N TYR A 39 5.22 14.57 6.70
CA TYR A 39 6.16 13.81 7.53
C TYR A 39 6.97 12.88 6.65
N PHE A 40 6.33 12.27 5.70
CA PHE A 40 7.03 11.42 4.79
C PHE A 40 7.77 12.22 3.78
N GLY A 41 7.27 13.41 3.50
CA GLY A 41 7.95 14.33 2.62
C GLY A 41 9.37 14.65 3.13
N ASN A 42 9.56 14.66 4.47
CA ASN A 42 10.87 14.88 5.02
C ASN A 42 11.65 13.57 5.18
N ARG A 43 11.01 12.46 4.85
CA ARG A 43 11.66 11.16 4.88
C ARG A 43 11.61 10.52 3.51
N THR A 44 12.36 11.05 2.58
CA THR A 44 12.31 10.58 1.21
C THR A 44 13.62 9.96 0.75
N SER A 45 14.69 10.18 1.49
CA SER A 45 15.96 9.64 1.13
C SER A 45 16.00 8.13 1.46
N GLN A 46 17.07 7.45 1.04
CA GLN A 46 17.16 5.98 1.14
C GLN A 46 16.98 5.46 2.57
N GLU A 47 17.75 5.98 3.48
CA GLU A 47 17.71 5.54 4.87
C GLU A 47 16.61 6.27 5.62
N GLN A 48 16.28 7.45 5.12
CA GLN A 48 15.24 8.27 5.70
C GLN A 48 13.87 7.63 5.57
N SER A 49 13.65 6.92 4.48
CA SER A 49 12.37 6.32 4.23
C SER A 49 12.32 4.81 4.51
N ALA A 50 13.49 4.18 4.55
CA ALA A 50 13.60 2.71 4.70
C ALA A 50 12.81 2.14 5.89
N GLY A 51 12.79 2.87 6.97
CA GLY A 51 12.13 2.40 8.16
C GLY A 51 10.63 2.41 8.07
N TRP A 52 10.06 3.45 7.49
CA TRP A 52 8.62 3.47 7.38
C TRP A 52 8.15 2.55 6.25
N LYS A 53 9.02 2.34 5.24
CA LYS A 53 8.75 1.37 4.20
C LYS A 53 8.71 -0.02 4.79
N ASN A 54 9.59 -0.25 5.77
CA ASN A 54 9.70 -1.55 6.42
C ASN A 54 8.38 -1.91 7.08
N SER A 55 7.75 -0.93 7.70
CA SER A 55 6.49 -1.12 8.38
C SER A 55 5.35 -1.44 7.39
N ILE A 56 5.35 -0.77 6.24
CA ILE A 56 4.36 -1.04 5.19
C ILE A 56 4.54 -2.48 4.68
N ARG A 57 5.78 -2.85 4.39
CA ARG A 57 6.13 -4.21 3.98
C ARG A 57 5.69 -5.25 5.01
N HIS A 58 5.93 -4.94 6.27
CA HIS A 58 5.54 -5.81 7.39
C HIS A 58 4.04 -6.06 7.38
N ASN A 59 3.26 -5.01 7.31
CA ASN A 59 1.81 -5.14 7.30
C ASN A 59 1.25 -5.75 6.03
N LEU A 60 1.90 -5.49 4.91
CA LEU A 60 1.52 -6.12 3.65
C LEU A 60 1.60 -7.63 3.76
N SER A 61 2.64 -8.10 4.39
CA SER A 61 2.87 -9.52 4.53
C SER A 61 2.10 -10.16 5.73
N LEU A 62 1.25 -9.38 6.40
CA LEU A 62 0.49 -9.91 7.53
C LEU A 62 -0.95 -10.27 7.18
N HIS A 63 -1.58 -9.48 6.34
CA HIS A 63 -2.99 -9.69 6.07
C HIS A 63 -3.23 -10.34 4.73
N SER A 64 -4.35 -11.01 4.63
CA SER A 64 -4.76 -11.67 3.41
C SER A 64 -5.53 -10.69 2.52
N ARG A 65 -5.49 -9.42 2.92
CA ARG A 65 -6.09 -8.33 2.15
C ARG A 65 -5.12 -7.95 1.04
N PHE A 66 -3.95 -8.50 1.13
CA PHE A 66 -2.89 -8.28 0.20
C PHE A 66 -2.65 -9.50 -0.67
N MET A 67 -2.41 -9.26 -1.94
CA MET A 67 -1.99 -10.29 -2.86
C MET A 67 -1.07 -9.62 -3.87
N ARG A 68 -0.10 -10.34 -4.35
CA ARG A 68 0.87 -9.75 -5.24
C ARG A 68 0.78 -10.33 -6.63
N ILE A 69 0.94 -9.51 -7.60
CA ILE A 69 0.94 -9.94 -8.95
C ILE A 69 2.38 -9.87 -9.47
N GLN A 70 2.82 -10.91 -10.10
CA GLN A 70 4.18 -10.96 -10.58
C GLN A 70 4.34 -10.22 -11.90
N ASN A 71 5.35 -9.39 -11.95
CA ASN A 71 5.71 -8.66 -13.16
C ASN A 71 6.24 -9.64 -14.20
N GLU A 72 5.90 -9.43 -15.43
CA GLU A 72 6.30 -10.33 -16.51
C GLU A 72 7.48 -9.73 -17.27
N GLY A 73 7.68 -8.48 -17.05
CA GLY A 73 8.74 -7.76 -17.69
C GLY A 73 9.26 -6.65 -16.81
N ALA A 74 9.60 -5.54 -17.42
CA ALA A 74 10.13 -4.40 -16.68
C ALA A 74 9.00 -3.59 -16.06
N GLY A 75 9.10 -3.35 -14.77
CA GLY A 75 8.12 -2.57 -14.05
C GLY A 75 8.58 -2.31 -12.64
N LYS A 76 9.77 -1.72 -12.54
CA LYS A 76 10.46 -1.49 -11.27
C LYS A 76 10.83 -2.80 -10.59
N SER A 77 9.90 -3.35 -9.84
CA SER A 77 10.09 -4.61 -9.14
C SER A 77 8.74 -5.22 -8.78
N SER A 78 8.09 -4.68 -7.78
CA SER A 78 6.85 -5.23 -7.33
C SER A 78 5.68 -4.27 -7.48
N TRP A 79 4.56 -4.83 -7.83
CA TRP A 79 3.32 -4.15 -7.92
C TRP A 79 2.27 -5.06 -7.36
N TRP A 80 1.30 -4.52 -6.69
CA TRP A 80 0.32 -5.36 -6.05
C TRP A 80 -1.04 -4.70 -6.06
N VAL A 81 -2.06 -5.48 -5.75
CA VAL A 81 -3.43 -5.02 -5.70
C VAL A 81 -4.07 -5.55 -4.44
N ILE A 82 -5.14 -4.93 -4.01
CA ILE A 82 -5.81 -5.38 -2.83
C ILE A 82 -6.71 -6.55 -3.18
N ASN A 83 -6.64 -7.58 -2.37
CA ASN A 83 -7.43 -8.78 -2.58
C ASN A 83 -8.91 -8.46 -2.46
N PRO A 84 -9.69 -8.68 -3.55
CA PRO A 84 -11.12 -8.33 -3.61
C PRO A 84 -11.95 -9.15 -2.63
N ASP A 85 -11.42 -10.28 -2.24
CA ASP A 85 -12.08 -11.19 -1.31
C ASP A 85 -11.81 -10.77 0.12
N ALA A 86 -11.05 -9.69 0.29
CA ALA A 86 -10.70 -9.21 1.61
C ALA A 86 -10.67 -7.67 1.64
N LYS A 87 -11.21 -7.05 0.61
CA LYS A 87 -11.24 -5.61 0.54
C LYS A 87 -12.31 -5.03 1.47
N PRO A 88 -12.07 -3.85 2.06
CA PRO A 88 -12.99 -3.25 2.98
C PRO A 88 -14.05 -2.40 2.29
N GLY A 89 -15.27 -2.89 2.31
CA GLY A 89 -16.38 -2.13 1.83
C GLY A 89 -17.07 -1.50 3.00
N ARG A 90 -17.47 -2.34 3.93
CA ARG A 90 -18.03 -1.91 5.17
C ARG A 90 -17.39 -2.69 6.31
N ASN A 91 -16.24 -2.22 6.72
CA ASN A 91 -15.48 -2.80 7.82
C ASN A 91 -14.52 -1.75 8.33
N PRO A 92 -14.96 -0.96 9.30
CA PRO A 92 -14.17 0.10 9.87
C PRO A 92 -13.32 -0.37 11.05
N ARG A 93 -12.13 0.17 11.15
CA ARG A 93 -11.26 -0.15 12.23
C ARG A 93 -11.52 0.72 13.44
N ARG A 94 -12.44 0.30 14.21
CA ARG A 94 -12.78 1.00 15.41
C ARG A 94 -11.82 0.56 16.48
N GLN A 95 -11.39 -0.71 16.35
CA GLN A 95 -10.44 -1.34 17.25
C GLN A 95 -10.89 -1.24 18.69
N ARG A 96 -11.78 -2.10 19.05
CA ARG A 96 -12.33 -2.13 20.37
C ARG A 96 -12.04 -3.48 20.99
N SER A 97 -12.40 -4.55 20.24
CA SER A 97 -12.23 -5.93 20.68
C SER A 97 -13.03 -6.13 21.99
N ALA A 98 -12.76 -7.17 22.73
CA ALA A 98 -13.38 -7.32 24.02
C ALA A 98 -12.59 -6.49 25.03
N THR A 99 -11.31 -6.82 25.14
CA THR A 99 -10.37 -6.14 26.01
C THR A 99 -10.85 -6.09 27.47
N LEU A 100 -10.63 -7.17 28.17
CA LEU A 100 -10.96 -7.23 29.57
C LEU A 100 -9.68 -7.18 30.36
N GLU A 101 -8.69 -7.86 29.86
CA GLU A 101 -7.41 -7.89 30.47
C GLU A 101 -6.51 -6.92 29.72
N ASN A 1 1.46 6.62 14.99
CA ASN A 1 1.67 6.43 13.55
C ASN A 1 2.36 7.63 12.98
N PRO A 2 3.28 7.43 12.02
CA PRO A 2 4.11 8.52 11.42
C PRO A 2 3.32 9.41 10.44
N TRP A 3 2.14 9.81 10.84
CA TRP A 3 1.27 10.64 10.04
C TRP A 3 0.06 11.13 10.83
N GLY A 4 -0.39 10.32 11.77
CA GLY A 4 -1.56 10.65 12.54
C GLY A 4 -2.06 9.43 13.28
N ALA A 5 -3.37 9.23 13.30
CA ALA A 5 -3.97 8.11 14.02
C ALA A 5 -4.36 7.01 13.08
N GLU A 6 -4.37 7.31 11.80
CA GLU A 6 -4.70 6.36 10.75
C GLU A 6 -3.72 5.20 10.79
N SER A 7 -4.12 4.07 10.33
CA SER A 7 -3.23 2.94 10.31
C SER A 7 -2.64 2.79 8.95
N TYR A 8 -1.55 2.07 8.87
CA TYR A 8 -0.86 1.83 7.62
C TYR A 8 -1.79 1.27 6.58
N SER A 9 -2.37 0.10 6.84
CA SER A 9 -3.30 -0.50 5.89
C SER A 9 -4.46 0.45 5.49
N ASP A 10 -4.87 1.35 6.41
CA ASP A 10 -5.91 2.34 6.09
C ASP A 10 -5.41 3.31 5.04
N LEU A 11 -4.23 3.83 5.24
CA LEU A 11 -3.66 4.75 4.29
C LEU A 11 -3.15 4.07 3.03
N ILE A 12 -2.64 2.84 3.15
CA ILE A 12 -2.20 2.07 1.98
C ILE A 12 -3.36 1.90 1.03
N ALA A 13 -4.53 1.64 1.60
CA ALA A 13 -5.75 1.57 0.83
C ALA A 13 -5.96 2.88 0.06
N LYS A 14 -5.75 4.02 0.74
CA LYS A 14 -5.88 5.35 0.08
C LYS A 14 -4.87 5.53 -1.03
N ALA A 15 -3.66 5.06 -0.81
CA ALA A 15 -2.63 5.13 -1.82
C ALA A 15 -3.05 4.36 -3.02
N LEU A 16 -3.46 3.15 -2.77
CA LEU A 16 -3.88 2.21 -3.77
C LEU A 16 -5.10 2.81 -4.50
N LYS A 17 -5.96 3.47 -3.71
CA LYS A 17 -7.16 4.16 -4.20
C LYS A 17 -6.89 5.18 -5.29
N SER A 18 -5.66 5.64 -5.42
CA SER A 18 -5.37 6.62 -6.45
C SER A 18 -5.37 6.00 -7.86
N THR A 19 -5.30 4.67 -7.94
CA THR A 19 -5.25 3.96 -9.21
C THR A 19 -5.80 2.53 -8.97
N PHE A 20 -6.77 2.46 -8.08
CA PHE A 20 -7.35 1.21 -7.54
C PHE A 20 -7.97 0.36 -8.64
N ASP A 21 -8.32 0.99 -9.72
CA ASP A 21 -9.00 0.32 -10.82
C ASP A 21 -8.01 -0.34 -11.75
N GLY A 22 -6.77 -0.01 -11.54
CA GLY A 22 -5.72 -0.58 -12.30
C GLY A 22 -4.77 -1.33 -11.41
N ARG A 23 -3.62 -0.76 -11.17
CA ARG A 23 -2.59 -1.37 -10.36
C ARG A 23 -1.63 -0.33 -9.86
N MET A 24 -1.00 -0.58 -8.74
CA MET A 24 -0.04 0.35 -8.21
C MET A 24 1.18 -0.43 -7.84
N ARG A 25 2.32 0.13 -7.95
CA ARG A 25 3.51 -0.54 -7.47
C ARG A 25 3.71 -0.21 -6.04
N LEU A 26 4.37 -1.09 -5.35
CA LEU A 26 4.78 -0.87 -3.99
C LEU A 26 5.63 0.41 -3.88
N ASN A 27 6.46 0.66 -4.89
CA ASN A 27 7.24 1.91 -4.94
C ASN A 27 6.34 3.12 -5.05
N GLU A 28 5.24 2.99 -5.79
CA GLU A 28 4.32 4.09 -5.98
C GLU A 28 3.52 4.35 -4.71
N ILE A 29 3.17 3.27 -4.03
CA ILE A 29 2.53 3.36 -2.71
C ILE A 29 3.38 4.23 -1.78
N TYR A 30 4.69 3.96 -1.77
CA TYR A 30 5.63 4.79 -1.00
C TYR A 30 5.58 6.25 -1.43
N ASN A 31 5.54 6.46 -2.73
CA ASN A 31 5.51 7.80 -3.30
C ASN A 31 4.28 8.57 -2.84
N TRP A 32 3.14 7.86 -2.76
CA TRP A 32 1.89 8.46 -2.30
C TRP A 32 2.07 9.03 -0.92
N PHE A 33 2.61 8.21 -0.01
CA PHE A 33 2.85 8.65 1.37
C PHE A 33 3.78 9.83 1.42
N ALA A 34 4.86 9.75 0.70
CA ALA A 34 5.87 10.81 0.69
C ALA A 34 5.28 12.13 0.21
N SER A 35 4.49 12.07 -0.81
CA SER A 35 3.88 13.26 -1.37
C SER A 35 2.65 13.74 -0.56
N ASN A 36 1.83 12.81 -0.08
CA ASN A 36 0.59 13.20 0.58
C ASN A 36 0.78 13.46 2.05
N VAL A 37 1.78 12.87 2.62
CA VAL A 37 2.10 13.09 4.00
C VAL A 37 3.43 13.84 4.06
N PRO A 38 3.39 15.10 4.50
CA PRO A 38 4.57 15.99 4.48
C PRO A 38 5.70 15.48 5.37
N TYR A 39 5.33 14.66 6.35
CA TYR A 39 6.29 14.06 7.24
C TYR A 39 7.22 13.13 6.45
N PHE A 40 6.65 12.38 5.53
CA PHE A 40 7.40 11.48 4.69
C PHE A 40 8.13 12.21 3.62
N GLY A 41 7.58 13.33 3.18
CA GLY A 41 8.23 14.16 2.19
C GLY A 41 9.57 14.68 2.68
N ASN A 42 9.70 14.74 3.99
CA ASN A 42 10.89 15.15 4.65
C ASN A 42 11.82 13.92 4.89
N ARG A 43 11.27 12.74 4.75
CA ARG A 43 12.00 11.50 4.97
C ARG A 43 12.25 10.74 3.70
N THR A 44 12.33 11.42 2.59
CA THR A 44 12.52 10.78 1.29
C THR A 44 13.96 10.27 1.03
N SER A 45 14.78 10.22 2.07
CA SER A 45 16.14 9.76 1.93
C SER A 45 16.15 8.27 2.29
N GLN A 46 17.12 7.51 1.81
CA GLN A 46 17.13 6.04 1.99
C GLN A 46 16.96 5.57 3.44
N GLU A 47 17.79 6.05 4.34
CA GLU A 47 17.70 5.59 5.72
C GLU A 47 16.52 6.21 6.39
N GLN A 48 16.22 7.44 6.01
CA GLN A 48 15.12 8.17 6.57
C GLN A 48 13.77 7.61 6.18
N SER A 49 13.75 6.82 5.13
CA SER A 49 12.50 6.29 4.66
C SER A 49 12.37 4.80 4.90
N ALA A 50 13.48 4.08 4.86
CA ALA A 50 13.48 2.63 4.98
C ALA A 50 12.82 2.13 6.27
N GLY A 51 12.76 2.98 7.27
CA GLY A 51 12.15 2.61 8.51
C GLY A 51 10.64 2.61 8.42
N TRP A 52 10.06 3.67 7.87
CA TRP A 52 8.63 3.70 7.73
C TRP A 52 8.18 2.79 6.60
N LYS A 53 9.03 2.68 5.56
CA LYS A 53 8.78 1.75 4.48
C LYS A 53 8.82 0.32 4.98
N ASN A 54 9.64 0.08 6.01
CA ASN A 54 9.76 -1.26 6.60
C ASN A 54 8.42 -1.74 7.10
N SER A 55 7.76 -0.91 7.89
CA SER A 55 6.45 -1.24 8.43
C SER A 55 5.48 -1.49 7.33
N ILE A 56 5.42 -0.57 6.35
CA ILE A 56 4.47 -0.68 5.23
C ILE A 56 4.65 -2.02 4.54
N ARG A 57 5.89 -2.33 4.18
CA ARG A 57 6.21 -3.51 3.45
C ARG A 57 5.71 -4.76 4.22
N HIS A 58 5.90 -4.77 5.53
CA HIS A 58 5.45 -5.90 6.34
C HIS A 58 3.94 -5.91 6.51
N ASN A 59 3.34 -4.73 6.66
CA ASN A 59 1.87 -4.56 6.79
C ASN A 59 1.18 -5.16 5.57
N LEU A 60 1.78 -4.94 4.41
CA LEU A 60 1.26 -5.41 3.14
C LEU A 60 1.18 -6.93 3.13
N SER A 61 2.25 -7.55 3.56
CA SER A 61 2.37 -8.99 3.52
C SER A 61 1.73 -9.64 4.77
N LEU A 62 1.28 -8.80 5.67
CA LEU A 62 0.67 -9.21 6.90
C LEU A 62 -0.82 -9.46 6.70
N HIS A 63 -1.36 -8.94 5.62
CA HIS A 63 -2.78 -9.10 5.37
C HIS A 63 -3.01 -9.78 4.03
N SER A 64 -3.86 -10.79 4.04
CA SER A 64 -4.14 -11.58 2.84
C SER A 64 -5.20 -10.89 1.97
N ARG A 65 -5.40 -9.60 2.22
CA ARG A 65 -6.32 -8.80 1.43
C ARG A 65 -5.57 -8.27 0.22
N PHE A 66 -4.36 -8.75 0.08
CA PHE A 66 -3.47 -8.44 -1.00
C PHE A 66 -3.28 -9.67 -1.87
N MET A 67 -3.30 -9.47 -3.17
CA MET A 67 -3.05 -10.53 -4.12
C MET A 67 -1.90 -10.08 -5.01
N ARG A 68 -0.88 -10.90 -5.10
CA ARG A 68 0.30 -10.52 -5.79
C ARG A 68 0.29 -10.93 -7.26
N ILE A 69 0.53 -9.97 -8.10
CA ILE A 69 0.74 -10.19 -9.47
C ILE A 69 2.02 -9.45 -9.86
N GLN A 70 2.89 -10.13 -10.50
CA GLN A 70 4.12 -9.55 -10.94
C GLN A 70 4.16 -9.60 -12.44
N ASN A 71 4.55 -8.49 -13.02
CA ASN A 71 4.74 -8.39 -14.47
C ASN A 71 5.65 -9.50 -14.93
N GLU A 72 5.14 -10.35 -15.74
CA GLU A 72 5.87 -11.50 -16.20
C GLU A 72 6.74 -11.09 -17.37
N GLY A 73 8.01 -10.97 -17.10
CA GLY A 73 8.96 -10.57 -18.09
C GLY A 73 10.26 -10.18 -17.43
N ALA A 74 11.12 -9.53 -18.16
CA ALA A 74 12.42 -9.13 -17.65
C ALA A 74 12.30 -7.97 -16.66
N GLY A 75 11.30 -7.14 -16.87
CA GLY A 75 11.06 -6.02 -15.99
C GLY A 75 10.36 -6.45 -14.73
N LYS A 76 11.00 -6.27 -13.60
CA LYS A 76 10.45 -6.70 -12.35
C LYS A 76 9.51 -5.66 -11.80
N SER A 77 8.37 -5.62 -12.37
CA SER A 77 7.34 -4.72 -11.98
C SER A 77 6.31 -5.49 -11.17
N SER A 78 6.35 -5.30 -9.89
CA SER A 78 5.40 -5.92 -9.04
C SER A 78 4.19 -5.03 -8.95
N TRP A 79 3.03 -5.60 -8.90
CA TRP A 79 1.84 -4.82 -8.82
C TRP A 79 1.26 -5.10 -7.49
N TRP A 80 0.91 -4.09 -6.78
CA TRP A 80 0.34 -4.27 -5.54
C TRP A 80 -1.13 -3.92 -5.71
N VAL A 81 -1.98 -4.89 -5.47
CA VAL A 81 -3.41 -4.70 -5.66
C VAL A 81 -4.17 -5.39 -4.55
N ILE A 82 -5.36 -4.91 -4.30
CA ILE A 82 -6.18 -5.46 -3.27
C ILE A 82 -7.07 -6.55 -3.82
N ASN A 83 -7.11 -7.64 -3.11
CA ASN A 83 -7.87 -8.83 -3.46
C ASN A 83 -9.38 -8.55 -3.41
N PRO A 84 -10.11 -8.79 -4.53
CA PRO A 84 -11.57 -8.57 -4.59
C PRO A 84 -12.34 -9.54 -3.69
N ASP A 85 -11.68 -10.62 -3.30
CA ASP A 85 -12.26 -11.61 -2.41
C ASP A 85 -12.05 -11.22 -0.97
N ALA A 86 -11.45 -10.08 -0.76
CA ALA A 86 -11.15 -9.57 0.56
C ALA A 86 -12.05 -8.38 0.88
N LYS A 87 -13.18 -8.34 0.24
CA LYS A 87 -14.13 -7.29 0.44
C LYS A 87 -15.24 -7.74 1.39
N PRO A 88 -15.43 -7.03 2.51
CA PRO A 88 -16.53 -7.30 3.40
C PRO A 88 -17.84 -6.93 2.70
N GLY A 89 -18.80 -7.80 2.77
CA GLY A 89 -20.07 -7.55 2.12
C GLY A 89 -20.25 -8.46 0.93
N ARG A 90 -19.26 -8.46 0.06
CA ARG A 90 -19.28 -9.31 -1.11
C ARG A 90 -18.07 -10.23 -1.09
N ASN A 91 -18.34 -11.52 -0.89
CA ASN A 91 -17.32 -12.58 -0.71
C ASN A 91 -16.78 -12.55 0.70
N PRO A 92 -17.16 -13.55 1.52
CA PRO A 92 -16.73 -13.61 2.91
C PRO A 92 -15.25 -13.90 3.03
N ARG A 93 -14.67 -13.54 4.16
CA ARG A 93 -13.29 -13.78 4.41
C ARG A 93 -13.03 -15.27 4.45
N ARG A 94 -12.42 -15.77 3.43
CA ARG A 94 -12.09 -17.15 3.33
C ARG A 94 -10.65 -17.26 2.91
N GLN A 95 -9.79 -17.32 3.87
CA GLN A 95 -8.38 -17.39 3.64
C GLN A 95 -7.96 -18.86 3.57
N ARG A 96 -7.63 -19.30 2.38
CA ARG A 96 -7.23 -20.68 2.20
C ARG A 96 -5.72 -20.79 2.26
N SER A 97 -5.06 -19.68 1.94
CA SER A 97 -3.61 -19.58 1.97
C SER A 97 -2.97 -20.60 0.99
N ALA A 98 -1.72 -20.90 1.20
CA ALA A 98 -0.99 -21.85 0.39
C ALA A 98 -1.00 -23.21 1.07
N THR A 99 -1.93 -23.38 1.98
CA THR A 99 -2.05 -24.58 2.77
C THR A 99 -2.53 -25.78 1.92
N LEU A 100 -1.59 -26.61 1.53
CA LEU A 100 -1.88 -27.82 0.80
C LEU A 100 -1.67 -28.99 1.74
N GLU A 101 -0.44 -29.18 2.18
CA GLU A 101 -0.13 -30.15 3.20
C GLU A 101 0.44 -29.40 4.39
N ASN A 1 1.81 6.12 15.07
CA ASN A 1 2.13 5.96 13.65
C ASN A 1 2.70 7.27 13.12
N PRO A 2 3.69 7.19 12.19
CA PRO A 2 4.43 8.38 11.70
C PRO A 2 3.56 9.54 11.13
N TRP A 3 2.46 9.20 10.53
CA TRP A 3 1.58 10.22 9.93
C TRP A 3 0.48 10.70 10.90
N GLY A 4 0.13 9.84 11.84
CA GLY A 4 -0.96 10.14 12.74
C GLY A 4 -1.48 8.88 13.40
N ALA A 5 -2.80 8.79 13.56
CA ALA A 5 -3.40 7.63 14.20
C ALA A 5 -3.99 6.65 13.20
N GLU A 6 -4.07 7.06 11.94
CA GLU A 6 -4.59 6.20 10.87
C GLU A 6 -3.69 4.98 10.71
N SER A 7 -4.19 3.95 10.11
CA SER A 7 -3.41 2.75 9.99
C SER A 7 -2.70 2.79 8.69
N TYR A 8 -1.76 1.90 8.53
CA TYR A 8 -1.08 1.74 7.29
C TYR A 8 -2.08 1.36 6.26
N SER A 9 -2.84 0.31 6.50
CA SER A 9 -3.87 -0.14 5.57
C SER A 9 -4.87 1.00 5.21
N ASP A 10 -5.16 1.92 6.16
CA ASP A 10 -6.04 3.09 5.88
C ASP A 10 -5.46 3.92 4.78
N LEU A 11 -4.21 4.31 4.94
CA LEU A 11 -3.57 5.14 3.97
C LEU A 11 -3.12 4.38 2.71
N ILE A 12 -2.71 3.13 2.87
CA ILE A 12 -2.31 2.29 1.75
C ILE A 12 -3.46 2.16 0.78
N ALA A 13 -4.66 2.00 1.34
CA ALA A 13 -5.84 1.93 0.53
C ALA A 13 -6.02 3.19 -0.27
N LYS A 14 -5.90 4.37 0.38
CA LYS A 14 -6.05 5.67 -0.33
C LYS A 14 -5.06 5.77 -1.47
N ALA A 15 -3.84 5.36 -1.20
CA ALA A 15 -2.78 5.39 -2.19
C ALA A 15 -3.16 4.54 -3.34
N LEU A 16 -3.50 3.32 -3.04
CA LEU A 16 -3.88 2.31 -4.02
C LEU A 16 -5.05 2.85 -4.84
N LYS A 17 -5.99 3.47 -4.13
CA LYS A 17 -7.17 4.07 -4.68
C LYS A 17 -6.92 5.14 -5.76
N SER A 18 -5.71 5.67 -5.84
CA SER A 18 -5.42 6.68 -6.86
C SER A 18 -5.36 6.03 -8.27
N THR A 19 -5.37 4.70 -8.30
CA THR A 19 -5.32 3.92 -9.53
C THR A 19 -5.90 2.52 -9.19
N PHE A 20 -6.93 2.53 -8.33
CA PHE A 20 -7.53 1.32 -7.70
C PHE A 20 -8.00 0.32 -8.73
N ASP A 21 -8.31 0.81 -9.89
CA ASP A 21 -8.90 -0.01 -10.93
C ASP A 21 -7.83 -0.69 -11.76
N GLY A 22 -6.61 -0.30 -11.55
CA GLY A 22 -5.53 -0.91 -12.23
C GLY A 22 -4.66 -1.67 -11.27
N ARG A 23 -3.54 -1.10 -10.95
CA ARG A 23 -2.60 -1.63 -10.02
C ARG A 23 -1.73 -0.52 -9.53
N MET A 24 -1.03 -0.70 -8.44
CA MET A 24 -0.15 0.36 -8.03
C MET A 24 1.16 -0.22 -7.68
N ARG A 25 2.19 0.44 -8.09
CA ARG A 25 3.49 0.01 -7.77
C ARG A 25 3.77 0.36 -6.35
N LEU A 26 4.44 -0.52 -5.71
CA LEU A 26 4.78 -0.40 -4.31
C LEU A 26 5.64 0.85 -4.08
N ASN A 27 6.40 1.21 -5.09
CA ASN A 27 7.23 2.40 -5.05
C ASN A 27 6.33 3.63 -5.12
N GLU A 28 5.28 3.55 -5.96
CA GLU A 28 4.31 4.64 -6.10
C GLU A 28 3.55 4.82 -4.80
N ILE A 29 3.21 3.71 -4.15
CA ILE A 29 2.60 3.73 -2.82
C ILE A 29 3.46 4.55 -1.85
N TYR A 30 4.76 4.25 -1.80
CA TYR A 30 5.69 5.02 -0.96
C TYR A 30 5.66 6.49 -1.35
N ASN A 31 5.69 6.70 -2.64
CA ASN A 31 5.67 8.02 -3.24
C ASN A 31 4.39 8.79 -2.89
N TRP A 32 3.28 8.07 -2.80
CA TRP A 32 2.00 8.68 -2.44
C TRP A 32 2.09 9.31 -1.08
N PHE A 33 2.62 8.57 -0.12
CA PHE A 33 2.80 9.08 1.23
C PHE A 33 3.71 10.27 1.23
N ALA A 34 4.81 10.15 0.52
CA ALA A 34 5.80 11.21 0.46
C ALA A 34 5.22 12.47 -0.17
N SER A 35 4.39 12.28 -1.16
CA SER A 35 3.78 13.37 -1.88
C SER A 35 2.61 13.99 -1.11
N ASN A 36 1.76 13.16 -0.51
CA ASN A 36 0.52 13.65 0.10
C ASN A 36 0.65 13.96 1.56
N VAL A 37 1.59 13.33 2.21
CA VAL A 37 1.80 13.55 3.61
C VAL A 37 3.08 14.31 3.80
N PRO A 38 2.99 15.50 4.39
CA PRO A 38 4.14 16.38 4.58
C PRO A 38 5.26 15.73 5.37
N TYR A 39 4.91 14.84 6.29
CA TYR A 39 5.88 14.16 7.09
C TYR A 39 6.78 13.23 6.24
N PHE A 40 6.17 12.54 5.30
CA PHE A 40 6.91 11.61 4.46
C PHE A 40 7.71 12.27 3.40
N GLY A 41 7.26 13.43 2.96
CA GLY A 41 8.06 14.22 2.02
C GLY A 41 9.39 14.60 2.64
N ASN A 42 9.40 14.61 3.96
CA ASN A 42 10.54 14.90 4.76
C ASN A 42 11.39 13.63 5.02
N ARG A 43 10.83 12.46 4.76
CA ARG A 43 11.54 11.19 4.88
C ARG A 43 11.62 10.52 3.52
N THR A 44 12.51 10.96 2.69
CA THR A 44 12.59 10.41 1.36
C THR A 44 13.94 9.77 1.03
N SER A 45 14.93 9.99 1.89
CA SER A 45 16.22 9.39 1.69
C SER A 45 16.12 7.89 2.05
N GLN A 46 17.03 7.08 1.54
CA GLN A 46 16.95 5.62 1.69
C GLN A 46 16.78 5.14 3.14
N GLU A 47 17.57 5.67 4.07
CA GLU A 47 17.46 5.25 5.47
C GLU A 47 16.41 6.05 6.21
N GLN A 48 16.01 7.14 5.61
CA GLN A 48 14.97 7.99 6.18
C GLN A 48 13.62 7.38 5.98
N SER A 49 13.46 6.67 4.91
CA SER A 49 12.21 6.08 4.58
C SER A 49 12.16 4.59 4.93
N ALA A 50 13.32 4.03 5.22
CA ALA A 50 13.49 2.59 5.47
C ALA A 50 12.46 1.98 6.41
N GLY A 51 12.32 2.55 7.57
CA GLY A 51 11.45 1.98 8.56
C GLY A 51 9.99 2.07 8.20
N TRP A 52 9.55 3.23 7.71
CA TRP A 52 8.15 3.35 7.39
C TRP A 52 7.80 2.49 6.17
N LYS A 53 8.78 2.31 5.25
CA LYS A 53 8.59 1.37 4.16
C LYS A 53 8.45 -0.04 4.67
N ASN A 54 9.30 -0.41 5.64
CA ASN A 54 9.25 -1.75 6.19
C ASN A 54 7.95 -2.02 6.89
N SER A 55 7.44 -1.05 7.58
CA SER A 55 6.17 -1.21 8.24
C SER A 55 5.01 -1.40 7.22
N ILE A 56 5.08 -0.68 6.09
CA ILE A 56 4.10 -0.87 5.00
C ILE A 56 4.22 -2.31 4.47
N ARG A 57 5.46 -2.72 4.23
CA ARG A 57 5.77 -4.07 3.77
C ARG A 57 5.27 -5.13 4.72
N HIS A 58 5.38 -4.86 6.02
CA HIS A 58 4.93 -5.79 7.02
C HIS A 58 3.43 -5.97 6.96
N ASN A 59 2.69 -4.85 6.96
CA ASN A 59 1.20 -4.89 6.90
C ASN A 59 0.70 -5.66 5.69
N LEU A 60 1.41 -5.53 4.60
CA LEU A 60 1.09 -6.23 3.37
C LEU A 60 1.25 -7.75 3.55
N SER A 61 2.31 -8.15 4.19
CA SER A 61 2.61 -9.55 4.34
C SER A 61 1.85 -10.18 5.55
N LEU A 62 1.37 -9.32 6.47
CA LEU A 62 0.69 -9.79 7.69
C LEU A 62 -0.55 -10.63 7.43
N HIS A 63 -1.38 -10.23 6.47
CA HIS A 63 -2.64 -10.97 6.24
C HIS A 63 -2.93 -11.20 4.78
N SER A 64 -3.95 -12.01 4.53
CA SER A 64 -4.32 -12.46 3.20
C SER A 64 -5.03 -11.38 2.37
N ARG A 65 -5.00 -10.15 2.85
CA ARG A 65 -5.58 -9.02 2.10
C ARG A 65 -4.67 -8.57 0.98
N PHE A 66 -3.55 -9.23 0.86
CA PHE A 66 -2.54 -8.89 -0.09
C PHE A 66 -2.47 -9.90 -1.21
N MET A 67 -2.34 -9.41 -2.42
CA MET A 67 -2.15 -10.24 -3.58
C MET A 67 -1.20 -9.55 -4.56
N ARG A 68 -0.17 -10.27 -4.94
CA ARG A 68 0.90 -9.75 -5.75
C ARG A 68 0.64 -10.04 -7.21
N ILE A 69 0.98 -9.11 -8.08
CA ILE A 69 0.89 -9.38 -9.50
C ILE A 69 2.27 -9.76 -9.99
N GLN A 70 2.32 -10.74 -10.87
CA GLN A 70 3.58 -11.21 -11.41
C GLN A 70 4.14 -10.12 -12.32
N ASN A 71 5.34 -9.71 -12.07
CA ASN A 71 5.95 -8.64 -12.84
C ASN A 71 6.46 -9.13 -14.14
N GLU A 72 5.82 -8.68 -15.16
CA GLU A 72 6.26 -8.90 -16.47
C GLU A 72 6.66 -7.55 -17.03
N GLY A 73 7.91 -7.22 -16.85
CA GLY A 73 8.39 -5.95 -17.29
C GLY A 73 9.86 -5.82 -17.08
N ALA A 74 10.27 -5.09 -16.08
CA ALA A 74 11.67 -4.85 -15.85
C ALA A 74 12.07 -4.99 -14.38
N GLY A 75 12.84 -6.02 -14.11
CA GLY A 75 13.44 -6.23 -12.81
C GLY A 75 12.48 -6.37 -11.65
N LYS A 76 12.81 -5.70 -10.55
CA LYS A 76 12.10 -5.81 -9.31
C LYS A 76 10.99 -4.80 -9.13
N SER A 77 10.41 -4.37 -10.24
CA SER A 77 9.29 -3.45 -10.21
C SER A 77 8.09 -4.14 -9.54
N SER A 78 7.94 -3.89 -8.27
CA SER A 78 6.94 -4.51 -7.49
C SER A 78 5.63 -3.74 -7.48
N TRP A 79 4.57 -4.41 -7.89
CA TRP A 79 3.27 -3.84 -7.85
C TRP A 79 2.28 -4.88 -7.37
N TRP A 80 1.30 -4.45 -6.65
CA TRP A 80 0.38 -5.35 -6.06
C TRP A 80 -1.01 -4.71 -6.04
N VAL A 81 -2.03 -5.52 -5.77
CA VAL A 81 -3.39 -5.04 -5.67
C VAL A 81 -4.01 -5.59 -4.39
N ILE A 82 -5.05 -4.97 -3.92
CA ILE A 82 -5.67 -5.42 -2.70
C ILE A 82 -6.59 -6.56 -3.06
N ASN A 83 -6.51 -7.62 -2.27
CA ASN A 83 -7.28 -8.83 -2.53
C ASN A 83 -8.79 -8.52 -2.41
N PRO A 84 -9.55 -8.71 -3.51
CA PRO A 84 -10.99 -8.43 -3.56
C PRO A 84 -11.82 -9.52 -2.89
N ASP A 85 -11.17 -10.60 -2.55
CA ASP A 85 -11.81 -11.70 -1.85
C ASP A 85 -11.62 -11.51 -0.36
N ALA A 86 -10.69 -10.65 -0.01
CA ALA A 86 -10.39 -10.37 1.37
C ALA A 86 -11.14 -9.15 1.87
N LYS A 87 -11.66 -8.39 0.96
CA LYS A 87 -12.37 -7.18 1.30
C LYS A 87 -13.58 -6.94 0.39
N PRO A 88 -14.69 -6.45 0.96
CA PRO A 88 -15.86 -6.05 0.18
C PRO A 88 -15.60 -4.70 -0.48
N GLY A 89 -14.71 -3.92 0.13
CA GLY A 89 -14.34 -2.63 -0.38
C GLY A 89 -15.16 -1.51 0.20
N ARG A 90 -14.52 -0.36 0.35
CA ARG A 90 -15.15 0.90 0.80
C ARG A 90 -15.67 0.82 2.24
N ASN A 91 -15.10 -0.09 3.01
CA ASN A 91 -15.43 -0.20 4.42
C ASN A 91 -14.44 0.61 5.24
N PRO A 92 -14.92 1.34 6.25
CA PRO A 92 -14.05 2.14 7.09
C PRO A 92 -13.20 1.28 8.03
N ARG A 93 -11.91 1.31 7.83
CA ARG A 93 -10.98 0.59 8.67
C ARG A 93 -10.72 1.45 9.89
N ARG A 94 -11.33 1.16 10.99
CA ARG A 94 -11.23 2.03 12.17
C ARG A 94 -10.73 1.29 13.41
N GLN A 95 -10.04 0.18 13.22
CA GLN A 95 -9.63 -0.61 14.38
C GLN A 95 -8.22 -0.27 14.94
N ARG A 96 -7.46 0.55 14.24
CA ARG A 96 -6.16 1.01 14.80
C ARG A 96 -6.21 2.49 15.09
N SER A 97 -7.14 3.17 14.45
CA SER A 97 -7.34 4.58 14.61
C SER A 97 -8.43 4.83 15.64
N ALA A 98 -8.71 3.79 16.39
CA ALA A 98 -9.67 3.83 17.46
C ALA A 98 -8.93 4.09 18.74
N THR A 99 -9.61 4.02 19.85
CA THR A 99 -8.98 4.23 21.08
C THR A 99 -8.49 2.91 21.69
N LEU A 100 -7.21 2.63 21.49
CA LEU A 100 -6.60 1.45 22.06
C LEU A 100 -6.09 1.78 23.44
N GLU A 101 -6.87 1.43 24.41
CA GLU A 101 -6.55 1.65 25.79
C GLU A 101 -7.16 0.47 26.55
N ASN A 1 0.78 5.94 14.87
CA ASN A 1 1.21 5.95 13.47
C ASN A 1 2.03 7.18 13.20
N PRO A 2 3.07 7.06 12.34
CA PRO A 2 4.01 8.18 12.06
C PRO A 2 3.34 9.38 11.37
N TRP A 3 2.38 9.09 10.54
CA TRP A 3 1.67 10.10 9.78
C TRP A 3 0.56 10.78 10.57
N GLY A 4 -0.12 10.01 11.42
CA GLY A 4 -1.24 10.51 12.14
C GLY A 4 -2.05 9.42 12.79
N ALA A 5 -3.33 9.30 12.44
CA ALA A 5 -4.22 8.38 13.15
C ALA A 5 -4.65 7.16 12.34
N GLU A 6 -4.77 7.27 11.01
CA GLU A 6 -5.22 6.12 10.21
C GLU A 6 -4.20 5.01 10.22
N SER A 7 -4.61 3.83 9.84
CA SER A 7 -3.74 2.70 9.86
C SER A 7 -2.96 2.62 8.57
N TYR A 8 -1.93 1.78 8.56
CA TYR A 8 -1.16 1.55 7.37
C TYR A 8 -2.05 1.11 6.28
N SER A 9 -2.75 0.01 6.53
CA SER A 9 -3.68 -0.55 5.55
C SER A 9 -4.70 0.50 5.05
N ASP A 10 -5.15 1.39 5.93
CA ASP A 10 -6.07 2.48 5.55
C ASP A 10 -5.43 3.42 4.54
N LEU A 11 -4.24 3.88 4.86
CA LEU A 11 -3.53 4.75 3.96
C LEU A 11 -2.96 4.04 2.74
N ILE A 12 -2.55 2.79 2.90
CA ILE A 12 -2.08 2.01 1.77
C ILE A 12 -3.22 1.84 0.79
N ALA A 13 -4.42 1.62 1.34
CA ALA A 13 -5.62 1.58 0.55
C ALA A 13 -5.81 2.90 -0.18
N LYS A 14 -5.55 4.03 0.49
CA LYS A 14 -5.63 5.34 -0.18
C LYS A 14 -4.63 5.46 -1.31
N ALA A 15 -3.41 4.95 -1.09
CA ALA A 15 -2.40 4.95 -2.14
C ALA A 15 -2.92 4.18 -3.33
N LEU A 16 -3.50 3.04 -3.04
CA LEU A 16 -4.16 2.24 -4.04
C LEU A 16 -5.32 2.98 -4.69
N LYS A 17 -6.17 3.60 -3.86
CA LYS A 17 -7.34 4.33 -4.32
C LYS A 17 -7.01 5.53 -5.22
N SER A 18 -5.75 5.91 -5.27
CA SER A 18 -5.32 6.99 -6.13
C SER A 18 -5.38 6.53 -7.60
N THR A 19 -5.26 5.23 -7.82
CA THR A 19 -5.25 4.67 -9.15
C THR A 19 -5.80 3.23 -9.07
N PHE A 20 -6.85 3.09 -8.27
CA PHE A 20 -7.44 1.79 -7.90
C PHE A 20 -7.98 1.05 -9.12
N ASP A 21 -8.16 1.78 -10.20
CA ASP A 21 -8.70 1.23 -11.43
C ASP A 21 -7.65 0.46 -12.17
N GLY A 22 -6.42 0.60 -11.74
CA GLY A 22 -5.33 -0.10 -12.32
C GLY A 22 -4.52 -0.80 -11.27
N ARG A 23 -3.36 -0.26 -10.98
CA ARG A 23 -2.47 -0.87 -10.01
C ARG A 23 -1.49 0.16 -9.49
N MET A 24 -0.96 -0.10 -8.32
CA MET A 24 0.07 0.72 -7.74
C MET A 24 1.36 -0.03 -7.73
N ARG A 25 2.45 0.67 -7.77
CA ARG A 25 3.72 0.01 -7.64
C ARG A 25 4.10 0.11 -6.18
N LEU A 26 4.79 -0.87 -5.67
CA LEU A 26 5.26 -0.81 -4.30
C LEU A 26 6.08 0.47 -4.01
N ASN A 27 6.90 0.91 -4.97
CA ASN A 27 7.64 2.19 -4.83
C ASN A 27 6.66 3.35 -4.80
N GLU A 28 5.62 3.25 -5.62
CA GLU A 28 4.59 4.28 -5.72
C GLU A 28 3.81 4.41 -4.43
N ILE A 29 3.66 3.31 -3.72
CA ILE A 29 3.02 3.33 -2.40
C ILE A 29 3.80 4.26 -1.49
N TYR A 30 5.10 4.06 -1.47
CA TYR A 30 6.00 4.89 -0.68
C TYR A 30 5.97 6.34 -1.14
N ASN A 31 5.96 6.52 -2.45
CA ASN A 31 5.90 7.87 -3.06
C ASN A 31 4.60 8.58 -2.71
N TRP A 32 3.51 7.82 -2.62
CA TRP A 32 2.22 8.37 -2.25
C TRP A 32 2.30 9.04 -0.89
N PHE A 33 2.79 8.29 0.10
CA PHE A 33 2.93 8.80 1.46
C PHE A 33 3.82 10.01 1.51
N ALA A 34 4.91 9.94 0.80
CA ALA A 34 5.89 11.03 0.76
C ALA A 34 5.26 12.32 0.26
N SER A 35 4.50 12.21 -0.80
CA SER A 35 3.88 13.36 -1.40
C SER A 35 2.64 13.84 -0.64
N ASN A 36 1.85 12.91 -0.13
CA ASN A 36 0.58 13.28 0.50
C ASN A 36 0.70 13.55 1.99
N VAL A 37 1.81 13.15 2.56
CA VAL A 37 2.07 13.39 3.96
C VAL A 37 3.40 14.12 4.10
N PRO A 38 3.38 15.34 4.67
CA PRO A 38 4.57 16.21 4.73
C PRO A 38 5.70 15.61 5.58
N TYR A 39 5.34 14.76 6.53
CA TYR A 39 6.32 14.07 7.36
C TYR A 39 7.13 13.10 6.51
N PHE A 40 6.50 12.45 5.57
CA PHE A 40 7.20 11.54 4.71
C PHE A 40 7.96 12.27 3.66
N GLY A 41 7.46 13.43 3.26
CA GLY A 41 8.16 14.26 2.29
C GLY A 41 9.56 14.62 2.74
N ASN A 42 9.73 14.82 4.04
CA ASN A 42 11.01 15.14 4.59
C ASN A 42 11.84 13.87 4.89
N ARG A 43 11.23 12.72 4.69
CA ARG A 43 11.89 11.42 4.84
C ARG A 43 11.79 10.66 3.54
N THR A 44 12.32 11.24 2.50
CA THR A 44 12.23 10.69 1.16
C THR A 44 13.50 10.04 0.67
N SER A 45 14.60 10.28 1.35
CA SER A 45 15.83 9.70 0.95
C SER A 45 15.85 8.21 1.42
N GLN A 46 16.76 7.43 0.88
CA GLN A 46 16.81 5.96 1.09
C GLN A 46 16.81 5.56 2.58
N GLU A 47 17.71 6.13 3.33
CA GLU A 47 17.85 5.80 4.75
C GLU A 47 16.81 6.56 5.56
N GLN A 48 16.35 7.65 5.00
CA GLN A 48 15.35 8.51 5.63
C GLN A 48 13.99 7.84 5.64
N SER A 49 13.72 7.08 4.61
CA SER A 49 12.43 6.46 4.45
C SER A 49 12.41 4.99 4.89
N ALA A 50 13.58 4.38 4.97
CA ALA A 50 13.72 2.94 5.26
C ALA A 50 12.90 2.47 6.47
N GLY A 51 12.91 3.26 7.53
CA GLY A 51 12.22 2.87 8.74
C GLY A 51 10.73 2.87 8.61
N TRP A 52 10.16 3.88 7.98
CA TRP A 52 8.74 3.89 7.83
C TRP A 52 8.30 2.90 6.75
N LYS A 53 9.18 2.66 5.77
CA LYS A 53 8.95 1.64 4.77
C LYS A 53 8.86 0.28 5.41
N ASN A 54 9.68 0.07 6.45
CA ASN A 54 9.73 -1.21 7.15
C ASN A 54 8.33 -1.62 7.62
N SER A 55 7.68 -0.71 8.30
CA SER A 55 6.38 -0.94 8.86
C SER A 55 5.30 -1.12 7.77
N ILE A 56 5.43 -0.38 6.66
CA ILE A 56 4.51 -0.54 5.55
C ILE A 56 4.68 -1.90 4.90
N ARG A 57 5.92 -2.26 4.63
CA ARG A 57 6.25 -3.48 3.96
C ARG A 57 5.68 -4.70 4.71
N HIS A 58 5.73 -4.66 6.03
CA HIS A 58 5.16 -5.74 6.83
C HIS A 58 3.65 -5.82 6.70
N ASN A 59 2.96 -4.67 6.79
CA ASN A 59 1.48 -4.65 6.64
C ASN A 59 1.03 -5.13 5.27
N LEU A 60 1.86 -4.88 4.26
CA LEU A 60 1.56 -5.28 2.89
C LEU A 60 1.34 -6.80 2.80
N SER A 61 2.22 -7.55 3.43
CA SER A 61 2.18 -8.99 3.35
C SER A 61 1.71 -9.62 4.67
N LEU A 62 1.21 -8.80 5.57
CA LEU A 62 0.74 -9.24 6.85
C LEU A 62 -0.51 -10.10 6.67
N HIS A 63 -1.39 -9.64 5.81
CA HIS A 63 -2.63 -10.32 5.57
C HIS A 63 -2.69 -10.88 4.17
N SER A 64 -3.71 -11.67 3.92
CA SER A 64 -3.95 -12.26 2.62
C SER A 64 -4.74 -11.26 1.76
N ARG A 65 -4.62 -9.97 2.07
CA ARG A 65 -5.29 -8.92 1.31
C ARG A 65 -4.42 -8.47 0.16
N PHE A 66 -3.30 -9.13 -0.01
CA PHE A 66 -2.39 -8.81 -1.07
C PHE A 66 -2.48 -9.80 -2.21
N MET A 67 -2.54 -9.26 -3.40
CA MET A 67 -2.46 -10.02 -4.61
C MET A 67 -1.46 -9.40 -5.53
N ARG A 68 -0.77 -10.22 -6.24
CA ARG A 68 0.27 -9.80 -7.11
C ARG A 68 -0.17 -9.98 -8.55
N ILE A 69 0.19 -9.06 -9.41
CA ILE A 69 -0.13 -9.25 -10.81
C ILE A 69 1.08 -9.91 -11.45
N GLN A 70 0.83 -10.95 -12.17
CA GLN A 70 1.89 -11.74 -12.73
C GLN A 70 2.55 -11.03 -13.88
N ASN A 71 3.84 -10.90 -13.78
CA ASN A 71 4.62 -10.28 -14.78
C ASN A 71 5.76 -11.19 -15.13
N GLU A 72 6.24 -11.09 -16.32
CA GLU A 72 7.27 -11.97 -16.80
C GLU A 72 8.63 -11.52 -16.31
N GLY A 73 9.42 -12.46 -15.85
CA GLY A 73 10.74 -12.13 -15.40
C GLY A 73 10.79 -11.81 -13.94
N ALA A 74 9.75 -12.22 -13.22
CA ALA A 74 9.61 -11.98 -11.77
C ALA A 74 9.36 -10.51 -11.45
N GLY A 75 8.72 -10.27 -10.33
CA GLY A 75 8.30 -8.93 -9.95
C GLY A 75 9.41 -7.96 -9.58
N LYS A 76 10.15 -7.48 -10.56
CA LYS A 76 11.09 -6.39 -10.32
C LYS A 76 10.29 -5.11 -10.27
N SER A 77 9.43 -4.94 -11.26
CA SER A 77 8.49 -3.89 -11.26
C SER A 77 7.29 -4.41 -10.49
N SER A 78 7.40 -4.32 -9.20
CA SER A 78 6.39 -4.81 -8.35
C SER A 78 5.13 -3.97 -8.41
N TRP A 79 4.07 -4.58 -8.85
CA TRP A 79 2.82 -3.93 -8.83
C TRP A 79 1.91 -4.60 -7.86
N TRP A 80 1.34 -3.79 -7.06
CA TRP A 80 0.68 -4.16 -5.87
C TRP A 80 -0.81 -3.89 -6.02
N VAL A 81 -1.65 -4.89 -5.74
CA VAL A 81 -3.09 -4.73 -5.78
C VAL A 81 -3.74 -5.41 -4.58
N ILE A 82 -4.91 -4.93 -4.21
CA ILE A 82 -5.62 -5.48 -3.07
C ILE A 82 -6.49 -6.65 -3.52
N ASN A 83 -6.39 -7.74 -2.78
CA ASN A 83 -7.14 -8.96 -3.05
C ASN A 83 -8.64 -8.74 -2.83
N PRO A 84 -9.46 -8.94 -3.89
CA PRO A 84 -10.91 -8.75 -3.81
C PRO A 84 -11.59 -9.86 -3.01
N ASP A 85 -10.90 -10.98 -2.87
CA ASP A 85 -11.44 -12.11 -2.15
C ASP A 85 -11.16 -12.03 -0.68
N ALA A 86 -10.45 -10.99 -0.28
CA ALA A 86 -10.11 -10.82 1.12
C ALA A 86 -11.14 -9.97 1.82
N LYS A 87 -12.00 -9.36 1.05
CA LYS A 87 -13.04 -8.54 1.60
C LYS A 87 -14.36 -9.30 1.65
N PRO A 88 -15.13 -9.14 2.72
CA PRO A 88 -16.46 -9.75 2.83
C PRO A 88 -17.50 -8.87 2.14
N GLY A 89 -17.04 -7.74 1.65
CA GLY A 89 -17.88 -6.77 1.03
C GLY A 89 -17.69 -5.46 1.73
N ARG A 90 -18.72 -4.66 1.75
CA ARG A 90 -18.68 -3.41 2.50
C ARG A 90 -19.32 -3.63 3.86
N ASN A 91 -19.96 -4.77 3.99
CA ASN A 91 -20.55 -5.22 5.22
C ASN A 91 -19.64 -6.26 5.86
N PRO A 92 -18.84 -5.88 6.88
CA PRO A 92 -17.91 -6.77 7.53
C PRO A 92 -18.61 -7.79 8.41
N ARG A 93 -18.48 -9.02 8.04
CA ARG A 93 -19.01 -10.11 8.83
C ARG A 93 -17.87 -10.64 9.71
N ARG A 94 -18.18 -11.51 10.66
CA ARG A 94 -17.16 -12.13 11.50
C ARG A 94 -16.12 -12.81 10.63
N GLN A 95 -14.87 -12.65 11.00
CA GLN A 95 -13.76 -13.17 10.25
C GLN A 95 -13.72 -14.70 10.25
N ARG A 96 -14.18 -15.27 9.17
CA ARG A 96 -14.17 -16.71 8.99
C ARG A 96 -12.94 -17.09 8.19
N SER A 97 -12.51 -16.16 7.35
CA SER A 97 -11.36 -16.37 6.50
C SER A 97 -10.05 -16.25 7.31
N ALA A 98 -10.16 -15.66 8.49
CA ALA A 98 -8.99 -15.48 9.33
C ALA A 98 -8.72 -16.74 10.14
N THR A 99 -7.82 -17.52 9.63
CA THR A 99 -7.38 -18.74 10.25
C THR A 99 -6.05 -19.13 9.60
N LEU A 100 -5.25 -19.94 10.30
CA LEU A 100 -3.89 -20.30 9.86
C LEU A 100 -3.02 -19.05 9.74
N GLU A 101 -2.39 -18.69 10.81
CA GLU A 101 -1.58 -17.49 10.82
C GLU A 101 -0.17 -17.86 10.45
N ASN A 1 1.46 5.39 14.80
CA ASN A 1 1.76 5.48 13.36
C ASN A 1 2.52 6.75 13.08
N PRO A 2 3.50 6.69 12.16
CA PRO A 2 4.39 7.84 11.86
C PRO A 2 3.64 9.08 11.35
N TRP A 3 2.56 8.86 10.64
CA TRP A 3 1.78 9.94 10.05
C TRP A 3 0.71 10.50 11.00
N GLY A 4 0.15 9.65 11.85
CA GLY A 4 -0.94 10.07 12.70
C GLY A 4 -1.71 8.88 13.24
N ALA A 5 -3.03 9.00 13.35
CA ALA A 5 -3.85 7.96 13.95
C ALA A 5 -4.37 6.93 12.96
N GLU A 6 -4.44 7.29 11.68
CA GLU A 6 -4.90 6.34 10.65
C GLU A 6 -3.94 5.17 10.56
N SER A 7 -4.39 4.07 10.04
CA SER A 7 -3.55 2.91 9.96
C SER A 7 -2.91 2.82 8.60
N TYR A 8 -1.89 1.97 8.49
CA TYR A 8 -1.19 1.74 7.25
C TYR A 8 -2.14 1.37 6.19
N SER A 9 -2.77 0.24 6.35
CA SER A 9 -3.71 -0.29 5.38
C SER A 9 -4.83 0.73 5.02
N ASP A 10 -5.17 1.63 5.97
CA ASP A 10 -6.15 2.70 5.70
C ASP A 10 -5.62 3.67 4.69
N LEU A 11 -4.41 4.16 4.92
CA LEU A 11 -3.79 5.09 4.00
C LEU A 11 -3.31 4.41 2.73
N ILE A 12 -2.81 3.18 2.85
CA ILE A 12 -2.33 2.42 1.70
C ILE A 12 -3.48 2.24 0.70
N ALA A 13 -4.67 1.99 1.22
CA ALA A 13 -5.84 1.87 0.37
C ALA A 13 -6.10 3.15 -0.41
N LYS A 14 -5.90 4.32 0.22
CA LYS A 14 -6.11 5.60 -0.47
C LYS A 14 -5.11 5.75 -1.59
N ALA A 15 -3.89 5.29 -1.34
CA ALA A 15 -2.84 5.31 -2.34
C ALA A 15 -3.27 4.52 -3.53
N LEU A 16 -3.66 3.29 -3.28
CA LEU A 16 -4.16 2.41 -4.33
C LEU A 16 -5.35 3.03 -5.03
N LYS A 17 -6.25 3.65 -4.25
CA LYS A 17 -7.43 4.27 -4.77
C LYS A 17 -7.15 5.48 -5.67
N SER A 18 -5.90 5.86 -5.78
CA SER A 18 -5.50 6.88 -6.70
C SER A 18 -5.43 6.31 -8.15
N THR A 19 -5.34 4.99 -8.29
CA THR A 19 -5.22 4.34 -9.60
C THR A 19 -5.74 2.86 -9.48
N PHE A 20 -6.79 2.72 -8.68
CA PHE A 20 -7.33 1.44 -8.21
C PHE A 20 -7.83 0.55 -9.34
N ASP A 21 -8.06 1.13 -10.49
CA ASP A 21 -8.64 0.38 -11.60
C ASP A 21 -7.59 -0.33 -12.39
N GLY A 22 -6.36 -0.17 -11.99
CA GLY A 22 -5.29 -0.86 -12.61
C GLY A 22 -4.42 -1.50 -11.59
N ARG A 23 -3.34 -0.85 -11.25
CA ARG A 23 -2.39 -1.34 -10.30
C ARG A 23 -1.58 -0.21 -9.77
N MET A 24 -0.85 -0.43 -8.73
CA MET A 24 0.00 0.61 -8.23
C MET A 24 1.31 -0.01 -7.90
N ARG A 25 2.37 0.67 -8.19
CA ARG A 25 3.68 0.16 -7.85
C ARG A 25 3.83 0.34 -6.37
N LEU A 26 4.48 -0.58 -5.73
CA LEU A 26 4.73 -0.46 -4.32
C LEU A 26 5.58 0.79 -4.05
N ASN A 27 6.39 1.13 -5.04
CA ASN A 27 7.20 2.34 -5.04
C ASN A 27 6.30 3.59 -5.05
N GLU A 28 5.22 3.53 -5.85
CA GLU A 28 4.27 4.64 -5.94
C GLU A 28 3.52 4.80 -4.66
N ILE A 29 3.19 3.68 -4.03
CA ILE A 29 2.57 3.69 -2.70
C ILE A 29 3.44 4.49 -1.72
N TYR A 30 4.74 4.23 -1.73
CA TYR A 30 5.68 4.98 -0.90
C TYR A 30 5.63 6.47 -1.26
N ASN A 31 5.65 6.71 -2.56
CA ASN A 31 5.57 8.05 -3.13
C ASN A 31 4.31 8.79 -2.70
N TRP A 32 3.20 8.07 -2.61
CA TRP A 32 1.93 8.64 -2.20
C TRP A 32 2.07 9.23 -0.82
N PHE A 33 2.62 8.45 0.10
CA PHE A 33 2.83 8.91 1.47
C PHE A 33 3.77 10.08 1.49
N ALA A 34 4.85 9.97 0.76
CA ALA A 34 5.87 11.02 0.72
C ALA A 34 5.31 12.33 0.20
N SER A 35 4.53 12.25 -0.83
CA SER A 35 3.94 13.39 -1.45
C SER A 35 2.74 13.95 -0.67
N ASN A 36 1.94 13.07 -0.10
CA ASN A 36 0.71 13.54 0.56
C ASN A 36 0.87 13.81 2.02
N VAL A 37 1.82 13.17 2.64
CA VAL A 37 2.07 13.34 4.04
C VAL A 37 3.39 14.09 4.25
N PRO A 38 3.32 15.27 4.89
CA PRO A 38 4.49 16.14 5.11
C PRO A 38 5.68 15.40 5.75
N TYR A 39 5.39 14.58 6.74
CA TYR A 39 6.41 13.82 7.48
C TYR A 39 7.23 12.95 6.54
N PHE A 40 6.58 12.32 5.58
CA PHE A 40 7.26 11.45 4.66
C PHE A 40 8.01 12.19 3.60
N GLY A 41 7.55 13.39 3.28
CA GLY A 41 8.27 14.23 2.33
C GLY A 41 9.67 14.55 2.85
N ASN A 42 9.81 14.51 4.18
CA ASN A 42 11.09 14.72 4.85
C ASN A 42 11.87 13.42 4.96
N ARG A 43 11.21 12.31 4.69
CA ARG A 43 11.83 11.01 4.71
C ARG A 43 11.70 10.32 3.38
N THR A 44 12.35 10.87 2.39
CA THR A 44 12.24 10.37 1.04
C THR A 44 13.48 9.63 0.57
N SER A 45 14.62 9.94 1.17
CA SER A 45 15.88 9.31 0.78
C SER A 45 15.86 7.84 1.17
N GLN A 46 16.74 7.05 0.59
CA GLN A 46 16.78 5.60 0.83
C GLN A 46 16.83 5.25 2.32
N GLU A 47 17.78 5.82 3.04
CA GLU A 47 17.91 5.52 4.47
C GLU A 47 16.81 6.19 5.28
N GLN A 48 16.26 7.24 4.70
CA GLN A 48 15.22 8.00 5.34
C GLN A 48 13.86 7.33 5.22
N SER A 49 13.67 6.59 4.16
CA SER A 49 12.40 6.00 3.90
C SER A 49 12.36 4.50 4.19
N ALA A 50 13.52 3.83 4.13
CA ALA A 50 13.62 2.38 4.32
C ALA A 50 12.91 1.87 5.58
N GLY A 51 12.93 2.67 6.63
CA GLY A 51 12.30 2.27 7.86
C GLY A 51 10.81 2.24 7.76
N TRP A 52 10.20 3.33 7.30
CA TRP A 52 8.76 3.36 7.22
C TRP A 52 8.26 2.46 6.09
N LYS A 53 9.12 2.24 5.07
CA LYS A 53 8.82 1.27 4.05
C LYS A 53 8.76 -0.13 4.65
N ASN A 54 9.64 -0.39 5.61
CA ASN A 54 9.69 -1.70 6.28
C ASN A 54 8.39 -1.95 7.01
N SER A 55 7.88 -0.91 7.64
CA SER A 55 6.64 -0.95 8.34
C SER A 55 5.48 -1.28 7.35
N ILE A 56 5.56 -0.72 6.14
CA ILE A 56 4.60 -1.00 5.09
C ILE A 56 4.67 -2.48 4.65
N ARG A 57 5.89 -3.03 4.44
CA ARG A 57 6.01 -4.45 4.11
C ARG A 57 5.43 -5.33 5.19
N HIS A 58 5.58 -4.92 6.43
CA HIS A 58 5.06 -5.69 7.55
C HIS A 58 3.54 -5.85 7.41
N ASN A 59 2.87 -4.77 7.05
CA ASN A 59 1.42 -4.80 6.88
C ASN A 59 1.00 -5.53 5.64
N LEU A 60 1.78 -5.39 4.58
CA LEU A 60 1.51 -6.09 3.32
C LEU A 60 1.63 -7.60 3.50
N SER A 61 2.55 -8.01 4.35
CA SER A 61 2.79 -9.40 4.63
C SER A 61 1.76 -9.93 5.67
N LEU A 62 1.27 -9.04 6.53
CA LEU A 62 0.36 -9.37 7.58
C LEU A 62 -1.10 -9.42 7.10
N HIS A 63 -1.48 -8.47 6.27
CA HIS A 63 -2.84 -8.44 5.78
C HIS A 63 -2.89 -9.00 4.37
N SER A 64 -3.01 -10.31 4.28
CA SER A 64 -2.97 -10.97 2.98
C SER A 64 -4.39 -11.06 2.34
N ARG A 65 -5.26 -10.12 2.71
CA ARG A 65 -6.58 -10.04 2.09
C ARG A 65 -6.45 -9.35 0.75
N PHE A 66 -5.44 -8.53 0.63
CA PHE A 66 -5.12 -7.91 -0.63
C PHE A 66 -4.00 -8.70 -1.27
N MET A 67 -3.89 -8.64 -2.57
CA MET A 67 -3.07 -9.59 -3.27
C MET A 67 -1.94 -8.98 -4.07
N ARG A 68 -0.89 -9.73 -4.15
CA ARG A 68 0.31 -9.37 -4.86
C ARG A 68 0.20 -9.92 -6.27
N ILE A 69 0.62 -9.17 -7.26
CA ILE A 69 0.61 -9.65 -8.57
C ILE A 69 2.05 -9.81 -9.02
N GLN A 70 2.41 -11.01 -9.30
CA GLN A 70 3.77 -11.35 -9.63
C GLN A 70 4.15 -10.80 -10.98
N ASN A 71 5.20 -10.05 -10.99
CA ASN A 71 5.72 -9.48 -12.21
C ASN A 71 6.63 -10.50 -12.87
N GLU A 72 6.82 -10.37 -14.16
CA GLU A 72 7.62 -11.29 -14.93
C GLU A 72 9.10 -11.17 -14.55
N GLY A 73 9.66 -12.26 -14.08
CA GLY A 73 11.04 -12.28 -13.69
C GLY A 73 11.21 -11.90 -12.23
N ALA A 74 12.20 -11.10 -11.95
CA ALA A 74 12.46 -10.63 -10.61
C ALA A 74 11.86 -9.25 -10.45
N GLY A 75 11.46 -8.90 -9.26
CA GLY A 75 10.87 -7.62 -9.07
C GLY A 75 10.81 -7.18 -7.63
N LYS A 76 11.68 -6.27 -7.27
CA LYS A 76 11.67 -5.69 -5.94
C LYS A 76 10.68 -4.54 -5.96
N SER A 77 10.58 -3.94 -7.12
CA SER A 77 9.68 -2.83 -7.38
C SER A 77 8.34 -3.39 -7.88
N SER A 78 7.97 -4.55 -7.36
CA SER A 78 6.76 -5.26 -7.74
C SER A 78 5.49 -4.46 -7.41
N TRP A 79 4.40 -4.87 -8.00
CA TRP A 79 3.17 -4.22 -7.83
C TRP A 79 2.16 -5.15 -7.24
N TRP A 80 1.22 -4.62 -6.53
CA TRP A 80 0.22 -5.42 -5.92
C TRP A 80 -1.11 -4.67 -6.03
N VAL A 81 -2.21 -5.35 -5.79
CA VAL A 81 -3.53 -4.74 -5.93
C VAL A 81 -4.43 -5.10 -4.77
N ILE A 82 -5.38 -4.25 -4.49
CA ILE A 82 -6.33 -4.55 -3.47
C ILE A 82 -7.42 -5.40 -4.04
N ASN A 83 -7.56 -6.54 -3.44
CA ASN A 83 -8.53 -7.54 -3.81
C ASN A 83 -9.94 -7.01 -3.59
N PRO A 84 -10.76 -7.00 -4.66
CA PRO A 84 -12.12 -6.45 -4.61
C PRO A 84 -13.02 -7.22 -3.64
N ASP A 85 -12.68 -8.46 -3.38
CA ASP A 85 -13.43 -9.30 -2.46
C ASP A 85 -13.08 -8.96 -1.02
N ALA A 86 -11.98 -8.26 -0.84
CA ALA A 86 -11.49 -7.91 0.47
C ALA A 86 -11.92 -6.51 0.87
N LYS A 87 -12.72 -5.88 0.05
CA LYS A 87 -13.18 -4.56 0.40
C LYS A 87 -14.70 -4.50 0.60
N PRO A 88 -15.15 -4.64 1.86
CA PRO A 88 -16.56 -4.62 2.21
C PRO A 88 -17.09 -3.21 2.42
N GLY A 89 -16.23 -2.25 2.26
CA GLY A 89 -16.60 -0.88 2.41
C GLY A 89 -15.76 0.01 1.57
N ARG A 90 -16.38 0.85 0.80
CA ARG A 90 -15.66 1.77 -0.03
C ARG A 90 -15.30 3.02 0.74
N ASN A 91 -14.10 3.03 1.23
CA ASN A 91 -13.56 4.15 1.92
C ASN A 91 -12.94 5.12 0.93
N PRO A 92 -13.43 6.36 0.86
CA PRO A 92 -12.93 7.33 -0.08
C PRO A 92 -11.70 8.06 0.45
N ARG A 93 -11.26 9.04 -0.28
CA ARG A 93 -10.12 9.84 0.08
C ARG A 93 -10.47 11.29 -0.11
N ARG A 94 -9.97 12.15 0.74
CA ARG A 94 -10.17 13.57 0.56
C ARG A 94 -9.27 14.02 -0.57
N GLN A 95 -8.00 13.61 -0.47
CA GLN A 95 -6.97 13.82 -1.46
C GLN A 95 -6.68 15.30 -1.70
N ARG A 96 -5.50 15.73 -1.27
CA ARG A 96 -5.05 17.13 -1.39
C ARG A 96 -4.80 17.55 -2.87
N SER A 97 -5.13 16.63 -3.79
CA SER A 97 -5.01 16.83 -5.24
C SER A 97 -3.55 16.97 -5.71
N ALA A 98 -3.35 16.90 -7.01
CA ALA A 98 -2.06 17.16 -7.58
C ALA A 98 -2.00 18.64 -7.87
N THR A 99 -1.18 19.35 -7.14
CA THR A 99 -1.14 20.78 -7.28
C THR A 99 0.30 21.30 -7.18
N LEU A 100 0.48 22.55 -7.54
CA LEU A 100 1.76 23.23 -7.50
C LEU A 100 1.65 24.33 -6.45
N GLU A 101 2.51 24.28 -5.47
CA GLU A 101 2.48 25.24 -4.41
C GLU A 101 3.91 25.67 -4.08
N ASN A 1 1.44 5.41 14.99
CA ASN A 1 1.78 5.42 13.56
C ASN A 1 2.53 6.69 13.22
N PRO A 2 3.50 6.63 12.28
CA PRO A 2 4.37 7.77 11.94
C PRO A 2 3.60 9.02 11.44
N TRP A 3 2.58 8.80 10.65
CA TRP A 3 1.80 9.90 10.07
C TRP A 3 0.74 10.44 11.04
N GLY A 4 0.22 9.58 11.90
CA GLY A 4 -0.86 9.97 12.77
C GLY A 4 -1.59 8.76 13.35
N ALA A 5 -2.92 8.73 13.17
CA ALA A 5 -3.74 7.70 13.80
C ALA A 5 -4.34 6.68 12.82
N GLU A 6 -4.52 7.04 11.54
CA GLU A 6 -5.04 6.07 10.55
C GLU A 6 -4.09 4.90 10.45
N SER A 7 -4.58 3.76 10.07
CA SER A 7 -3.77 2.59 10.01
C SER A 7 -3.03 2.54 8.69
N TYR A 8 -1.98 1.73 8.64
CA TYR A 8 -1.19 1.58 7.43
C TYR A 8 -2.07 1.17 6.31
N SER A 9 -2.67 0.01 6.41
CA SER A 9 -3.54 -0.50 5.37
C SER A 9 -4.67 0.50 4.98
N ASP A 10 -5.11 1.34 5.94
CA ASP A 10 -6.10 2.40 5.66
C ASP A 10 -5.54 3.44 4.71
N LEU A 11 -4.38 3.99 5.03
CA LEU A 11 -3.74 4.95 4.15
C LEU A 11 -3.18 4.32 2.89
N ILE A 12 -2.69 3.09 3.00
CA ILE A 12 -2.16 2.38 1.83
C ILE A 12 -3.28 2.21 0.82
N ALA A 13 -4.48 1.96 1.33
CA ALA A 13 -5.66 1.86 0.49
C ALA A 13 -5.88 3.16 -0.27
N LYS A 14 -5.70 4.31 0.40
CA LYS A 14 -5.87 5.61 -0.27
C LYS A 14 -4.84 5.77 -1.37
N ALA A 15 -3.63 5.27 -1.14
CA ALA A 15 -2.60 5.32 -2.14
C ALA A 15 -3.05 4.54 -3.35
N LEU A 16 -3.47 3.31 -3.12
CA LEU A 16 -4.01 2.45 -4.17
C LEU A 16 -5.15 3.15 -4.90
N LYS A 17 -5.98 3.87 -4.15
CA LYS A 17 -7.13 4.60 -4.68
C LYS A 17 -6.77 5.61 -5.79
N SER A 18 -5.51 6.03 -5.85
CA SER A 18 -5.09 7.01 -6.84
C SER A 18 -5.08 6.41 -8.28
N THR A 19 -4.99 5.09 -8.38
CA THR A 19 -4.93 4.41 -9.68
C THR A 19 -5.52 2.98 -9.50
N PHE A 20 -6.55 2.91 -8.67
CA PHE A 20 -7.14 1.65 -8.18
C PHE A 20 -7.73 0.81 -9.31
N ASP A 21 -7.95 1.44 -10.45
CA ASP A 21 -8.54 0.75 -11.61
C ASP A 21 -7.51 -0.11 -12.31
N GLY A 22 -6.27 0.07 -11.95
CA GLY A 22 -5.23 -0.73 -12.49
C GLY A 22 -4.53 -1.48 -11.39
N ARG A 23 -3.41 -0.97 -10.99
CA ARG A 23 -2.62 -1.52 -9.92
C ARG A 23 -1.71 -0.44 -9.44
N MET A 24 -1.16 -0.57 -8.28
CA MET A 24 -0.20 0.41 -7.87
C MET A 24 1.07 -0.30 -7.56
N ARG A 25 2.14 0.28 -7.97
CA ARG A 25 3.40 -0.27 -7.70
C ARG A 25 3.80 0.03 -6.30
N LEU A 26 4.51 -0.87 -5.73
CA LEU A 26 4.89 -0.81 -4.34
C LEU A 26 5.72 0.45 -4.04
N ASN A 27 6.54 0.87 -4.97
CA ASN A 27 7.29 2.12 -4.85
C ASN A 27 6.39 3.34 -4.93
N GLU A 28 5.34 3.25 -5.76
CA GLU A 28 4.40 4.38 -5.93
C GLU A 28 3.67 4.65 -4.65
N ILE A 29 3.29 3.58 -3.96
CA ILE A 29 2.66 3.66 -2.66
C ILE A 29 3.50 4.48 -1.70
N TYR A 30 4.80 4.20 -1.66
CA TYR A 30 5.72 4.94 -0.81
C TYR A 30 5.75 6.40 -1.22
N ASN A 31 5.79 6.63 -2.50
CA ASN A 31 5.84 7.98 -3.05
C ASN A 31 4.58 8.75 -2.74
N TRP A 32 3.45 8.05 -2.69
CA TRP A 32 2.16 8.66 -2.33
C TRP A 32 2.25 9.28 -0.95
N PHE A 33 2.77 8.51 0.00
CA PHE A 33 2.92 8.97 1.38
C PHE A 33 3.85 10.16 1.44
N ALA A 34 4.95 10.07 0.74
CA ALA A 34 5.94 11.16 0.74
C ALA A 34 5.38 12.43 0.13
N SER A 35 4.49 12.27 -0.83
CA SER A 35 3.87 13.39 -1.50
C SER A 35 2.75 14.02 -0.66
N ASN A 36 1.88 13.18 -0.08
CA ASN A 36 0.69 13.69 0.63
C ASN A 36 0.94 13.92 2.11
N VAL A 37 1.89 13.23 2.66
CA VAL A 37 2.17 13.37 4.06
C VAL A 37 3.49 14.09 4.25
N PRO A 38 3.46 15.31 4.82
CA PRO A 38 4.65 16.11 5.03
C PRO A 38 5.72 15.39 5.83
N TYR A 39 5.28 14.53 6.76
CA TYR A 39 6.16 13.73 7.59
C TYR A 39 7.07 12.88 6.71
N PHE A 40 6.48 12.20 5.73
CA PHE A 40 7.22 11.33 4.84
C PHE A 40 7.98 12.09 3.82
N GLY A 41 7.48 13.25 3.45
CA GLY A 41 8.20 14.11 2.54
C GLY A 41 9.57 14.50 3.13
N ASN A 42 9.64 14.48 4.46
CA ASN A 42 10.86 14.77 5.20
C ASN A 42 11.72 13.50 5.34
N ARG A 43 11.15 12.35 5.00
CA ARG A 43 11.87 11.08 5.04
C ARG A 43 11.85 10.41 3.67
N THR A 44 12.64 10.95 2.78
CA THR A 44 12.67 10.48 1.40
C THR A 44 14.04 9.94 1.00
N SER A 45 15.05 10.22 1.80
CA SER A 45 16.38 9.73 1.55
C SER A 45 16.37 8.20 1.78
N GLN A 46 17.30 7.47 1.20
CA GLN A 46 17.27 5.99 1.24
C GLN A 46 17.13 5.42 2.65
N GLU A 47 17.95 5.86 3.57
CA GLU A 47 17.89 5.36 4.94
C GLU A 47 16.81 6.07 5.73
N GLN A 48 16.40 7.23 5.24
CA GLN A 48 15.35 8.03 5.87
C GLN A 48 13.99 7.45 5.57
N SER A 49 13.86 6.84 4.44
CA SER A 49 12.60 6.30 4.01
C SER A 49 12.51 4.78 4.27
N ALA A 50 13.66 4.16 4.46
CA ALA A 50 13.75 2.70 4.62
C ALA A 50 12.87 2.17 5.75
N GLY A 51 12.96 2.76 6.92
CA GLY A 51 12.22 2.26 8.07
C GLY A 51 10.72 2.29 7.90
N TRP A 52 10.18 3.38 7.40
CA TRP A 52 8.77 3.43 7.22
C TRP A 52 8.32 2.51 6.07
N LYS A 53 9.20 2.31 5.07
CA LYS A 53 8.95 1.32 4.03
C LYS A 53 8.87 -0.07 4.64
N ASN A 54 9.76 -0.35 5.59
CA ASN A 54 9.74 -1.63 6.29
C ASN A 54 8.45 -1.81 7.05
N SER A 55 7.99 -0.74 7.65
CA SER A 55 6.75 -0.74 8.40
C SER A 55 5.54 -1.07 7.49
N ILE A 56 5.51 -0.45 6.31
CA ILE A 56 4.46 -0.74 5.31
C ILE A 56 4.56 -2.20 4.85
N ARG A 57 5.78 -2.68 4.64
CA ARG A 57 6.02 -4.07 4.26
C ARG A 57 5.58 -5.04 5.32
N HIS A 58 5.71 -4.64 6.58
CA HIS A 58 5.25 -5.47 7.70
C HIS A 58 3.74 -5.67 7.60
N ASN A 59 3.01 -4.61 7.34
CA ASN A 59 1.55 -4.71 7.18
C ASN A 59 1.16 -5.47 5.95
N LEU A 60 1.96 -5.37 4.92
CA LEU A 60 1.74 -6.13 3.69
C LEU A 60 2.02 -7.63 3.91
N SER A 61 2.85 -7.94 4.87
CA SER A 61 3.13 -9.31 5.20
C SER A 61 2.11 -9.83 6.23
N LEU A 62 1.54 -8.91 6.99
CA LEU A 62 0.61 -9.21 8.03
C LEU A 62 -0.83 -9.31 7.51
N HIS A 63 -1.22 -8.38 6.67
CA HIS A 63 -2.58 -8.37 6.14
C HIS A 63 -2.60 -8.80 4.71
N SER A 64 -2.84 -10.08 4.47
CA SER A 64 -2.97 -10.56 3.11
C SER A 64 -4.40 -10.34 2.62
N ARG A 65 -4.75 -9.08 2.58
CA ARG A 65 -6.06 -8.56 2.19
C ARG A 65 -5.95 -8.09 0.74
N PHE A 66 -4.87 -8.43 0.17
CA PHE A 66 -4.57 -8.04 -1.16
C PHE A 66 -4.21 -9.24 -2.00
N MET A 67 -4.34 -9.08 -3.28
CA MET A 67 -4.07 -10.12 -4.21
C MET A 67 -2.94 -9.67 -5.10
N ARG A 68 -2.10 -10.58 -5.43
CA ARG A 68 -0.94 -10.32 -6.22
C ARG A 68 -1.28 -10.54 -7.66
N ILE A 69 -1.08 -9.55 -8.48
CA ILE A 69 -1.27 -9.73 -9.87
C ILE A 69 0.06 -10.09 -10.49
N GLN A 70 0.09 -11.23 -11.12
CA GLN A 70 1.31 -11.74 -11.70
C GLN A 70 1.75 -10.88 -12.87
N ASN A 71 2.97 -10.43 -12.80
CA ASN A 71 3.58 -9.69 -13.87
C ASN A 71 4.32 -10.66 -14.72
N GLU A 72 3.83 -10.88 -15.88
CA GLU A 72 4.36 -11.83 -16.80
C GLU A 72 5.65 -11.30 -17.40
N GLY A 73 6.75 -11.83 -16.93
CA GLY A 73 8.04 -11.40 -17.35
C GLY A 73 8.96 -11.27 -16.17
N ALA A 74 8.41 -10.84 -15.05
CA ALA A 74 9.15 -10.66 -13.81
C ALA A 74 8.19 -10.68 -12.64
N GLY A 75 8.26 -11.72 -11.83
CA GLY A 75 7.34 -11.87 -10.72
C GLY A 75 7.80 -11.16 -9.47
N LYS A 76 9.06 -10.78 -9.43
CA LYS A 76 9.58 -10.06 -8.30
C LYS A 76 9.04 -8.64 -8.35
N SER A 77 9.21 -7.99 -9.49
CA SER A 77 8.62 -6.71 -9.72
C SER A 77 7.18 -6.90 -10.22
N SER A 78 6.36 -7.30 -9.29
CA SER A 78 4.98 -7.56 -9.49
C SER A 78 4.17 -6.50 -8.82
N TRP A 79 2.91 -6.43 -9.13
CA TRP A 79 2.12 -5.38 -8.61
C TRP A 79 1.12 -6.01 -7.65
N TRP A 80 0.69 -5.28 -6.67
CA TRP A 80 -0.25 -5.84 -5.75
C TRP A 80 -1.50 -4.96 -5.70
N VAL A 81 -2.66 -5.58 -5.55
CA VAL A 81 -3.93 -4.85 -5.50
C VAL A 81 -4.75 -5.36 -4.33
N ILE A 82 -5.65 -4.55 -3.83
CA ILE A 82 -6.48 -4.94 -2.68
C ILE A 82 -7.63 -5.78 -3.18
N ASN A 83 -7.95 -6.85 -2.46
CA ASN A 83 -8.93 -7.81 -2.93
C ASN A 83 -10.34 -7.20 -3.01
N PRO A 84 -10.94 -7.19 -4.22
CA PRO A 84 -12.28 -6.64 -4.42
C PRO A 84 -13.36 -7.59 -3.89
N ASP A 85 -12.92 -8.77 -3.55
CA ASP A 85 -13.77 -9.84 -3.09
C ASP A 85 -14.10 -9.64 -1.61
N ALA A 86 -13.33 -8.80 -0.96
CA ALA A 86 -13.47 -8.58 0.46
C ALA A 86 -14.69 -7.75 0.81
N LYS A 87 -15.03 -6.88 -0.06
CA LYS A 87 -16.11 -5.95 0.18
C LYS A 87 -17.38 -6.33 -0.58
N PRO A 88 -18.56 -5.93 -0.07
CA PRO A 88 -19.84 -6.17 -0.75
C PRO A 88 -19.92 -5.35 -2.02
N GLY A 89 -20.37 -5.97 -3.08
CA GLY A 89 -20.42 -5.27 -4.34
C GLY A 89 -19.16 -5.52 -5.11
N ARG A 90 -18.82 -6.77 -5.23
CA ARG A 90 -17.64 -7.19 -5.95
C ARG A 90 -17.97 -7.33 -7.43
N ASN A 91 -17.24 -6.65 -8.28
CA ASN A 91 -17.50 -6.75 -9.70
C ASN A 91 -16.44 -7.54 -10.44
N PRO A 92 -16.87 -8.59 -11.15
CA PRO A 92 -15.98 -9.41 -11.94
C PRO A 92 -15.62 -8.74 -13.27
N ARG A 93 -14.36 -8.79 -13.61
CA ARG A 93 -13.91 -8.24 -14.86
C ARG A 93 -13.82 -9.32 -15.90
N ARG A 94 -14.88 -9.46 -16.64
CA ARG A 94 -14.95 -10.41 -17.72
C ARG A 94 -15.39 -9.67 -18.93
N GLN A 95 -15.13 -10.24 -20.11
CA GLN A 95 -15.37 -9.55 -21.38
C GLN A 95 -14.48 -8.33 -21.47
N ARG A 96 -14.71 -7.46 -22.47
CA ARG A 96 -13.93 -6.23 -22.69
C ARG A 96 -12.52 -6.58 -23.24
N SER A 97 -11.90 -7.56 -22.64
CA SER A 97 -10.62 -8.06 -23.05
C SER A 97 -10.78 -8.75 -24.41
N ALA A 98 -10.10 -8.21 -25.41
CA ALA A 98 -10.11 -8.76 -26.75
C ALA A 98 -9.40 -10.13 -26.78
N THR A 99 -9.32 -10.73 -27.93
CA THR A 99 -8.64 -11.98 -28.05
C THR A 99 -7.45 -11.81 -29.00
N LEU A 100 -6.53 -12.76 -29.01
CA LEU A 100 -5.34 -12.66 -29.83
C LEU A 100 -5.70 -12.87 -31.30
N GLU A 101 -5.69 -11.78 -32.04
CA GLU A 101 -5.93 -11.80 -33.46
C GLU A 101 -4.90 -10.92 -34.10
N ASN A 1 0.76 5.43 14.73
CA ASN A 1 1.31 5.37 13.37
C ASN A 1 2.15 6.62 13.15
N PRO A 2 3.19 6.57 12.27
CA PRO A 2 4.11 7.71 12.06
C PRO A 2 3.42 8.99 11.59
N TRP A 3 2.30 8.84 10.93
CA TRP A 3 1.55 9.98 10.43
C TRP A 3 0.42 10.39 11.39
N GLY A 4 -0.12 9.43 12.13
CA GLY A 4 -1.24 9.73 12.99
C GLY A 4 -2.01 8.51 13.43
N ALA A 5 -3.32 8.63 13.45
CA ALA A 5 -4.21 7.61 13.95
C ALA A 5 -4.72 6.66 12.86
N GLU A 6 -4.74 7.12 11.61
CA GLU A 6 -5.16 6.27 10.50
C GLU A 6 -4.16 5.13 10.37
N SER A 7 -4.58 4.02 9.85
CA SER A 7 -3.71 2.89 9.79
C SER A 7 -3.01 2.87 8.46
N TYR A 8 -1.96 2.05 8.37
CA TYR A 8 -1.21 1.90 7.15
C TYR A 8 -2.14 1.52 6.06
N SER A 9 -2.79 0.40 6.24
CA SER A 9 -3.74 -0.11 5.27
C SER A 9 -4.82 0.94 4.87
N ASP A 10 -5.17 1.85 5.79
CA ASP A 10 -6.11 2.95 5.46
C ASP A 10 -5.50 3.86 4.43
N LEU A 11 -4.30 4.34 4.71
CA LEU A 11 -3.63 5.23 3.79
C LEU A 11 -3.15 4.50 2.53
N ILE A 12 -2.72 3.26 2.69
CA ILE A 12 -2.26 2.45 1.57
C ILE A 12 -3.37 2.26 0.56
N ALA A 13 -4.59 2.04 1.05
CA ALA A 13 -5.74 1.91 0.19
C ALA A 13 -5.97 3.19 -0.62
N LYS A 14 -5.70 4.34 -0.01
CA LYS A 14 -5.86 5.61 -0.72
C LYS A 14 -4.84 5.72 -1.83
N ALA A 15 -3.63 5.20 -1.56
CA ALA A 15 -2.58 5.14 -2.57
C ALA A 15 -3.05 4.28 -3.73
N LEU A 16 -3.62 3.13 -3.39
CA LEU A 16 -4.24 2.24 -4.37
C LEU A 16 -5.32 2.96 -5.14
N LYS A 17 -6.15 3.70 -4.43
CA LYS A 17 -7.27 4.40 -5.01
C LYS A 17 -6.88 5.57 -5.95
N SER A 18 -5.58 5.87 -6.05
CA SER A 18 -5.16 6.91 -6.96
C SER A 18 -4.84 6.33 -8.36
N THR A 19 -5.01 5.01 -8.49
CA THR A 19 -4.78 4.31 -9.74
C THR A 19 -5.45 2.91 -9.62
N PHE A 20 -6.58 2.89 -8.91
CA PHE A 20 -7.32 1.66 -8.55
C PHE A 20 -7.86 1.02 -9.82
N ASP A 21 -7.86 1.81 -10.88
CA ASP A 21 -8.32 1.40 -12.20
C ASP A 21 -7.34 0.38 -12.80
N GLY A 22 -6.20 0.27 -12.17
CA GLY A 22 -5.19 -0.68 -12.55
C GLY A 22 -4.62 -1.34 -11.31
N ARG A 23 -3.44 -0.91 -10.90
CA ARG A 23 -2.78 -1.40 -9.71
C ARG A 23 -1.73 -0.42 -9.25
N MET A 24 -1.28 -0.54 -8.03
CA MET A 24 -0.32 0.43 -7.51
C MET A 24 1.00 -0.22 -7.36
N ARG A 25 2.00 0.47 -7.76
CA ARG A 25 3.32 0.00 -7.55
C ARG A 25 3.77 0.28 -6.17
N LEU A 26 4.47 -0.65 -5.63
CA LEU A 26 4.90 -0.58 -4.27
C LEU A 26 5.82 0.62 -4.02
N ASN A 27 6.60 0.99 -5.02
CA ASN A 27 7.45 2.19 -4.95
C ASN A 27 6.56 3.44 -4.97
N GLU A 28 5.53 3.39 -5.79
CA GLU A 28 4.62 4.52 -5.96
C GLU A 28 3.81 4.76 -4.69
N ILE A 29 3.50 3.69 -3.99
CA ILE A 29 2.86 3.78 -2.68
C ILE A 29 3.72 4.62 -1.74
N TYR A 30 5.01 4.35 -1.76
CA TYR A 30 5.95 5.11 -0.95
C TYR A 30 5.95 6.59 -1.35
N ASN A 31 5.90 6.82 -2.65
CA ASN A 31 5.82 8.18 -3.21
C ASN A 31 4.54 8.88 -2.79
N TRP A 32 3.45 8.12 -2.72
CA TRP A 32 2.15 8.64 -2.30
C TRP A 32 2.26 9.23 -0.92
N PHE A 33 2.81 8.45 0.00
CA PHE A 33 2.98 8.87 1.39
C PHE A 33 3.85 10.10 1.50
N ALA A 34 4.95 10.11 0.80
CA ALA A 34 5.88 11.23 0.86
C ALA A 34 5.24 12.52 0.34
N SER A 35 4.47 12.39 -0.70
CA SER A 35 3.81 13.50 -1.33
C SER A 35 2.56 13.98 -0.56
N ASN A 36 1.80 13.06 0.02
CA ASN A 36 0.54 13.42 0.67
C ASN A 36 0.64 13.53 2.18
N VAL A 37 1.74 13.08 2.73
CA VAL A 37 1.97 13.17 4.16
C VAL A 37 3.25 13.95 4.42
N PRO A 38 3.14 15.14 5.04
CA PRO A 38 4.29 16.02 5.31
C PRO A 38 5.43 15.32 6.06
N TYR A 39 5.08 14.42 6.98
CA TYR A 39 6.07 13.67 7.77
C TYR A 39 6.95 12.81 6.86
N PHE A 40 6.35 12.21 5.87
CA PHE A 40 7.10 11.43 4.93
C PHE A 40 7.83 12.29 3.95
N GLY A 41 7.27 13.46 3.70
CA GLY A 41 7.89 14.43 2.83
C GLY A 41 9.27 14.87 3.33
N ASN A 42 9.51 14.74 4.65
CA ASN A 42 10.79 15.06 5.21
C ASN A 42 11.66 13.79 5.35
N ARG A 43 11.09 12.65 5.00
CA ARG A 43 11.80 11.36 5.01
C ARG A 43 11.78 10.72 3.64
N THR A 44 12.41 11.37 2.70
CA THR A 44 12.44 10.87 1.34
C THR A 44 13.84 10.43 0.95
N SER A 45 14.78 10.46 1.88
CA SER A 45 16.11 10.07 1.55
C SER A 45 16.20 8.55 1.67
N GLN A 46 17.18 7.96 1.03
CA GLN A 46 17.30 6.49 0.91
C GLN A 46 17.14 5.75 2.25
N GLU A 47 17.88 6.16 3.25
CA GLU A 47 17.83 5.46 4.52
C GLU A 47 16.72 6.02 5.41
N GLN A 48 16.41 7.30 5.22
CA GLN A 48 15.34 7.94 5.98
C GLN A 48 13.96 7.48 5.57
N SER A 49 13.87 6.89 4.41
CA SER A 49 12.61 6.41 3.94
C SER A 49 12.50 4.88 4.13
N ALA A 50 13.65 4.21 4.17
CA ALA A 50 13.72 2.74 4.25
C ALA A 50 12.95 2.16 5.44
N GLY A 51 13.05 2.81 6.59
CA GLY A 51 12.43 2.31 7.78
C GLY A 51 10.93 2.31 7.73
N TRP A 52 10.34 3.40 7.28
CA TRP A 52 8.90 3.44 7.22
C TRP A 52 8.37 2.57 6.08
N LYS A 53 9.20 2.39 5.03
CA LYS A 53 8.89 1.44 3.97
C LYS A 53 8.79 0.05 4.56
N ASN A 54 9.69 -0.25 5.51
CA ASN A 54 9.72 -1.55 6.17
C ASN A 54 8.39 -1.82 6.91
N SER A 55 7.87 -0.78 7.53
CA SER A 55 6.63 -0.86 8.28
C SER A 55 5.39 -1.09 7.35
N ILE A 56 5.44 -0.52 6.16
CA ILE A 56 4.39 -0.73 5.16
C ILE A 56 4.42 -2.18 4.68
N ARG A 57 5.62 -2.70 4.47
CA ARG A 57 5.83 -4.09 4.07
C ARG A 57 5.37 -5.03 5.17
N HIS A 58 5.51 -4.57 6.41
CA HIS A 58 5.10 -5.30 7.59
C HIS A 58 3.58 -5.56 7.53
N ASN A 59 2.83 -4.51 7.22
CA ASN A 59 1.35 -4.59 7.14
C ASN A 59 0.84 -5.36 5.94
N LEU A 60 1.55 -5.27 4.85
CA LEU A 60 1.14 -5.94 3.60
C LEU A 60 1.05 -7.45 3.75
N SER A 61 1.94 -8.03 4.51
CA SER A 61 1.96 -9.48 4.65
C SER A 61 1.28 -9.94 5.98
N LEU A 62 0.56 -9.05 6.64
CA LEU A 62 -0.13 -9.41 7.90
C LEU A 62 -1.37 -10.28 7.70
N HIS A 63 -2.11 -10.03 6.63
CA HIS A 63 -3.35 -10.77 6.34
C HIS A 63 -3.53 -10.99 4.87
N SER A 64 -4.49 -11.83 4.53
CA SER A 64 -4.82 -12.18 3.15
C SER A 64 -5.67 -11.08 2.48
N ARG A 65 -5.48 -9.86 2.92
CA ARG A 65 -6.11 -8.68 2.36
C ARG A 65 -5.26 -8.18 1.21
N PHE A 66 -4.25 -8.92 0.93
CA PHE A 66 -3.26 -8.60 -0.03
C PHE A 66 -3.36 -9.56 -1.20
N MET A 67 -3.31 -9.00 -2.39
CA MET A 67 -3.26 -9.79 -3.60
C MET A 67 -2.12 -9.32 -4.46
N ARG A 68 -1.28 -10.25 -4.79
CA ARG A 68 -0.09 -9.98 -5.53
C ARG A 68 -0.35 -10.14 -7.02
N ILE A 69 0.22 -9.28 -7.83
CA ILE A 69 0.10 -9.40 -9.26
C ILE A 69 1.47 -9.63 -9.83
N GLN A 70 1.55 -10.49 -10.81
CA GLN A 70 2.81 -10.76 -11.45
C GLN A 70 3.24 -9.50 -12.16
N ASN A 71 4.41 -9.03 -11.85
CA ASN A 71 4.85 -7.75 -12.32
C ASN A 71 5.97 -7.89 -13.29
N GLU A 72 6.40 -6.78 -13.82
CA GLU A 72 7.51 -6.75 -14.72
C GLU A 72 8.77 -6.58 -13.88
N GLY A 73 9.39 -7.69 -13.54
CA GLY A 73 10.56 -7.67 -12.72
C GLY A 73 10.37 -8.59 -11.53
N ALA A 74 11.07 -8.33 -10.45
CA ALA A 74 10.98 -9.14 -9.26
C ALA A 74 11.33 -8.34 -8.03
N GLY A 75 10.46 -8.40 -7.03
CA GLY A 75 10.69 -7.74 -5.76
C GLY A 75 10.55 -6.23 -5.83
N LYS A 76 11.54 -5.61 -6.40
CA LYS A 76 11.57 -4.18 -6.54
C LYS A 76 10.70 -3.76 -7.70
N SER A 77 9.92 -2.70 -7.49
CA SER A 77 9.04 -2.13 -8.50
C SER A 77 7.87 -3.07 -8.79
N SER A 78 7.60 -3.95 -7.83
CA SER A 78 6.50 -4.86 -7.94
C SER A 78 5.18 -4.15 -7.63
N TRP A 79 4.07 -4.75 -7.99
CA TRP A 79 2.82 -4.14 -7.75
C TRP A 79 1.83 -5.15 -7.25
N TRP A 80 0.89 -4.67 -6.50
CA TRP A 80 -0.06 -5.51 -5.86
C TRP A 80 -1.42 -4.79 -5.83
N VAL A 81 -2.48 -5.52 -5.52
CA VAL A 81 -3.81 -4.98 -5.38
C VAL A 81 -4.42 -5.49 -4.09
N ILE A 82 -5.40 -4.81 -3.60
CA ILE A 82 -6.02 -5.20 -2.35
C ILE A 82 -7.02 -6.27 -2.65
N ASN A 83 -7.02 -7.32 -1.86
CA ASN A 83 -8.02 -8.38 -2.04
C ASN A 83 -9.40 -7.82 -1.71
N PRO A 84 -10.35 -7.81 -2.68
CA PRO A 84 -11.68 -7.19 -2.51
C PRO A 84 -12.51 -7.88 -1.44
N ASP A 85 -12.20 -9.12 -1.19
CA ASP A 85 -12.92 -9.92 -0.21
C ASP A 85 -12.43 -9.62 1.21
N ALA A 86 -11.28 -8.96 1.30
CA ALA A 86 -10.66 -8.69 2.58
C ALA A 86 -10.18 -7.24 2.66
N LYS A 87 -10.72 -6.39 1.81
CA LYS A 87 -10.31 -4.98 1.76
C LYS A 87 -10.73 -4.19 3.01
N PRO A 88 -9.99 -3.10 3.35
CA PRO A 88 -10.32 -2.26 4.51
C PRO A 88 -11.75 -1.73 4.48
N GLY A 89 -12.05 -0.99 3.45
CA GLY A 89 -13.37 -0.43 3.30
C GLY A 89 -13.33 0.86 2.54
N ARG A 90 -14.46 1.53 2.46
CA ARG A 90 -14.52 2.77 1.74
C ARG A 90 -14.00 3.93 2.55
N ASN A 91 -12.71 4.08 2.51
CA ASN A 91 -12.06 5.24 3.09
C ASN A 91 -11.82 6.27 1.99
N PRO A 92 -12.11 7.53 2.26
CA PRO A 92 -11.98 8.59 1.26
C PRO A 92 -10.52 9.02 1.07
N ARG A 93 -10.18 9.42 -0.12
CA ARG A 93 -8.85 9.86 -0.39
C ARG A 93 -8.67 11.29 -0.03
N ARG A 94 -7.89 11.53 0.96
CA ARG A 94 -7.47 12.86 1.23
C ARG A 94 -6.20 13.00 0.40
N GLN A 95 -6.37 13.43 -0.81
CA GLN A 95 -5.29 13.47 -1.76
C GLN A 95 -5.51 14.52 -2.83
N ARG A 96 -4.97 15.68 -2.58
CA ARG A 96 -4.92 16.72 -3.58
C ARG A 96 -3.52 17.26 -3.63
N SER A 97 -2.64 16.51 -3.01
CA SER A 97 -1.24 16.77 -3.00
C SER A 97 -0.60 15.93 -4.11
N ALA A 98 0.73 15.84 -4.11
CA ALA A 98 1.51 15.12 -5.16
C ALA A 98 1.50 15.92 -6.45
N THR A 99 1.07 17.14 -6.31
CA THR A 99 1.05 18.08 -7.37
C THR A 99 2.42 18.72 -7.45
N LEU A 100 2.72 19.39 -8.52
CA LEU A 100 3.98 20.07 -8.64
C LEU A 100 3.99 21.22 -7.64
N GLU A 101 4.67 21.02 -6.55
CA GLU A 101 4.70 21.97 -5.49
C GLU A 101 6.14 22.37 -5.25
N ASN A 1 0.58 6.08 14.85
CA ASN A 1 1.12 5.94 13.49
C ASN A 1 2.04 7.12 13.18
N PRO A 2 3.02 6.95 12.23
CA PRO A 2 4.00 8.00 11.89
C PRO A 2 3.40 9.21 11.16
N TRP A 3 2.20 9.06 10.64
CA TRP A 3 1.55 10.12 9.87
C TRP A 3 0.40 10.78 10.66
N GLY A 4 -0.22 10.03 11.55
CA GLY A 4 -1.37 10.52 12.26
C GLY A 4 -2.16 9.38 12.88
N ALA A 5 -3.48 9.48 12.84
CA ALA A 5 -4.35 8.49 13.48
C ALA A 5 -4.79 7.37 12.53
N GLU A 6 -4.80 7.67 11.23
CA GLU A 6 -5.16 6.68 10.20
C GLU A 6 -4.28 5.46 10.31
N SER A 7 -4.79 4.33 9.93
CA SER A 7 -4.03 3.13 10.01
C SER A 7 -3.29 2.88 8.70
N TYR A 8 -2.26 2.04 8.74
CA TYR A 8 -1.48 1.69 7.57
C TYR A 8 -2.35 1.23 6.45
N SER A 9 -3.03 0.12 6.63
CA SER A 9 -3.86 -0.45 5.58
C SER A 9 -4.95 0.52 5.11
N ASP A 10 -5.38 1.42 6.00
CA ASP A 10 -6.34 2.46 5.60
C ASP A 10 -5.73 3.43 4.61
N LEU A 11 -4.55 3.95 4.93
CA LEU A 11 -3.86 4.83 4.02
C LEU A 11 -3.30 4.13 2.81
N ILE A 12 -2.87 2.89 2.99
CA ILE A 12 -2.39 2.10 1.87
C ILE A 12 -3.53 1.92 0.88
N ALA A 13 -4.73 1.63 1.40
CA ALA A 13 -5.91 1.52 0.57
C ALA A 13 -6.23 2.86 -0.07
N LYS A 14 -5.89 3.95 0.63
CA LYS A 14 -6.09 5.29 0.10
C LYS A 14 -5.09 5.55 -1.06
N ALA A 15 -3.87 5.05 -0.92
CA ALA A 15 -2.87 5.14 -2.00
C ALA A 15 -3.38 4.35 -3.19
N LEU A 16 -3.89 3.16 -2.90
CA LEU A 16 -4.53 2.32 -3.91
C LEU A 16 -5.69 3.03 -4.57
N LYS A 17 -6.53 3.64 -3.74
CA LYS A 17 -7.71 4.34 -4.13
C LYS A 17 -7.44 5.47 -5.13
N SER A 18 -6.23 5.99 -5.09
CA SER A 18 -5.82 7.08 -5.93
C SER A 18 -5.58 6.63 -7.40
N THR A 19 -5.61 5.33 -7.65
CA THR A 19 -5.42 4.78 -9.00
C THR A 19 -5.94 3.32 -8.97
N PHE A 20 -7.01 3.16 -8.21
CA PHE A 20 -7.56 1.87 -7.80
C PHE A 20 -8.03 1.04 -8.98
N ASP A 21 -8.28 1.71 -10.08
CA ASP A 21 -8.79 1.06 -11.26
C ASP A 21 -7.66 0.52 -12.12
N GLY A 22 -6.45 0.81 -11.70
CA GLY A 22 -5.31 0.31 -12.38
C GLY A 22 -4.55 -0.61 -11.47
N ARG A 23 -3.42 -0.16 -11.00
CA ARG A 23 -2.57 -0.93 -10.11
C ARG A 23 -1.66 0.01 -9.34
N MET A 24 -1.21 -0.40 -8.19
CA MET A 24 -0.24 0.38 -7.45
C MET A 24 1.03 -0.35 -7.35
N ARG A 25 2.09 0.34 -7.59
CA ARG A 25 3.37 -0.24 -7.43
C ARG A 25 3.75 -0.11 -6.01
N LEU A 26 4.46 -1.07 -5.52
CA LEU A 26 4.89 -1.05 -4.15
C LEU A 26 5.76 0.19 -3.89
N ASN A 27 6.52 0.61 -4.90
CA ASN A 27 7.30 1.87 -4.86
C ASN A 27 6.37 3.07 -4.84
N GLU A 28 5.31 3.00 -5.63
CA GLU A 28 4.36 4.11 -5.75
C GLU A 28 3.62 4.38 -4.46
N ILE A 29 3.38 3.34 -3.69
CA ILE A 29 2.76 3.50 -2.38
C ILE A 29 3.66 4.37 -1.51
N TYR A 30 4.93 4.06 -1.52
CA TYR A 30 5.91 4.83 -0.78
C TYR A 30 5.96 6.26 -1.31
N ASN A 31 5.86 6.38 -2.62
CA ASN A 31 5.84 7.67 -3.30
C ASN A 31 4.57 8.46 -2.95
N TRP A 32 3.47 7.74 -2.79
CA TRP A 32 2.20 8.34 -2.44
C TRP A 32 2.30 8.99 -1.09
N PHE A 33 2.80 8.24 -0.11
CA PHE A 33 2.97 8.76 1.25
C PHE A 33 3.89 9.97 1.27
N ALA A 34 4.95 9.89 0.53
CA ALA A 34 5.92 10.98 0.48
C ALA A 34 5.31 12.23 -0.16
N SER A 35 4.47 12.03 -1.15
CA SER A 35 3.84 13.13 -1.85
C SER A 35 2.66 13.73 -1.07
N ASN A 36 1.87 12.87 -0.43
CA ASN A 36 0.64 13.34 0.22
C ASN A 36 0.82 13.61 1.70
N VAL A 37 1.82 13.02 2.31
CA VAL A 37 2.08 13.23 3.70
C VAL A 37 3.40 13.98 3.87
N PRO A 38 3.35 15.18 4.48
CA PRO A 38 4.53 16.02 4.68
C PRO A 38 5.66 15.31 5.44
N TYR A 39 5.29 14.49 6.44
CA TYR A 39 6.24 13.72 7.25
C TYR A 39 7.10 12.81 6.38
N PHE A 40 6.48 12.15 5.43
CA PHE A 40 7.21 11.28 4.54
C PHE A 40 7.94 12.06 3.49
N GLY A 41 7.40 13.21 3.13
CA GLY A 41 8.04 14.08 2.17
C GLY A 41 9.44 14.49 2.63
N ASN A 42 9.62 14.64 3.95
CA ASN A 42 10.91 14.98 4.49
C ASN A 42 11.78 13.72 4.74
N ARG A 43 11.21 12.56 4.50
CA ARG A 43 11.90 11.28 4.65
C ARG A 43 11.89 10.49 3.37
N THR A 44 12.66 10.93 2.40
CA THR A 44 12.64 10.31 1.09
C THR A 44 13.97 9.66 0.69
N SER A 45 15.05 9.93 1.40
CA SER A 45 16.32 9.30 1.10
C SER A 45 16.28 7.83 1.63
N GLN A 46 17.24 7.00 1.22
CA GLN A 46 17.23 5.56 1.59
C GLN A 46 17.19 5.35 3.10
N GLU A 47 18.10 5.97 3.82
CA GLU A 47 18.17 5.79 5.28
C GLU A 47 17.05 6.55 5.98
N GLN A 48 16.49 7.50 5.27
CA GLN A 48 15.41 8.31 5.79
C GLN A 48 14.06 7.62 5.65
N SER A 49 13.93 6.77 4.66
CA SER A 49 12.65 6.17 4.40
C SER A 49 12.58 4.68 4.73
N ALA A 50 13.75 4.04 4.84
CA ALA A 50 13.85 2.60 5.07
C ALA A 50 12.93 2.07 6.17
N GLY A 51 13.01 2.68 7.33
CA GLY A 51 12.26 2.22 8.46
C GLY A 51 10.77 2.29 8.28
N TRP A 52 10.24 3.40 7.78
CA TRP A 52 8.81 3.49 7.61
C TRP A 52 8.33 2.58 6.48
N LYS A 53 9.21 2.35 5.49
CA LYS A 53 8.95 1.37 4.46
C LYS A 53 8.88 -0.03 5.04
N ASN A 54 9.74 -0.31 6.01
CA ASN A 54 9.73 -1.61 6.69
C ASN A 54 8.39 -1.82 7.36
N SER A 55 7.89 -0.76 7.98
CA SER A 55 6.60 -0.79 8.66
C SER A 55 5.47 -1.18 7.69
N ILE A 56 5.44 -0.54 6.53
CA ILE A 56 4.45 -0.83 5.50
C ILE A 56 4.61 -2.25 4.96
N ARG A 57 5.86 -2.62 4.68
CA ARG A 57 6.18 -3.90 4.11
C ARG A 57 5.78 -5.06 5.06
N HIS A 58 6.00 -4.87 6.36
CA HIS A 58 5.60 -5.89 7.35
C HIS A 58 4.11 -6.14 7.33
N ASN A 59 3.35 -5.08 7.24
CA ASN A 59 1.88 -5.18 7.21
C ASN A 59 1.40 -5.85 5.94
N LEU A 60 2.06 -5.56 4.82
CA LEU A 60 1.77 -6.24 3.56
C LEU A 60 2.10 -7.73 3.64
N SER A 61 3.12 -8.05 4.39
CA SER A 61 3.52 -9.42 4.54
C SER A 61 2.69 -10.11 5.64
N LEU A 62 1.78 -9.34 6.25
CA LEU A 62 0.95 -9.80 7.29
C LEU A 62 -0.46 -10.14 6.78
N HIS A 63 -1.03 -9.28 5.94
CA HIS A 63 -2.38 -9.55 5.44
C HIS A 63 -2.36 -10.02 3.98
N SER A 64 -2.89 -11.20 3.75
CA SER A 64 -2.94 -11.81 2.42
C SER A 64 -4.22 -11.40 1.68
N ARG A 65 -4.87 -10.34 2.15
CA ARG A 65 -6.13 -9.85 1.57
C ARG A 65 -5.89 -9.06 0.30
N PHE A 66 -4.67 -8.97 -0.12
CA PHE A 66 -4.36 -8.33 -1.35
C PHE A 66 -3.76 -9.34 -2.27
N MET A 67 -3.87 -9.13 -3.52
CA MET A 67 -3.36 -10.03 -4.51
C MET A 67 -2.38 -9.31 -5.38
N ARG A 68 -1.37 -9.99 -5.79
CA ARG A 68 -0.35 -9.37 -6.59
C ARG A 68 -0.61 -9.67 -8.03
N ILE A 69 -0.38 -8.73 -8.88
CA ILE A 69 -0.61 -8.92 -10.25
C ILE A 69 0.71 -8.91 -10.98
N GLN A 70 1.02 -9.96 -11.65
CA GLN A 70 2.28 -10.04 -12.31
C GLN A 70 2.14 -9.88 -13.80
N ASN A 71 2.86 -8.94 -14.30
CA ASN A 71 2.87 -8.64 -15.70
C ASN A 71 4.30 -8.77 -16.17
N GLU A 72 4.64 -8.18 -17.32
CA GLU A 72 6.02 -8.25 -17.78
C GLU A 72 6.93 -7.44 -16.86
N GLY A 73 6.36 -6.40 -16.31
CA GLY A 73 7.02 -5.61 -15.30
C GLY A 73 7.97 -4.56 -15.82
N ALA A 74 8.35 -4.67 -17.10
CA ALA A 74 9.34 -3.78 -17.77
C ALA A 74 10.75 -4.08 -17.24
N GLY A 75 10.89 -4.01 -15.94
CA GLY A 75 12.09 -4.39 -15.28
C GLY A 75 11.71 -5.34 -14.17
N LYS A 76 11.38 -4.79 -13.04
CA LYS A 76 10.84 -5.54 -11.94
C LYS A 76 9.49 -4.96 -11.55
N SER A 77 9.53 -3.84 -10.80
CA SER A 77 8.35 -3.11 -10.33
C SER A 77 7.22 -4.00 -9.83
N SER A 78 7.27 -4.34 -8.58
CA SER A 78 6.26 -5.15 -7.99
C SER A 78 4.99 -4.32 -7.79
N TRP A 79 3.91 -4.76 -8.38
CA TRP A 79 2.65 -4.08 -8.26
C TRP A 79 1.59 -5.01 -7.73
N TRP A 80 0.85 -4.54 -6.76
CA TRP A 80 -0.13 -5.36 -6.12
C TRP A 80 -1.48 -4.61 -6.08
N VAL A 81 -2.56 -5.35 -5.93
CA VAL A 81 -3.90 -4.79 -5.88
C VAL A 81 -4.68 -5.40 -4.70
N ILE A 82 -5.69 -4.72 -4.24
CA ILE A 82 -6.48 -5.21 -3.13
C ILE A 82 -7.54 -6.17 -3.65
N ASN A 83 -7.62 -7.33 -3.04
CA ASN A 83 -8.61 -8.32 -3.42
C ASN A 83 -9.99 -7.86 -2.92
N PRO A 84 -10.94 -7.65 -3.84
CA PRO A 84 -12.26 -7.08 -3.55
C PRO A 84 -13.09 -7.92 -2.60
N ASP A 85 -12.86 -9.21 -2.60
CA ASP A 85 -13.62 -10.11 -1.77
C ASP A 85 -13.03 -10.21 -0.36
N ALA A 86 -11.79 -9.78 -0.21
CA ALA A 86 -11.12 -9.91 1.07
C ALA A 86 -11.11 -8.61 1.85
N LYS A 87 -11.45 -7.54 1.19
CA LYS A 87 -11.47 -6.25 1.83
C LYS A 87 -12.80 -5.98 2.53
N PRO A 88 -12.75 -5.46 3.76
CA PRO A 88 -13.95 -5.16 4.53
C PRO A 88 -14.66 -3.90 4.06
N GLY A 89 -15.83 -4.06 3.48
CA GLY A 89 -16.61 -2.94 3.06
C GLY A 89 -17.35 -3.19 1.77
N ARG A 90 -18.66 -3.40 1.88
CA ARG A 90 -19.51 -3.59 0.70
C ARG A 90 -19.63 -2.26 -0.04
N ASN A 91 -19.88 -1.22 0.72
CA ASN A 91 -20.02 0.11 0.17
C ASN A 91 -18.66 0.80 0.12
N PRO A 92 -18.17 1.16 -1.08
CA PRO A 92 -16.89 1.81 -1.24
C PRO A 92 -16.89 3.23 -0.67
N ARG A 93 -16.12 3.44 0.36
CA ARG A 93 -16.03 4.74 0.97
C ARG A 93 -14.98 5.59 0.26
N ARG A 94 -15.40 6.34 -0.72
CA ARG A 94 -14.46 7.14 -1.44
C ARG A 94 -14.48 8.59 -0.99
N GLN A 95 -13.53 8.92 -0.16
CA GLN A 95 -13.34 10.27 0.32
C GLN A 95 -12.98 11.17 -0.84
N ARG A 96 -13.70 12.25 -0.99
CA ARG A 96 -13.42 13.18 -2.04
C ARG A 96 -12.33 14.12 -1.53
N SER A 97 -11.12 13.64 -1.58
CA SER A 97 -9.97 14.39 -1.15
C SER A 97 -8.77 13.96 -1.98
N ALA A 98 -9.07 13.34 -3.12
CA ALA A 98 -8.05 12.86 -4.01
C ALA A 98 -7.97 13.79 -5.20
N THR A 99 -6.79 14.03 -5.66
CA THR A 99 -6.61 14.87 -6.79
C THR A 99 -6.01 14.09 -7.96
N LEU A 100 -6.82 13.86 -8.97
CA LEU A 100 -6.38 13.19 -10.15
C LEU A 100 -5.66 14.23 -10.98
N GLU A 101 -4.38 14.29 -10.81
CA GLU A 101 -3.56 15.27 -11.46
C GLU A 101 -2.69 14.60 -12.48
N ASN A 1 1.18 5.71 14.79
CA ASN A 1 1.67 5.70 13.40
C ASN A 1 2.46 6.98 13.15
N PRO A 2 3.51 6.93 12.30
CA PRO A 2 4.39 8.11 12.06
C PRO A 2 3.67 9.28 11.36
N TRP A 3 2.61 8.97 10.63
CA TRP A 3 1.85 9.99 9.92
C TRP A 3 0.73 10.58 10.76
N GLY A 4 0.18 9.79 11.66
CA GLY A 4 -0.93 10.24 12.44
C GLY A 4 -1.70 9.09 13.06
N ALA A 5 -3.00 9.12 12.91
CA ALA A 5 -3.89 8.18 13.58
C ALA A 5 -4.34 7.00 12.73
N GLU A 6 -4.50 7.18 11.40
CA GLU A 6 -4.95 6.06 10.56
C GLU A 6 -3.92 4.97 10.47
N SER A 7 -4.33 3.81 10.07
CA SER A 7 -3.45 2.68 10.03
C SER A 7 -2.80 2.59 8.67
N TYR A 8 -1.79 1.75 8.59
CA TYR A 8 -1.07 1.52 7.35
C TYR A 8 -2.00 1.08 6.28
N SER A 9 -2.64 -0.05 6.47
CA SER A 9 -3.59 -0.58 5.50
C SER A 9 -4.68 0.44 5.12
N ASP A 10 -5.11 1.27 6.09
CA ASP A 10 -6.07 2.34 5.84
C ASP A 10 -5.54 3.32 4.80
N LEU A 11 -4.35 3.83 5.03
CA LEU A 11 -3.75 4.75 4.10
C LEU A 11 -3.26 4.07 2.81
N ILE A 12 -2.80 2.83 2.91
CA ILE A 12 -2.34 2.08 1.75
C ILE A 12 -3.49 1.91 0.76
N ALA A 13 -4.67 1.63 1.30
CA ALA A 13 -5.85 1.55 0.45
C ALA A 13 -6.11 2.87 -0.27
N LYS A 14 -5.89 4.00 0.43
CA LYS A 14 -6.04 5.34 -0.20
C LYS A 14 -5.08 5.48 -1.36
N ALA A 15 -3.87 4.99 -1.16
CA ALA A 15 -2.86 5.02 -2.18
C ALA A 15 -3.34 4.24 -3.39
N LEU A 16 -3.77 3.02 -3.13
CA LEU A 16 -4.34 2.18 -4.17
C LEU A 16 -5.51 2.86 -4.87
N LYS A 17 -6.37 3.50 -4.10
CA LYS A 17 -7.53 4.20 -4.62
C LYS A 17 -7.19 5.27 -5.68
N SER A 18 -5.97 5.80 -5.67
CA SER A 18 -5.61 6.85 -6.63
C SER A 18 -5.29 6.28 -8.02
N THR A 19 -5.25 4.96 -8.13
CA THR A 19 -4.93 4.29 -9.37
C THR A 19 -5.53 2.87 -9.30
N PHE A 20 -6.66 2.78 -8.63
CA PHE A 20 -7.32 1.51 -8.28
C PHE A 20 -7.79 0.79 -9.54
N ASP A 21 -7.86 1.53 -10.62
CA ASP A 21 -8.28 0.99 -11.91
C ASP A 21 -7.13 0.27 -12.58
N GLY A 22 -5.95 0.45 -12.05
CA GLY A 22 -4.78 -0.20 -12.54
C GLY A 22 -4.14 -0.96 -11.41
N ARG A 23 -3.01 -0.48 -10.95
CA ARG A 23 -2.33 -1.09 -9.85
C ARG A 23 -1.37 -0.11 -9.23
N MET A 24 -0.90 -0.44 -8.08
CA MET A 24 0.19 0.28 -7.52
C MET A 24 1.38 -0.57 -7.50
N ARG A 25 2.49 0.04 -7.52
CA ARG A 25 3.71 -0.69 -7.40
C ARG A 25 4.10 -0.61 -5.93
N LEU A 26 4.83 -1.58 -5.44
CA LEU A 26 5.23 -1.61 -4.03
C LEU A 26 5.93 -0.26 -3.69
N ASN A 27 6.86 0.16 -4.55
CA ASN A 27 7.59 1.42 -4.34
C ASN A 27 6.70 2.65 -4.53
N GLU A 28 5.71 2.52 -5.41
CA GLU A 28 4.81 3.55 -5.70
C GLU A 28 3.94 3.90 -4.48
N ILE A 29 3.67 2.91 -3.66
CA ILE A 29 2.95 3.11 -2.40
C ILE A 29 3.75 4.06 -1.52
N TYR A 30 5.05 3.82 -1.44
CA TYR A 30 5.95 4.69 -0.70
C TYR A 30 5.93 6.11 -1.24
N ASN A 31 5.85 6.21 -2.55
CA ASN A 31 5.82 7.50 -3.24
C ASN A 31 4.57 8.29 -2.84
N TRP A 32 3.45 7.57 -2.66
CA TRP A 32 2.18 8.18 -2.30
C TRP A 32 2.31 8.88 -0.97
N PHE A 33 2.84 8.18 0.02
CA PHE A 33 3.01 8.74 1.36
C PHE A 33 3.91 9.95 1.36
N ALA A 34 4.99 9.88 0.64
CA ALA A 34 5.97 10.96 0.59
C ALA A 34 5.38 12.22 -0.04
N SER A 35 4.61 12.03 -1.06
CA SER A 35 3.97 13.12 -1.77
C SER A 35 2.72 13.66 -1.05
N ASN A 36 1.94 12.79 -0.44
CA ASN A 36 0.67 13.23 0.17
C ASN A 36 0.78 13.55 1.65
N VAL A 37 1.78 13.02 2.29
CA VAL A 37 1.98 13.26 3.71
C VAL A 37 3.24 14.08 3.91
N PRO A 38 3.11 15.25 4.56
CA PRO A 38 4.22 16.19 4.75
C PRO A 38 5.38 15.60 5.56
N TYR A 39 5.09 14.64 6.41
CA TYR A 39 6.10 14.01 7.25
C TYR A 39 7.03 13.16 6.39
N PHE A 40 6.46 12.45 5.43
CA PHE A 40 7.21 11.55 4.59
C PHE A 40 7.99 12.26 3.52
N GLY A 41 7.51 13.41 3.09
CA GLY A 41 8.27 14.20 2.14
C GLY A 41 9.62 14.64 2.73
N ASN A 42 9.71 14.60 4.06
CA ASN A 42 10.90 14.90 4.80
C ASN A 42 11.77 13.62 4.99
N ARG A 43 11.17 12.47 4.72
CA ARG A 43 11.88 11.21 4.78
C ARG A 43 11.89 10.58 3.41
N THR A 44 12.67 11.13 2.51
CA THR A 44 12.67 10.66 1.14
C THR A 44 13.99 10.05 0.69
N SER A 45 15.05 10.27 1.44
CA SER A 45 16.33 9.65 1.14
C SER A 45 16.25 8.19 1.61
N GLN A 46 17.12 7.32 1.11
CA GLN A 46 17.06 5.88 1.48
C GLN A 46 17.23 5.63 2.97
N GLU A 47 18.25 6.24 3.57
CA GLU A 47 18.47 6.13 5.01
C GLU A 47 17.31 6.76 5.78
N GLN A 48 16.72 7.76 5.17
CA GLN A 48 15.62 8.51 5.76
C GLN A 48 14.28 7.82 5.65
N SER A 49 14.12 6.98 4.68
CA SER A 49 12.84 6.36 4.45
C SER A 49 12.80 4.89 4.85
N ALA A 50 13.95 4.32 5.11
CA ALA A 50 14.10 2.90 5.42
C ALA A 50 13.15 2.43 6.51
N GLY A 51 13.10 3.18 7.60
CA GLY A 51 12.30 2.81 8.73
C GLY A 51 10.82 2.81 8.45
N TRP A 52 10.30 3.87 7.82
CA TRP A 52 8.88 3.90 7.59
C TRP A 52 8.49 2.94 6.48
N LYS A 53 9.41 2.72 5.51
CA LYS A 53 9.17 1.72 4.49
C LYS A 53 9.12 0.34 5.09
N ASN A 54 9.91 0.13 6.14
CA ASN A 54 9.98 -1.16 6.81
C ASN A 54 8.61 -1.56 7.38
N SER A 55 7.97 -0.61 8.03
CA SER A 55 6.68 -0.85 8.65
C SER A 55 5.56 -1.02 7.59
N ILE A 56 5.67 -0.30 6.48
CA ILE A 56 4.69 -0.44 5.41
C ILE A 56 4.83 -1.79 4.74
N ARG A 57 6.06 -2.16 4.38
CA ARG A 57 6.35 -3.42 3.72
C ARG A 57 5.88 -4.58 4.61
N HIS A 58 6.03 -4.39 5.92
CA HIS A 58 5.58 -5.37 6.90
C HIS A 58 4.06 -5.59 6.74
N ASN A 59 3.29 -4.50 6.69
CA ASN A 59 1.82 -4.59 6.52
C ASN A 59 1.43 -5.08 5.14
N LEU A 60 2.16 -4.63 4.13
CA LEU A 60 1.90 -5.00 2.72
C LEU A 60 1.91 -6.52 2.54
N SER A 61 2.81 -7.18 3.24
CA SER A 61 2.96 -8.62 3.10
C SER A 61 2.12 -9.38 4.15
N LEU A 62 1.64 -8.67 5.16
CA LEU A 62 0.98 -9.25 6.29
C LEU A 62 -0.50 -9.53 6.01
N HIS A 63 -1.16 -8.58 5.37
CA HIS A 63 -2.60 -8.69 5.15
C HIS A 63 -2.96 -9.76 4.11
N SER A 64 -3.97 -10.55 4.44
CA SER A 64 -4.41 -11.68 3.63
C SER A 64 -5.28 -11.22 2.47
N ARG A 65 -5.83 -10.01 2.58
CA ARG A 65 -6.66 -9.47 1.51
C ARG A 65 -5.79 -8.91 0.39
N PHE A 66 -4.51 -9.12 0.49
CA PHE A 66 -3.57 -8.79 -0.55
C PHE A 66 -3.17 -10.05 -1.31
N MET A 67 -3.15 -9.94 -2.61
CA MET A 67 -2.66 -10.99 -3.49
C MET A 67 -1.86 -10.35 -4.56
N ARG A 68 -0.70 -10.86 -4.78
CA ARG A 68 0.16 -10.32 -5.76
C ARG A 68 -0.06 -11.01 -7.07
N ILE A 69 -0.52 -10.28 -8.04
CA ILE A 69 -0.62 -10.81 -9.34
C ILE A 69 0.64 -10.39 -10.08
N GLN A 70 1.22 -11.30 -10.80
CA GLN A 70 2.39 -10.97 -11.52
C GLN A 70 2.18 -11.20 -12.98
N ASN A 71 2.77 -10.36 -13.76
CA ASN A 71 2.82 -10.55 -15.19
C ASN A 71 3.98 -11.55 -15.43
N GLU A 72 4.23 -11.95 -16.67
CA GLU A 72 5.30 -12.90 -16.96
C GLU A 72 6.64 -12.46 -16.36
N GLY A 73 7.39 -13.42 -15.85
CA GLY A 73 8.64 -13.16 -15.14
C GLY A 73 9.63 -12.28 -15.89
N ALA A 74 9.80 -11.07 -15.38
CA ALA A 74 10.73 -10.09 -15.89
C ALA A 74 11.16 -9.21 -14.71
N GLY A 75 11.59 -7.99 -14.98
CA GLY A 75 11.99 -7.07 -13.94
C GLY A 75 10.82 -6.67 -13.05
N LYS A 76 10.78 -7.29 -11.86
CA LYS A 76 9.71 -7.10 -10.87
C LYS A 76 8.39 -7.72 -11.34
N SER A 77 7.74 -7.09 -12.32
CA SER A 77 6.48 -7.58 -12.93
C SER A 77 5.36 -7.77 -11.89
N SER A 78 5.49 -7.09 -10.77
CA SER A 78 4.59 -7.26 -9.68
C SER A 78 3.57 -6.14 -9.62
N TRP A 79 2.36 -6.49 -9.30
CA TRP A 79 1.29 -5.54 -9.15
C TRP A 79 0.90 -5.57 -7.70
N TRP A 80 0.67 -4.42 -7.12
CA TRP A 80 0.17 -4.42 -5.80
C TRP A 80 -1.28 -3.99 -5.93
N VAL A 81 -2.17 -4.87 -5.57
CA VAL A 81 -3.60 -4.64 -5.67
C VAL A 81 -4.30 -5.25 -4.48
N ILE A 82 -5.47 -4.80 -4.19
CA ILE A 82 -6.27 -5.41 -3.16
C ILE A 82 -7.00 -6.58 -3.81
N ASN A 83 -6.95 -7.72 -3.18
CA ASN A 83 -7.53 -8.95 -3.74
C ASN A 83 -9.05 -8.84 -3.83
N PRO A 84 -9.60 -8.94 -5.08
CA PRO A 84 -11.03 -8.81 -5.32
C PRO A 84 -11.82 -9.99 -4.78
N ASP A 85 -11.14 -11.09 -4.54
CA ASP A 85 -11.76 -12.28 -3.98
C ASP A 85 -11.91 -12.11 -2.47
N ALA A 86 -11.21 -11.11 -1.96
CA ALA A 86 -11.18 -10.84 -0.54
C ALA A 86 -11.88 -9.54 -0.20
N LYS A 87 -12.96 -9.25 -0.93
CA LYS A 87 -13.76 -8.05 -0.66
C LYS A 87 -14.18 -7.97 0.81
N PRO A 88 -13.81 -6.86 1.50
CA PRO A 88 -14.14 -6.65 2.91
C PRO A 88 -15.63 -6.76 3.17
N GLY A 89 -15.98 -7.44 4.21
CA GLY A 89 -17.36 -7.60 4.57
C GLY A 89 -17.80 -9.02 4.37
N ARG A 90 -19.04 -9.18 4.05
CA ARG A 90 -19.60 -10.49 3.87
C ARG A 90 -19.51 -10.89 2.41
N ASN A 91 -19.26 -12.15 2.20
CA ASN A 91 -19.18 -12.72 0.88
C ASN A 91 -19.68 -14.16 1.00
N PRO A 92 -20.92 -14.41 0.52
CA PRO A 92 -21.62 -15.70 0.70
C PRO A 92 -20.88 -16.94 0.23
N ARG A 93 -20.19 -17.57 1.18
CA ARG A 93 -19.47 -18.84 0.99
C ARG A 93 -18.79 -19.20 2.30
N ARG A 94 -19.07 -20.36 2.79
CA ARG A 94 -18.54 -20.80 4.06
C ARG A 94 -17.22 -21.53 3.90
N GLN A 95 -16.16 -20.76 3.76
CA GLN A 95 -14.79 -21.28 3.65
C GLN A 95 -13.74 -20.15 3.65
N ARG A 96 -14.20 -18.91 3.81
CA ARG A 96 -13.33 -17.75 3.79
C ARG A 96 -12.59 -17.60 5.08
N SER A 97 -13.19 -18.15 6.17
CA SER A 97 -12.67 -17.98 7.53
C SER A 97 -12.74 -16.49 7.89
N ALA A 98 -13.69 -15.82 7.25
CA ALA A 98 -13.86 -14.38 7.33
C ALA A 98 -14.20 -13.91 8.73
N THR A 99 -13.26 -13.29 9.35
CA THR A 99 -13.46 -12.71 10.62
C THR A 99 -13.65 -11.20 10.41
N LEU A 100 -14.79 -10.69 10.82
CA LEU A 100 -15.11 -9.30 10.58
C LEU A 100 -14.38 -8.40 11.55
N GLU A 101 -14.15 -8.92 12.75
CA GLU A 101 -13.46 -8.25 13.84
C GLU A 101 -14.19 -6.98 14.28
#